data_3K8Z
#
_entry.id   3K8Z
#
_cell.length_a   85.220
_cell.length_b   192.491
_cell.length_c   89.387
_cell.angle_alpha   90.000
_cell.angle_beta   118.740
_cell.angle_gamma   90.000
#
_symmetry.space_group_name_H-M   'P 1 21 1'
#
loop_
_entity.id
_entity.type
_entity.pdbx_description
1 polymer 'NAD-specific glutamate dehydrogenase'
2 water water
#
_entity_poly.entity_id   1
_entity_poly.type   'polypeptide(L)'
_entity_poly.pdbx_seq_one_letter_code
;MAADRNTGHTEEDKLDVLKSTQTVIHKALEKLGYPEEVYELLKEPMRLLTVKIPVRMDDGSVKIFTGYRAHNDSVGPTKG
GIRFHPNVTEKEVKALSIWMSLKCGIIDLPYGGGKGGIVCDPRDMSFRELERLSRGYVRAISQIVGPTKDVPAPDVFTNS
QIMAWMMDEYSRIDEFNSPGFITGKPLVLGGSHGRESATAKGVTICIKEAAKKRGIDIKGARVVVQGFGNAGSYLAKFMH
DAGAKVVGISDAYGGLYDPEGLDIDYLLDRRDSFGTVTKLFNDTITNQELLELDCDILVPAAIENQITEENAHNIRAKIV
VEAANGPTTLEGTKILSDRDILLVPDVLASAGGVTVSYFEWVQNNQGFYWSEEEVEEKLEKMMVKSFNNIYEMANNRRID
MRLAAYMVGVRKMAEASRFRGWI
;
_entity_poly.pdbx_strand_id   A,B,C,D,E,F
#
# COMPACT_ATOMS: atom_id res chain seq x y z
N VAL A 17 -18.19 -34.82 11.82
CA VAL A 17 -18.90 -33.54 11.81
C VAL A 17 -17.97 -32.41 11.35
N LEU A 18 -16.91 -32.18 12.12
CA LEU A 18 -15.74 -31.45 11.64
C LEU A 18 -14.67 -32.51 11.68
N LYS A 19 -14.83 -33.43 12.63
CA LYS A 19 -13.92 -34.54 12.82
C LYS A 19 -13.93 -35.50 11.63
N SER A 20 -15.08 -35.59 10.97
CA SER A 20 -15.22 -36.44 9.80
C SER A 20 -14.25 -35.98 8.71
N THR A 21 -14.20 -34.67 8.50
CA THR A 21 -13.28 -34.07 7.54
C THR A 21 -11.84 -34.32 7.97
N GLN A 22 -11.61 -34.20 9.27
CA GLN A 22 -10.27 -34.37 9.84
C GLN A 22 -9.81 -35.82 9.75
N THR A 23 -10.75 -36.75 9.89
CA THR A 23 -10.44 -38.17 9.74
C THR A 23 -9.93 -38.44 8.33
N VAL A 24 -10.64 -37.94 7.33
CA VAL A 24 -10.22 -38.07 5.93
C VAL A 24 -8.84 -37.47 5.72
N ILE A 25 -8.66 -36.25 6.20
CA ILE A 25 -7.38 -35.56 6.10
C ILE A 25 -6.26 -36.40 6.71
N HIS A 26 -6.53 -36.97 7.88
CA HIS A 26 -5.54 -37.76 8.60
C HIS A 26 -5.22 -39.05 7.85
N LYS A 27 -6.27 -39.78 7.49
CA LYS A 27 -6.14 -41.01 6.73
C LYS A 27 -5.27 -40.79 5.50
N ALA A 28 -5.65 -39.79 4.70
CA ALA A 28 -4.94 -39.47 3.47
C ALA A 28 -3.47 -39.11 3.69
N LEU A 29 -3.21 -38.24 4.66
CA LEU A 29 -1.83 -37.87 4.99
C LEU A 29 -1.08 -39.10 5.47
N GLU A 30 -1.73 -39.86 6.34
CA GLU A 30 -1.20 -41.12 6.85
C GLU A 30 -0.62 -41.95 5.70
N LYS A 31 -1.45 -42.24 4.70
CA LYS A 31 -1.06 -43.08 3.58
C LYS A 31 0.07 -42.49 2.74
N LEU A 32 0.11 -41.16 2.62
CA LEU A 32 1.19 -40.50 1.91
C LEU A 32 2.51 -40.66 2.65
N GLY A 33 2.42 -40.89 3.94
CA GLY A 33 3.59 -41.08 4.77
C GLY A 33 4.08 -39.80 5.40
N TYR A 34 3.19 -38.81 5.52
CA TYR A 34 3.52 -37.58 6.20
C TYR A 34 3.45 -37.77 7.70
N PRO A 35 4.34 -37.09 8.44
CA PRO A 35 4.38 -37.14 9.91
C PRO A 35 3.13 -36.51 10.53
N GLU A 36 2.87 -36.84 11.79
CA GLU A 36 1.65 -36.37 12.47
C GLU A 36 1.51 -34.85 12.46
N GLU A 37 2.65 -34.17 12.43
CA GLU A 37 2.68 -32.71 12.52
C GLU A 37 2.01 -32.04 11.33
N VAL A 38 2.09 -32.68 10.16
CA VAL A 38 1.45 -32.15 8.96
C VAL A 38 -0.07 -32.18 9.14
N TYR A 39 -0.58 -33.29 9.68
CA TYR A 39 -2.00 -33.39 9.98
C TYR A 39 -2.42 -32.28 10.94
N GLU A 40 -1.64 -32.11 12.01
CA GLU A 40 -1.91 -31.06 12.98
C GLU A 40 -2.04 -29.71 12.29
N LEU A 41 -1.19 -29.47 11.30
CA LEU A 41 -1.22 -28.20 10.57
C LEU A 41 -2.50 -28.04 9.77
N LEU A 42 -2.88 -29.11 9.08
CA LEU A 42 -3.95 -29.05 8.10
C LEU A 42 -5.35 -29.28 8.69
N LYS A 43 -5.40 -29.72 9.95
CA LYS A 43 -6.68 -30.11 10.56
C LYS A 43 -7.64 -28.96 10.81
N GLU A 44 -7.11 -27.74 10.93
CA GLU A 44 -7.96 -26.56 11.13
C GLU A 44 -7.54 -25.43 10.20
N PRO A 45 -8.47 -24.50 9.92
CA PRO A 45 -8.11 -23.38 9.04
C PRO A 45 -7.03 -22.58 9.77
N MET A 46 -5.97 -22.21 9.06
CA MET A 46 -4.89 -21.47 9.71
C MET A 46 -5.37 -20.07 10.06
N ARG A 47 -6.56 -19.72 9.57
CA ARG A 47 -7.10 -18.40 9.76
C ARG A 47 -8.64 -18.41 9.75
N LEU A 48 -9.25 -17.98 10.86
CA LEU A 48 -10.70 -17.86 10.93
C LEU A 48 -11.12 -16.47 11.38
N LEU A 49 -11.93 -15.81 10.57
CA LEU A 49 -12.50 -14.52 10.94
C LEU A 49 -14.01 -14.62 11.10
N THR A 50 -14.49 -14.35 12.30
CA THR A 50 -15.92 -14.29 12.55
C THR A 50 -16.33 -12.86 12.91
N VAL A 51 -17.38 -12.38 12.26
CA VAL A 51 -17.73 -10.97 12.32
C VAL A 51 -19.20 -10.74 12.66
N LYS A 52 -19.50 -9.59 13.25
CA LYS A 52 -20.87 -9.18 13.52
C LYS A 52 -21.23 -8.04 12.57
N ILE A 53 -22.29 -8.21 11.79
CA ILE A 53 -22.64 -7.25 10.76
C ILE A 53 -23.98 -6.60 11.04
N PRO A 54 -23.97 -5.30 11.37
CA PRO A 54 -25.22 -4.56 11.56
C PRO A 54 -25.88 -4.31 10.22
N VAL A 55 -27.14 -4.69 10.10
CA VAL A 55 -27.91 -4.40 8.90
C VAL A 55 -29.17 -3.62 9.26
N ARG A 56 -29.43 -2.55 8.54
CA ARG A 56 -30.68 -1.84 8.70
C ARG A 56 -31.77 -2.61 7.99
N MET A 57 -32.77 -3.05 8.75
CA MET A 57 -33.88 -3.80 8.19
C MET A 57 -34.96 -2.84 7.71
N ASP A 58 -35.82 -3.32 6.82
CA ASP A 58 -36.83 -2.46 6.20
C ASP A 58 -37.84 -1.95 7.23
N ASP A 59 -38.09 -2.76 8.25
CA ASP A 59 -39.04 -2.40 9.30
C ASP A 59 -38.48 -1.33 10.23
N GLY A 60 -37.29 -0.83 9.90
CA GLY A 60 -36.67 0.23 10.67
C GLY A 60 -35.71 -0.27 11.73
N SER A 61 -35.85 -1.54 12.09
CA SER A 61 -35.01 -2.14 13.11
C SER A 61 -33.58 -2.32 12.64
N VAL A 62 -32.73 -2.84 13.53
CA VAL A 62 -31.37 -3.20 13.17
C VAL A 62 -31.04 -4.58 13.68
N LYS A 63 -30.62 -5.46 12.77
CA LYS A 63 -30.30 -6.83 13.13
C LYS A 63 -28.82 -7.10 12.95
N ILE A 64 -28.22 -7.79 13.92
CA ILE A 64 -26.80 -8.09 13.86
C ILE A 64 -26.57 -9.51 13.39
N PHE A 65 -26.06 -9.67 12.18
CA PHE A 65 -25.83 -10.98 11.62
C PHE A 65 -24.40 -11.43 11.90
N THR A 66 -24.23 -12.72 12.20
CA THR A 66 -22.91 -13.28 12.43
C THR A 66 -22.38 -13.92 11.15
N GLY A 67 -21.19 -13.52 10.75
CA GLY A 67 -20.57 -14.05 9.56
C GLY A 67 -19.24 -14.71 9.87
N TYR A 68 -18.86 -15.67 9.04
CA TYR A 68 -17.55 -16.30 9.18
C TYR A 68 -16.84 -16.33 7.83
N ARG A 69 -15.53 -16.17 7.87
CA ARG A 69 -14.70 -16.43 6.71
C ARG A 69 -13.50 -17.24 7.17
N ALA A 70 -13.31 -18.40 6.56
CA ALA A 70 -12.20 -19.28 6.95
C ALA A 70 -11.20 -19.46 5.82
N HIS A 71 -9.92 -19.29 6.14
CA HIS A 71 -8.85 -19.65 5.22
C HIS A 71 -8.18 -20.90 5.73
N ASN A 72 -8.47 -22.05 5.13
CA ASN A 72 -7.80 -23.26 5.56
C ASN A 72 -6.28 -23.17 5.45
N ASP A 73 -5.77 -22.99 4.24
CA ASP A 73 -4.32 -23.00 4.04
C ASP A 73 -3.90 -22.12 2.86
N SER A 74 -2.77 -21.45 3.02
CA SER A 74 -2.45 -20.29 2.18
C SER A 74 -1.44 -20.58 1.08
N VAL A 75 -1.14 -21.85 0.83
CA VAL A 75 -0.20 -22.22 -0.22
C VAL A 75 -0.76 -21.87 -1.60
N GLY A 76 -1.24 -20.64 -1.71
CA GLY A 76 -1.97 -20.17 -2.87
C GLY A 76 -3.16 -19.40 -2.30
N PRO A 77 -3.70 -18.47 -3.09
CA PRO A 77 -4.84 -17.72 -2.56
C PRO A 77 -5.98 -18.68 -2.22
N THR A 78 -6.70 -18.41 -1.14
CA THR A 78 -7.81 -19.27 -0.76
C THR A 78 -9.03 -19.00 -1.62
N LYS A 79 -9.89 -20.00 -1.71
CA LYS A 79 -11.00 -19.99 -2.66
C LYS A 79 -12.15 -20.82 -2.12
N GLY A 80 -13.36 -20.28 -2.19
CA GLY A 80 -14.52 -20.95 -1.62
C GLY A 80 -15.73 -20.06 -1.45
N GLY A 81 -16.92 -20.66 -1.51
CA GLY A 81 -18.16 -19.93 -1.49
C GLY A 81 -18.66 -19.43 -0.15
N ILE A 82 -19.74 -18.68 -0.20
CA ILE A 82 -20.40 -18.13 0.98
C ILE A 82 -21.84 -18.59 0.98
N ARG A 83 -22.30 -19.20 2.07
CA ARG A 83 -23.71 -19.57 2.17
C ARG A 83 -24.47 -18.69 3.15
N PHE A 84 -25.70 -18.35 2.77
CA PHE A 84 -26.63 -17.67 3.66
C PHE A 84 -27.65 -18.71 4.09
N HIS A 85 -27.57 -19.16 5.33
CA HIS A 85 -28.47 -20.20 5.81
C HIS A 85 -28.59 -20.16 7.32
N PRO A 86 -29.81 -20.37 7.84
CA PRO A 86 -30.05 -20.31 9.28
C PRO A 86 -29.19 -21.29 10.06
N ASN A 87 -28.82 -22.39 9.42
CA ASN A 87 -28.13 -23.48 10.09
C ASN A 87 -26.62 -23.55 9.85
N VAL A 88 -26.07 -22.59 9.12
CA VAL A 88 -24.63 -22.57 8.92
C VAL A 88 -23.92 -22.30 10.25
N THR A 89 -22.81 -23.00 10.47
CA THR A 89 -22.10 -22.88 11.74
C THR A 89 -20.62 -22.66 11.49
N GLU A 90 -19.95 -22.02 12.44
CA GLU A 90 -18.51 -21.83 12.39
C GLU A 90 -17.82 -23.16 12.11
N LYS A 91 -18.23 -24.20 12.84
CA LYS A 91 -17.69 -25.54 12.66
C LYS A 91 -17.89 -26.00 11.22
N GLU A 92 -19.04 -25.67 10.65
CA GLU A 92 -19.34 -26.07 9.28
C GLU A 92 -18.44 -25.38 8.27
N VAL A 93 -18.35 -24.05 8.34
CA VAL A 93 -17.55 -23.32 7.37
C VAL A 93 -16.07 -23.70 7.49
N LYS A 94 -15.65 -24.02 8.71
CA LYS A 94 -14.30 -24.53 8.94
C LYS A 94 -14.12 -25.83 8.14
N ALA A 95 -14.99 -26.80 8.42
CA ALA A 95 -14.97 -28.08 7.73
C ALA A 95 -14.96 -27.90 6.21
N LEU A 96 -15.92 -27.12 5.71
CA LEU A 96 -16.06 -26.88 4.28
C LEU A 96 -14.82 -26.23 3.65
N SER A 97 -14.17 -25.34 4.39
CA SER A 97 -12.96 -24.71 3.90
C SER A 97 -11.92 -25.77 3.60
N ILE A 98 -11.86 -26.78 4.46
CA ILE A 98 -10.89 -27.85 4.30
C ILE A 98 -11.21 -28.68 3.06
N TRP A 99 -12.49 -28.96 2.85
CA TRP A 99 -12.92 -29.71 1.68
C TRP A 99 -12.55 -28.98 0.39
N MET A 100 -12.55 -27.65 0.44
CA MET A 100 -12.19 -26.82 -0.71
C MET A 100 -10.72 -27.02 -1.07
N SER A 101 -9.88 -27.17 -0.05
CA SER A 101 -8.47 -27.47 -0.28
C SER A 101 -8.34 -28.79 -1.03
N LEU A 102 -9.04 -29.80 -0.54
CA LEU A 102 -9.06 -31.11 -1.17
C LEU A 102 -9.40 -31.01 -2.66
N LYS A 103 -10.53 -30.39 -2.97
CA LYS A 103 -10.94 -30.20 -4.36
C LYS A 103 -9.85 -29.49 -5.12
N CYS A 104 -9.36 -28.38 -4.55
CA CYS A 104 -8.32 -27.58 -5.19
C CYS A 104 -7.06 -28.41 -5.44
N GLY A 105 -6.70 -29.25 -4.48
CA GLY A 105 -5.58 -30.15 -4.66
C GLY A 105 -5.88 -31.15 -5.75
N ILE A 106 -7.11 -31.68 -5.73
CA ILE A 106 -7.55 -32.66 -6.71
C ILE A 106 -7.48 -32.14 -8.15
N ILE A 107 -7.89 -30.89 -8.36
CA ILE A 107 -7.89 -30.29 -9.68
C ILE A 107 -6.54 -29.62 -9.98
N ASP A 108 -5.69 -29.55 -8.96
CA ASP A 108 -4.36 -28.98 -9.08
C ASP A 108 -4.41 -27.46 -9.25
N LEU A 109 -5.41 -26.84 -8.63
CA LEU A 109 -5.57 -25.39 -8.71
C LEU A 109 -4.47 -24.69 -7.91
N PRO A 110 -4.15 -23.45 -8.29
CA PRO A 110 -3.15 -22.64 -7.58
C PRO A 110 -3.85 -22.00 -6.40
N TYR A 111 -4.75 -22.75 -5.78
CA TYR A 111 -5.56 -22.24 -4.68
C TYR A 111 -5.28 -22.94 -3.37
N GLY A 112 -5.82 -22.38 -2.30
CA GLY A 112 -5.99 -23.08 -1.04
C GLY A 112 -7.47 -23.02 -0.74
N GLY A 113 -7.92 -23.79 0.25
CA GLY A 113 -9.33 -23.83 0.58
C GLY A 113 -9.78 -22.66 1.44
N GLY A 114 -10.92 -22.09 1.09
CA GLY A 114 -11.54 -21.04 1.90
C GLY A 114 -13.05 -21.23 1.88
N LYS A 115 -13.75 -20.62 2.81
CA LYS A 115 -15.21 -20.78 2.87
C LYS A 115 -15.87 -19.70 3.72
N GLY A 116 -17.05 -19.29 3.30
CA GLY A 116 -17.78 -18.25 4.00
C GLY A 116 -19.17 -18.70 4.41
N GLY A 117 -19.72 -18.00 5.41
CA GLY A 117 -21.06 -18.31 5.89
C GLY A 117 -21.64 -17.17 6.68
N ILE A 118 -22.93 -16.91 6.47
CA ILE A 118 -23.65 -15.94 7.28
C ILE A 118 -24.89 -16.60 7.87
N VAL A 119 -25.06 -16.46 9.18
CA VAL A 119 -26.23 -16.99 9.85
C VAL A 119 -27.42 -16.08 9.59
N CYS A 120 -28.22 -16.44 8.59
CA CYS A 120 -29.37 -15.64 8.23
C CYS A 120 -30.30 -16.49 7.38
N ASP A 121 -31.52 -16.00 7.17
CA ASP A 121 -32.45 -16.70 6.30
C ASP A 121 -32.90 -15.79 5.16
N PRO A 122 -32.22 -15.89 4.01
CA PRO A 122 -32.47 -15.05 2.83
C PRO A 122 -33.92 -15.09 2.41
N ARG A 123 -34.57 -16.21 2.67
CA ARG A 123 -35.97 -16.41 2.32
C ARG A 123 -36.89 -15.47 3.08
N ASP A 124 -36.42 -14.93 4.20
CA ASP A 124 -37.23 -14.02 5.00
C ASP A 124 -36.73 -12.59 4.89
N MET A 125 -35.68 -12.40 4.11
CA MET A 125 -35.09 -11.09 3.93
C MET A 125 -35.49 -10.49 2.59
N SER A 126 -35.61 -9.17 2.54
CA SER A 126 -35.98 -8.49 1.31
C SER A 126 -34.76 -8.32 0.41
N PHE A 127 -35.00 -7.80 -0.79
CA PHE A 127 -33.94 -7.61 -1.76
C PHE A 127 -32.90 -6.62 -1.24
N ARG A 128 -33.36 -5.48 -0.76
CA ARG A 128 -32.47 -4.42 -0.28
C ARG A 128 -31.77 -4.80 1.02
N GLU A 129 -32.40 -5.67 1.81
CA GLU A 129 -31.79 -6.12 3.06
C GLU A 129 -30.64 -7.08 2.77
N LEU A 130 -30.84 -7.97 1.80
CA LEU A 130 -29.81 -8.92 1.40
C LEU A 130 -28.59 -8.19 0.81
N GLU A 131 -28.84 -7.07 0.15
CA GLU A 131 -27.75 -6.26 -0.39
C GLU A 131 -26.93 -5.62 0.74
N ARG A 132 -27.62 -5.01 1.69
CA ARG A 132 -26.98 -4.40 2.85
C ARG A 132 -26.10 -5.41 3.56
N LEU A 133 -26.64 -6.60 3.79
CA LEU A 133 -25.88 -7.66 4.45
C LEU A 133 -24.65 -8.06 3.64
N SER A 134 -24.84 -8.23 2.34
CA SER A 134 -23.72 -8.58 1.46
C SER A 134 -22.61 -7.55 1.53
N ARG A 135 -22.97 -6.27 1.45
CA ARG A 135 -21.98 -5.21 1.52
C ARG A 135 -21.32 -5.17 2.90
N GLY A 136 -22.13 -5.32 3.93
CA GLY A 136 -21.63 -5.38 5.30
C GLY A 136 -20.64 -6.51 5.47
N TYR A 137 -20.93 -7.65 4.86
CA TYR A 137 -20.07 -8.82 4.94
C TYR A 137 -18.70 -8.51 4.34
N VAL A 138 -18.70 -7.89 3.17
CA VAL A 138 -17.45 -7.49 2.53
C VAL A 138 -16.73 -6.43 3.35
N ARG A 139 -17.49 -5.47 3.87
CA ARG A 139 -16.92 -4.41 4.70
C ARG A 139 -16.23 -5.01 5.91
N ALA A 140 -16.82 -6.07 6.45
CA ALA A 140 -16.30 -6.72 7.65
C ALA A 140 -15.00 -7.47 7.40
N ILE A 141 -14.89 -8.12 6.25
CA ILE A 141 -13.76 -9.02 5.98
C ILE A 141 -12.78 -8.51 4.92
N SER A 142 -13.06 -7.35 4.35
CA SER A 142 -12.25 -6.81 3.25
C SER A 142 -10.74 -6.87 3.50
N GLN A 143 -10.34 -6.63 4.75
CA GLN A 143 -8.92 -6.60 5.10
C GLN A 143 -8.17 -7.89 4.77
N ILE A 144 -8.87 -9.02 4.81
CA ILE A 144 -8.19 -10.31 4.65
C ILE A 144 -8.60 -11.06 3.39
N VAL A 145 -9.39 -10.42 2.53
CA VAL A 145 -9.82 -11.05 1.28
C VAL A 145 -9.42 -10.20 0.08
N GLY A 146 -9.72 -10.68 -1.12
CA GLY A 146 -9.37 -9.97 -2.34
C GLY A 146 -8.84 -10.89 -3.41
N PRO A 147 -8.71 -10.36 -4.65
CA PRO A 147 -8.28 -11.11 -5.84
C PRO A 147 -6.99 -11.90 -5.64
N THR A 148 -6.14 -11.46 -4.71
CA THR A 148 -4.86 -12.13 -4.48
C THR A 148 -4.82 -12.87 -3.15
N LYS A 149 -5.90 -12.80 -2.38
CA LYS A 149 -5.89 -13.27 -1.01
C LYS A 149 -6.89 -14.40 -0.77
N ASP A 150 -8.13 -14.16 -1.17
CA ASP A 150 -9.22 -15.03 -0.79
C ASP A 150 -10.42 -14.72 -1.69
N VAL A 151 -10.79 -15.68 -2.53
CA VAL A 151 -11.79 -15.45 -3.56
C VAL A 151 -13.09 -16.21 -3.29
N PRO A 152 -14.11 -15.50 -2.78
CA PRO A 152 -15.38 -16.16 -2.49
C PRO A 152 -16.17 -16.53 -3.74
N ALA A 153 -17.33 -17.13 -3.54
CA ALA A 153 -18.16 -17.61 -4.63
C ALA A 153 -19.58 -17.79 -4.09
N PRO A 154 -20.52 -18.14 -4.97
CA PRO A 154 -21.87 -18.39 -4.46
C PRO A 154 -21.94 -19.73 -3.74
N ASP A 155 -22.93 -19.90 -2.87
CA ASP A 155 -23.23 -21.20 -2.28
C ASP A 155 -24.72 -21.31 -1.95
N VAL A 156 -25.06 -22.12 -0.94
CA VAL A 156 -26.45 -22.47 -0.62
C VAL A 156 -27.53 -21.48 -1.10
N PHE A 157 -27.68 -20.35 -0.42
CA PHE A 157 -28.69 -19.36 -0.82
C PHE A 157 -28.08 -18.05 -1.32
N THR A 158 -26.90 -18.14 -1.92
CA THR A 158 -26.30 -16.97 -2.55
C THR A 158 -26.18 -17.18 -4.05
N ASN A 159 -26.22 -16.09 -4.81
CA ASN A 159 -26.22 -16.16 -6.27
C ASN A 159 -25.39 -15.07 -6.92
N SER A 160 -25.50 -14.95 -8.24
CA SER A 160 -24.70 -13.99 -9.00
C SER A 160 -24.98 -12.55 -8.61
N GLN A 161 -26.21 -12.28 -8.18
CA GLN A 161 -26.58 -10.93 -7.76
C GLN A 161 -25.88 -10.55 -6.46
N ILE A 162 -25.88 -11.50 -5.51
CA ILE A 162 -25.14 -11.32 -4.26
C ILE A 162 -23.66 -11.13 -4.55
N MET A 163 -23.14 -11.95 -5.46
CA MET A 163 -21.75 -11.84 -5.89
C MET A 163 -21.48 -10.45 -6.44
N ALA A 164 -22.40 -9.96 -7.27
CA ALA A 164 -22.28 -8.64 -7.87
C ALA A 164 -22.16 -7.54 -6.80
N TRP A 165 -23.10 -7.52 -5.87
CA TRP A 165 -23.08 -6.57 -4.77
C TRP A 165 -21.75 -6.61 -4.02
N MET A 166 -21.34 -7.80 -3.63
CA MET A 166 -20.08 -7.99 -2.92
C MET A 166 -18.90 -7.48 -3.73
N MET A 167 -18.91 -7.78 -5.03
CA MET A 167 -17.85 -7.33 -5.93
C MET A 167 -17.82 -5.81 -6.01
N ASP A 168 -19.01 -5.20 -6.16
CA ASP A 168 -19.12 -3.74 -6.19
C ASP A 168 -18.56 -3.14 -4.91
N GLU A 169 -18.94 -3.71 -3.76
CA GLU A 169 -18.48 -3.20 -2.47
C GLU A 169 -16.96 -3.30 -2.37
N TYR A 170 -16.42 -4.47 -2.71
CA TYR A 170 -14.98 -4.67 -2.61
C TYR A 170 -14.22 -3.71 -3.54
N SER A 171 -14.77 -3.50 -4.73
CA SER A 171 -14.18 -2.58 -5.70
C SER A 171 -14.14 -1.15 -5.15
N ARG A 172 -15.17 -0.76 -4.41
CA ARG A 172 -15.23 0.57 -3.82
C ARG A 172 -14.13 0.76 -2.79
N ILE A 173 -13.86 -0.30 -2.03
CA ILE A 173 -12.83 -0.27 -1.00
C ILE A 173 -11.42 -0.19 -1.60
N ASP A 174 -11.18 -0.94 -2.67
CA ASP A 174 -9.90 -0.84 -3.38
C ASP A 174 -9.82 0.43 -4.22
N GLU A 175 -10.97 1.01 -4.53
CA GLU A 175 -11.05 2.17 -5.40
C GLU A 175 -10.74 1.80 -6.86
N PHE A 176 -10.97 0.55 -7.22
CA PHE A 176 -10.87 0.13 -8.61
C PHE A 176 -11.55 -1.24 -8.81
N ASN A 177 -12.04 -1.46 -10.02
CA ASN A 177 -12.71 -2.72 -10.35
C ASN A 177 -11.88 -3.93 -9.95
N SER A 178 -12.45 -4.77 -9.10
CA SER A 178 -11.77 -5.98 -8.63
C SER A 178 -12.64 -7.20 -8.90
N PRO A 179 -12.79 -7.58 -10.18
CA PRO A 179 -13.64 -8.71 -10.58
C PRO A 179 -13.14 -9.99 -9.94
N GLY A 180 -11.82 -10.12 -9.88
CA GLY A 180 -11.19 -11.35 -9.42
C GLY A 180 -11.30 -11.55 -7.92
N PHE A 181 -11.97 -10.65 -7.23
CA PHE A 181 -12.19 -10.80 -5.79
C PHE A 181 -13.13 -11.96 -5.52
N ILE A 182 -14.15 -12.09 -6.36
CA ILE A 182 -15.23 -13.04 -6.13
C ILE A 182 -15.74 -13.61 -7.45
N THR A 183 -15.98 -14.91 -7.51
CA THR A 183 -16.42 -15.56 -8.74
C THR A 183 -17.91 -15.85 -8.70
N GLY A 184 -18.44 -16.34 -9.83
CA GLY A 184 -19.87 -16.56 -9.96
C GLY A 184 -20.58 -15.26 -10.26
N LYS A 185 -19.84 -14.31 -10.83
CA LYS A 185 -20.38 -13.00 -11.18
C LYS A 185 -21.22 -13.08 -12.44
N PRO A 186 -22.14 -12.13 -12.61
CA PRO A 186 -22.85 -12.02 -13.90
C PRO A 186 -21.83 -11.73 -15.01
N LEU A 187 -22.14 -12.14 -16.23
CA LEU A 187 -21.21 -11.99 -17.34
C LEU A 187 -20.71 -10.55 -17.52
N VAL A 188 -21.61 -9.58 -17.37
CA VAL A 188 -21.26 -8.17 -17.57
C VAL A 188 -20.27 -7.66 -16.54
N LEU A 189 -20.18 -8.33 -15.39
CA LEU A 189 -19.25 -7.93 -14.34
C LEU A 189 -17.97 -8.78 -14.35
N GLY A 190 -17.77 -9.52 -15.44
CA GLY A 190 -16.56 -10.31 -15.59
C GLY A 190 -16.74 -11.75 -15.19
N GLY A 191 -17.98 -12.25 -15.27
CA GLY A 191 -18.26 -13.64 -15.00
C GLY A 191 -17.75 -14.49 -16.14
N SER A 192 -17.90 -15.81 -16.03
CA SER A 192 -17.37 -16.70 -17.05
C SER A 192 -18.47 -17.57 -17.68
N HIS A 193 -18.32 -17.87 -18.96
CA HIS A 193 -19.23 -18.80 -19.64
C HIS A 193 -19.05 -20.19 -19.04
N GLY A 194 -20.08 -21.02 -19.13
CA GLY A 194 -19.95 -22.42 -18.77
C GLY A 194 -20.10 -22.76 -17.29
N ARG A 195 -20.76 -21.89 -16.53
CA ARG A 195 -21.07 -22.19 -15.14
C ARG A 195 -22.21 -23.18 -15.03
N GLU A 196 -23.32 -22.86 -15.70
CA GLU A 196 -24.51 -23.69 -15.69
C GLU A 196 -24.23 -25.19 -15.79
N SER A 197 -23.40 -25.57 -16.76
CA SER A 197 -23.15 -26.97 -17.06
C SER A 197 -21.88 -27.52 -16.43
N ALA A 198 -21.16 -26.67 -15.70
CA ALA A 198 -19.86 -27.01 -15.13
C ALA A 198 -19.80 -28.37 -14.42
N THR A 199 -20.63 -28.54 -13.39
CA THR A 199 -20.63 -29.79 -12.63
C THR A 199 -20.99 -30.99 -13.51
N ALA A 200 -22.16 -30.93 -14.15
CA ALA A 200 -22.59 -32.01 -15.02
C ALA A 200 -21.52 -32.40 -16.02
N LYS A 201 -20.97 -31.41 -16.72
CA LYS A 201 -19.93 -31.65 -17.70
C LYS A 201 -18.70 -32.33 -17.07
N GLY A 202 -18.34 -31.91 -15.86
CA GLY A 202 -17.22 -32.51 -15.16
C GLY A 202 -17.45 -34.00 -14.90
N VAL A 203 -18.69 -34.34 -14.60
CA VAL A 203 -19.07 -35.74 -14.42
C VAL A 203 -18.89 -36.50 -15.72
N THR A 204 -19.44 -35.95 -16.80
CA THR A 204 -19.35 -36.57 -18.11
C THR A 204 -17.91 -36.88 -18.51
N ILE A 205 -17.00 -35.98 -18.17
CA ILE A 205 -15.59 -36.16 -18.49
C ILE A 205 -14.99 -37.32 -17.70
N CYS A 206 -15.42 -37.45 -16.44
CA CYS A 206 -14.98 -38.56 -15.61
C CYS A 206 -15.52 -39.89 -16.11
N ILE A 207 -16.77 -39.86 -16.58
CA ILE A 207 -17.41 -41.05 -17.13
C ILE A 207 -16.69 -41.54 -18.38
N LYS A 208 -16.50 -40.65 -19.35
CA LYS A 208 -15.76 -40.98 -20.56
C LYS A 208 -14.37 -41.52 -20.23
N GLU A 209 -13.66 -40.81 -19.35
CA GLU A 209 -12.28 -41.18 -19.02
C GLU A 209 -12.23 -42.52 -18.29
N ALA A 210 -13.22 -42.78 -17.43
CA ALA A 210 -13.31 -44.05 -16.75
C ALA A 210 -13.55 -45.16 -17.77
N ALA A 211 -14.39 -44.87 -18.75
CA ALA A 211 -14.66 -45.80 -19.84
C ALA A 211 -13.36 -46.26 -20.48
N LYS A 212 -12.54 -45.28 -20.89
CA LYS A 212 -11.26 -45.57 -21.52
C LYS A 212 -10.39 -46.54 -20.72
N LYS A 213 -10.41 -46.39 -19.39
CA LYS A 213 -9.59 -47.23 -18.51
C LYS A 213 -10.05 -48.68 -18.50
N ARG A 214 -11.37 -48.89 -18.61
CA ARG A 214 -11.94 -50.23 -18.58
C ARG A 214 -12.16 -50.79 -19.97
N GLY A 215 -11.59 -50.13 -20.97
CA GLY A 215 -11.71 -50.56 -22.35
C GLY A 215 -13.16 -50.64 -22.80
N ILE A 216 -13.96 -49.68 -22.36
CA ILE A 216 -15.37 -49.65 -22.70
C ILE A 216 -15.70 -48.54 -23.70
N ASP A 217 -15.98 -48.95 -24.93
CA ASP A 217 -16.44 -48.01 -25.95
C ASP A 217 -17.71 -47.35 -25.45
N ILE A 218 -17.77 -46.02 -25.58
CA ILE A 218 -18.96 -45.28 -25.16
C ILE A 218 -20.11 -45.53 -26.14
N LYS A 219 -19.77 -45.72 -27.41
CA LYS A 219 -20.73 -45.75 -28.50
C LYS A 219 -21.84 -46.80 -28.36
N GLY A 220 -21.61 -47.81 -27.52
CA GLY A 220 -22.63 -48.83 -27.29
C GLY A 220 -22.86 -49.07 -25.81
N ALA A 221 -22.08 -48.38 -24.98
CA ALA A 221 -22.10 -48.56 -23.54
C ALA A 221 -23.49 -48.40 -22.90
N ARG A 222 -23.88 -49.41 -22.13
CA ARG A 222 -25.13 -49.37 -21.38
C ARG A 222 -24.96 -48.49 -20.15
N VAL A 223 -25.66 -47.37 -20.14
CA VAL A 223 -25.51 -46.37 -19.07
C VAL A 223 -26.78 -46.28 -18.23
N VAL A 224 -26.60 -46.23 -16.92
CA VAL A 224 -27.71 -46.11 -15.98
C VAL A 224 -27.57 -44.87 -15.11
N VAL A 225 -28.54 -43.96 -15.21
CA VAL A 225 -28.52 -42.75 -14.42
C VAL A 225 -29.64 -42.78 -13.39
N GLN A 226 -29.28 -42.87 -12.11
CA GLN A 226 -30.26 -42.79 -11.04
C GLN A 226 -30.54 -41.33 -10.75
N GLY A 227 -31.82 -40.98 -10.63
CA GLY A 227 -32.21 -39.60 -10.49
C GLY A 227 -32.32 -38.96 -11.86
N PHE A 228 -33.54 -38.68 -12.28
CA PHE A 228 -33.77 -37.98 -13.53
C PHE A 228 -34.18 -36.56 -13.18
N GLY A 229 -33.51 -36.01 -12.17
CA GLY A 229 -33.81 -34.67 -11.69
C GLY A 229 -33.20 -33.61 -12.58
N ASN A 230 -32.15 -32.98 -12.09
CA ASN A 230 -31.53 -31.85 -12.80
C ASN A 230 -30.18 -32.21 -13.40
N ALA A 231 -29.31 -32.80 -12.59
CA ALA A 231 -28.01 -33.25 -13.06
C ALA A 231 -28.14 -34.61 -13.74
N GLY A 232 -29.06 -35.43 -13.23
CA GLY A 232 -29.33 -36.73 -13.80
C GLY A 232 -29.84 -36.65 -15.23
N SER A 233 -30.93 -35.92 -15.43
CA SER A 233 -31.48 -35.71 -16.75
C SER A 233 -30.39 -35.24 -17.71
N TYR A 234 -29.58 -34.29 -17.25
CA TYR A 234 -28.50 -33.75 -18.06
C TYR A 234 -27.53 -34.85 -18.47
N LEU A 235 -27.13 -35.66 -17.50
CA LEU A 235 -26.18 -36.73 -17.75
C LEU A 235 -26.74 -37.71 -18.76
N ALA A 236 -28.04 -37.96 -18.70
CA ALA A 236 -28.70 -38.87 -19.62
C ALA A 236 -28.63 -38.38 -21.07
N LYS A 237 -28.91 -37.10 -21.27
CA LYS A 237 -28.81 -36.49 -22.59
C LYS A 237 -27.38 -36.57 -23.12
N PHE A 238 -26.42 -36.47 -22.22
CA PHE A 238 -25.01 -36.47 -22.60
C PHE A 238 -24.53 -37.84 -23.07
N MET A 239 -25.02 -38.90 -22.43
CA MET A 239 -24.68 -40.25 -22.83
C MET A 239 -25.43 -40.65 -24.09
N HIS A 240 -26.73 -40.38 -24.11
CA HIS A 240 -27.56 -40.67 -25.26
C HIS A 240 -27.07 -39.93 -26.51
N ASP A 241 -26.54 -38.73 -26.32
CA ASP A 241 -25.98 -37.95 -27.42
C ASP A 241 -24.61 -38.46 -27.81
N ALA A 242 -23.93 -39.08 -26.84
CA ALA A 242 -22.62 -39.66 -27.06
C ALA A 242 -22.75 -41.06 -27.64
N GLY A 243 -23.98 -41.51 -27.81
CA GLY A 243 -24.25 -42.79 -28.44
C GLY A 243 -24.30 -43.96 -27.47
N ALA A 244 -24.42 -43.67 -26.18
CA ALA A 244 -24.57 -44.72 -25.18
C ALA A 244 -26.02 -45.17 -25.12
N LYS A 245 -26.23 -46.45 -24.87
CA LYS A 245 -27.57 -46.94 -24.58
C LYS A 245 -27.90 -46.59 -23.14
N VAL A 246 -28.52 -45.43 -22.94
CA VAL A 246 -29.01 -45.05 -21.62
C VAL A 246 -30.14 -46.02 -21.29
N VAL A 247 -29.76 -47.21 -20.86
CA VAL A 247 -30.69 -48.32 -20.71
C VAL A 247 -31.60 -48.16 -19.50
N GLY A 248 -31.38 -47.10 -18.72
CA GLY A 248 -32.18 -46.88 -17.54
C GLY A 248 -32.04 -45.53 -16.88
N ILE A 249 -33.17 -44.98 -16.44
CA ILE A 249 -33.21 -43.76 -15.65
C ILE A 249 -34.22 -43.94 -14.54
N SER A 250 -34.19 -43.06 -13.55
CA SER A 250 -35.16 -43.11 -12.46
C SER A 250 -35.31 -41.73 -11.86
N ASP A 251 -36.53 -41.39 -11.44
CA ASP A 251 -36.72 -40.22 -10.60
C ASP A 251 -37.00 -40.70 -9.18
N ALA A 252 -38.11 -40.26 -8.61
CA ALA A 252 -38.41 -40.62 -7.23
C ALA A 252 -39.48 -41.71 -7.13
N TYR A 253 -40.05 -42.08 -8.27
CA TYR A 253 -41.16 -43.03 -8.29
C TYR A 253 -40.87 -44.28 -9.13
N GLY A 254 -39.63 -44.76 -9.07
CA GLY A 254 -39.23 -45.94 -9.81
C GLY A 254 -38.34 -45.61 -10.98
N GLY A 255 -38.13 -46.57 -11.87
CA GLY A 255 -37.24 -46.36 -13.00
C GLY A 255 -37.69 -46.99 -14.30
N LEU A 256 -37.10 -46.52 -15.39
CA LEU A 256 -37.38 -47.09 -16.71
C LEU A 256 -36.21 -47.94 -17.16
N TYR A 257 -36.51 -49.10 -17.75
CA TYR A 257 -35.49 -49.96 -18.32
C TYR A 257 -35.86 -50.33 -19.75
N ASP A 258 -34.84 -50.37 -20.61
CA ASP A 258 -35.03 -50.73 -22.01
C ASP A 258 -33.67 -51.06 -22.59
N PRO A 259 -33.38 -52.36 -22.72
CA PRO A 259 -32.07 -52.85 -23.18
C PRO A 259 -31.62 -52.16 -24.47
N GLU A 260 -32.59 -51.86 -25.34
CA GLU A 260 -32.30 -51.22 -26.62
C GLU A 260 -31.78 -49.81 -26.42
N GLY A 261 -32.11 -49.22 -25.28
CA GLY A 261 -31.73 -47.85 -24.98
C GLY A 261 -32.93 -46.92 -24.97
N LEU A 262 -33.10 -46.19 -23.88
CA LEU A 262 -34.19 -45.23 -23.77
C LEU A 262 -33.86 -43.96 -24.54
N ASP A 263 -34.76 -43.55 -25.44
CA ASP A 263 -34.60 -42.29 -26.13
C ASP A 263 -34.87 -41.13 -25.18
N ILE A 264 -33.80 -40.64 -24.55
CA ILE A 264 -33.90 -39.61 -23.51
C ILE A 264 -34.56 -38.33 -24.00
N ASP A 265 -34.74 -38.22 -25.32
CA ASP A 265 -35.41 -37.06 -25.90
C ASP A 265 -36.92 -37.24 -25.86
N CYS A 295 -25.51 -53.28 -16.74
CA CYS A 295 -25.02 -52.11 -17.46
C CYS A 295 -23.50 -51.96 -17.33
N ASP A 296 -22.94 -51.03 -18.09
CA ASP A 296 -21.51 -50.80 -18.07
C ASP A 296 -21.16 -49.67 -17.10
N ILE A 297 -21.96 -48.62 -17.12
CA ILE A 297 -21.70 -47.43 -16.31
C ILE A 297 -22.91 -47.06 -15.44
N LEU A 298 -22.72 -47.09 -14.13
CA LEU A 298 -23.76 -46.68 -13.19
C LEU A 298 -23.45 -45.32 -12.61
N VAL A 299 -24.32 -44.35 -12.87
CA VAL A 299 -24.13 -43.01 -12.37
C VAL A 299 -25.18 -42.65 -11.32
N PRO A 300 -24.88 -42.92 -10.05
CA PRO A 300 -25.79 -42.57 -8.95
C PRO A 300 -25.87 -41.06 -8.82
N ALA A 301 -26.93 -40.46 -9.35
CA ALA A 301 -27.08 -39.01 -9.34
C ALA A 301 -28.22 -38.56 -8.42
N ALA A 302 -28.37 -39.26 -7.29
CA ALA A 302 -29.48 -38.99 -6.38
C ALA A 302 -29.05 -38.73 -4.95
N ILE A 303 -29.45 -39.63 -4.06
CA ILE A 303 -29.28 -39.44 -2.63
C ILE A 303 -28.22 -40.36 -2.05
N GLU A 304 -27.95 -40.19 -0.75
CA GLU A 304 -26.90 -40.94 -0.07
C GLU A 304 -27.31 -42.37 0.27
N ASN A 305 -26.32 -43.25 0.31
CA ASN A 305 -26.52 -44.64 0.75
C ASN A 305 -27.41 -45.47 -0.19
N GLN A 306 -27.14 -45.37 -1.49
CA GLN A 306 -27.81 -46.24 -2.46
C GLN A 306 -27.02 -47.52 -2.60
N ILE A 307 -25.70 -47.40 -2.53
CA ILE A 307 -24.80 -48.54 -2.64
C ILE A 307 -24.27 -48.95 -1.28
N THR A 308 -24.94 -49.94 -0.68
CA THR A 308 -24.61 -50.38 0.66
C THR A 308 -24.14 -51.85 0.67
N GLU A 309 -23.53 -52.25 1.78
CA GLU A 309 -23.09 -53.63 1.98
C GLU A 309 -24.21 -54.62 1.64
N GLU A 310 -25.44 -54.15 1.79
CA GLU A 310 -26.62 -54.99 1.61
C GLU A 310 -26.92 -55.29 0.15
N ASN A 311 -26.33 -54.52 -0.76
CA ASN A 311 -26.58 -54.69 -2.19
C ASN A 311 -25.36 -54.45 -3.07
N ALA A 312 -24.21 -54.21 -2.44
CA ALA A 312 -22.99 -53.89 -3.18
C ALA A 312 -22.57 -55.02 -4.12
N HIS A 313 -22.78 -56.26 -3.68
CA HIS A 313 -22.42 -57.42 -4.49
C HIS A 313 -23.39 -57.60 -5.65
N ASN A 314 -24.51 -56.88 -5.60
CA ASN A 314 -25.56 -57.00 -6.60
C ASN A 314 -25.29 -56.15 -7.84
N ILE A 315 -24.47 -55.11 -7.69
CA ILE A 315 -24.22 -54.16 -8.75
C ILE A 315 -23.58 -54.82 -9.99
N ARG A 316 -24.29 -54.77 -11.10
CA ARG A 316 -23.84 -55.35 -12.36
C ARG A 316 -22.86 -54.44 -13.11
N ALA A 317 -22.94 -53.15 -12.83
CA ALA A 317 -22.12 -52.16 -13.53
C ALA A 317 -20.62 -52.40 -13.36
N LYS A 318 -19.86 -52.07 -14.40
CA LYS A 318 -18.39 -52.18 -14.36
C LYS A 318 -17.78 -50.89 -13.82
N ILE A 319 -18.47 -49.78 -14.02
CA ILE A 319 -18.01 -48.49 -13.55
C ILE A 319 -19.13 -47.77 -12.83
N VAL A 320 -18.83 -47.24 -11.65
CA VAL A 320 -19.78 -46.40 -10.93
C VAL A 320 -19.22 -44.99 -10.75
N VAL A 321 -19.84 -44.02 -11.41
CA VAL A 321 -19.40 -42.63 -11.29
C VAL A 321 -20.41 -41.82 -10.48
N GLU A 322 -20.01 -41.41 -9.30
CA GLU A 322 -20.87 -40.64 -8.42
C GLU A 322 -21.11 -39.24 -8.96
N ALA A 323 -22.38 -38.87 -9.08
CA ALA A 323 -22.76 -37.54 -9.52
C ALA A 323 -23.53 -36.85 -8.40
N ALA A 324 -23.33 -37.36 -7.18
CA ALA A 324 -23.98 -36.80 -6.00
C ALA A 324 -23.17 -37.08 -4.75
N ASN A 325 -23.65 -36.63 -3.60
CA ASN A 325 -22.92 -36.76 -2.35
C ASN A 325 -23.14 -38.10 -1.63
N GLY A 326 -22.05 -38.77 -1.30
CA GLY A 326 -22.07 -40.01 -0.53
C GLY A 326 -23.13 -41.02 -0.91
N PRO A 327 -23.24 -41.34 -2.22
CA PRO A 327 -24.24 -42.32 -2.67
C PRO A 327 -23.89 -43.72 -2.19
N THR A 328 -22.61 -43.95 -1.89
CA THR A 328 -22.13 -45.28 -1.52
C THR A 328 -21.46 -45.29 -0.15
N THR A 329 -21.96 -46.13 0.75
CA THR A 329 -21.41 -46.26 2.08
C THR A 329 -19.94 -46.67 2.03
N LEU A 330 -19.31 -46.73 3.20
CA LEU A 330 -17.90 -47.09 3.28
C LEU A 330 -17.70 -48.54 2.87
N GLU A 331 -18.57 -49.42 3.39
CA GLU A 331 -18.52 -50.83 3.02
C GLU A 331 -18.68 -50.98 1.51
N GLY A 332 -19.78 -50.45 0.99
CA GLY A 332 -20.05 -50.52 -0.44
C GLY A 332 -18.83 -50.13 -1.25
N THR A 333 -18.14 -49.09 -0.80
CA THR A 333 -16.93 -48.64 -1.46
C THR A 333 -15.88 -49.73 -1.46
N LYS A 334 -15.73 -50.40 -0.33
CA LYS A 334 -14.84 -51.56 -0.21
C LYS A 334 -15.30 -52.69 -1.11
N ILE A 335 -16.56 -53.12 -0.95
CA ILE A 335 -17.10 -54.21 -1.73
C ILE A 335 -16.81 -54.00 -3.21
N LEU A 336 -17.20 -52.83 -3.73
CA LEU A 336 -16.93 -52.49 -5.12
C LEU A 336 -15.45 -52.60 -5.44
N SER A 337 -14.61 -52.29 -4.45
CA SER A 337 -13.16 -52.36 -4.63
C SER A 337 -12.70 -53.81 -4.75
N ASP A 338 -13.20 -54.66 -3.87
CA ASP A 338 -12.89 -56.08 -3.91
C ASP A 338 -13.31 -56.68 -5.24
N ARG A 339 -14.54 -56.38 -5.65
CA ARG A 339 -14.97 -56.65 -7.01
C ARG A 339 -14.18 -55.65 -7.86
N ASP A 340 -14.10 -55.88 -9.17
CA ASP A 340 -13.26 -55.00 -9.98
C ASP A 340 -14.04 -53.78 -10.48
N ILE A 341 -14.98 -53.30 -9.67
CA ILE A 341 -15.83 -52.18 -10.05
C ILE A 341 -15.17 -50.83 -9.77
N LEU A 342 -14.96 -50.05 -10.83
CA LEU A 342 -14.31 -48.75 -10.72
C LEU A 342 -15.26 -47.68 -10.19
N LEU A 343 -14.95 -47.17 -9.00
CA LEU A 343 -15.82 -46.19 -8.34
C LEU A 343 -15.20 -44.80 -8.36
N VAL A 344 -15.76 -43.93 -9.19
CA VAL A 344 -15.26 -42.55 -9.29
C VAL A 344 -15.89 -41.64 -8.24
N PRO A 345 -15.04 -41.10 -7.34
CA PRO A 345 -15.45 -40.38 -6.13
C PRO A 345 -16.15 -39.07 -6.43
N ASP A 346 -17.22 -38.77 -5.70
CA ASP A 346 -17.95 -37.53 -5.89
C ASP A 346 -17.03 -36.32 -5.83
N VAL A 347 -16.07 -36.36 -4.91
CA VAL A 347 -15.16 -35.23 -4.68
C VAL A 347 -14.36 -34.88 -5.93
N LEU A 348 -14.15 -35.87 -6.80
CA LEU A 348 -13.47 -35.65 -8.06
C LEU A 348 -14.46 -35.40 -9.19
N ALA A 349 -15.54 -36.19 -9.22
CA ALA A 349 -16.52 -36.11 -10.29
C ALA A 349 -17.23 -34.76 -10.36
N SER A 350 -17.37 -34.10 -9.21
CA SER A 350 -18.17 -32.87 -9.14
C SER A 350 -17.32 -31.60 -9.17
N ALA A 351 -16.02 -31.75 -9.32
CA ALA A 351 -15.09 -30.62 -9.27
C ALA A 351 -15.23 -29.67 -10.45
N GLY A 352 -16.21 -29.92 -11.30
CA GLY A 352 -16.45 -29.07 -12.46
C GLY A 352 -16.78 -27.64 -12.08
N GLY A 353 -17.66 -27.48 -11.09
CA GLY A 353 -18.04 -26.16 -10.63
C GLY A 353 -16.87 -25.33 -10.14
N VAL A 354 -16.09 -25.89 -9.23
CA VAL A 354 -14.91 -25.21 -8.70
C VAL A 354 -13.97 -24.81 -9.84
N THR A 355 -13.75 -25.73 -10.77
CA THR A 355 -12.82 -25.52 -11.87
C THR A 355 -13.20 -24.31 -12.74
N VAL A 356 -14.48 -24.17 -13.04
CA VAL A 356 -14.94 -23.04 -13.85
C VAL A 356 -14.91 -21.74 -13.06
N SER A 357 -15.14 -21.84 -11.75
CA SER A 357 -15.03 -20.68 -10.89
C SER A 357 -13.59 -20.19 -10.92
N TYR A 358 -12.67 -21.14 -10.99
CA TYR A 358 -11.25 -20.84 -11.14
C TYR A 358 -10.97 -20.16 -12.48
N PHE A 359 -11.58 -20.66 -13.55
CA PHE A 359 -11.41 -20.05 -14.86
C PHE A 359 -11.85 -18.59 -14.86
N GLU A 360 -12.96 -18.30 -14.17
CA GLU A 360 -13.46 -16.93 -14.05
C GLU A 360 -12.41 -16.03 -13.42
N TRP A 361 -11.75 -16.55 -12.40
CA TRP A 361 -10.72 -15.82 -11.67
C TRP A 361 -9.52 -15.56 -12.56
N VAL A 362 -9.13 -16.56 -13.34
CA VAL A 362 -8.05 -16.43 -14.29
C VAL A 362 -8.36 -15.35 -15.33
N GLN A 363 -9.55 -15.44 -15.90
CA GLN A 363 -10.00 -14.45 -16.85
C GLN A 363 -9.97 -13.05 -16.24
N ASN A 364 -10.39 -12.95 -14.98
CA ASN A 364 -10.32 -11.69 -14.26
C ASN A 364 -8.90 -11.17 -14.18
N ASN A 365 -7.95 -12.06 -13.91
CA ASN A 365 -6.54 -11.71 -13.86
C ASN A 365 -6.02 -11.18 -15.20
N GLN A 366 -6.43 -11.84 -16.28
CA GLN A 366 -6.03 -11.43 -17.62
C GLN A 366 -6.78 -10.18 -18.08
N GLY A 367 -8.01 -10.02 -17.59
CA GLY A 367 -8.89 -8.99 -18.11
C GLY A 367 -9.33 -9.39 -19.50
N PHE A 368 -9.26 -10.69 -19.78
CA PHE A 368 -9.65 -11.25 -21.07
C PHE A 368 -10.59 -12.42 -20.85
N TYR A 369 -11.67 -12.48 -21.62
CA TYR A 369 -12.71 -13.45 -21.34
C TYR A 369 -12.89 -14.53 -22.39
N TRP A 370 -13.08 -15.75 -21.90
CA TRP A 370 -13.01 -16.96 -22.71
C TRP A 370 -14.32 -17.31 -23.39
N SER A 371 -14.22 -17.78 -24.62
CA SER A 371 -15.36 -18.28 -25.36
C SER A 371 -15.89 -19.50 -24.64
N GLU A 372 -17.14 -19.87 -24.93
CA GLU A 372 -17.78 -21.00 -24.27
C GLU A 372 -16.99 -22.28 -24.57
N GLU A 373 -16.45 -22.36 -25.78
CA GLU A 373 -15.68 -23.52 -26.21
C GLU A 373 -14.34 -23.60 -25.45
N GLU A 374 -13.69 -22.45 -25.31
CA GLU A 374 -12.41 -22.39 -24.63
C GLU A 374 -12.54 -22.84 -23.18
N VAL A 375 -13.62 -22.40 -22.52
CA VAL A 375 -13.91 -22.85 -21.17
C VAL A 375 -14.06 -24.36 -21.16
N GLU A 376 -14.85 -24.86 -22.10
CA GLU A 376 -15.11 -26.30 -22.21
C GLU A 376 -13.84 -27.13 -22.27
N GLU A 377 -12.96 -26.79 -23.20
CA GLU A 377 -11.74 -27.57 -23.42
C GLU A 377 -10.82 -27.56 -22.20
N LYS A 378 -10.62 -26.38 -21.60
CA LYS A 378 -9.79 -26.29 -20.40
C LYS A 378 -10.41 -27.07 -19.25
N LEU A 379 -11.72 -27.01 -19.12
CA LEU A 379 -12.44 -27.81 -18.14
C LEU A 379 -12.13 -29.28 -18.35
N GLU A 380 -12.08 -29.70 -19.62
CA GLU A 380 -11.80 -31.09 -19.97
C GLU A 380 -10.36 -31.49 -19.63
N LYS A 381 -9.40 -30.74 -20.14
CA LYS A 381 -7.99 -31.00 -19.89
C LYS A 381 -7.69 -31.15 -18.39
N MET A 382 -8.27 -30.28 -17.57
CA MET A 382 -8.03 -30.33 -16.14
C MET A 382 -8.70 -31.54 -15.48
N MET A 383 -9.93 -31.81 -15.88
CA MET A 383 -10.65 -32.98 -15.36
C MET A 383 -9.94 -34.27 -15.77
N VAL A 384 -9.57 -34.36 -17.04
CA VAL A 384 -8.82 -35.52 -17.54
C VAL A 384 -7.51 -35.66 -16.76
N LYS A 385 -6.73 -34.60 -16.71
CA LYS A 385 -5.47 -34.59 -15.96
C LYS A 385 -5.70 -35.05 -14.53
N SER A 386 -6.76 -34.54 -13.90
CA SER A 386 -7.08 -34.87 -12.52
C SER A 386 -7.52 -36.33 -12.36
N PHE A 387 -8.47 -36.76 -13.20
CA PHE A 387 -8.92 -38.14 -13.16
C PHE A 387 -7.73 -39.08 -13.24
N ASN A 388 -6.82 -38.80 -14.17
CA ASN A 388 -5.71 -39.69 -14.45
C ASN A 388 -4.64 -39.75 -13.36
N ASN A 389 -4.33 -38.61 -12.75
CA ASN A 389 -3.42 -38.62 -11.61
C ASN A 389 -3.98 -39.48 -10.51
N ILE A 390 -5.27 -39.31 -10.22
CA ILE A 390 -5.94 -40.04 -9.17
C ILE A 390 -6.09 -41.51 -9.50
N TYR A 391 -6.47 -41.82 -10.74
CA TYR A 391 -6.61 -43.20 -11.18
C TYR A 391 -5.27 -43.93 -11.06
N GLU A 392 -4.21 -43.29 -11.53
CA GLU A 392 -2.90 -43.92 -11.56
C GLU A 392 -2.31 -44.13 -10.16
N MET A 393 -2.55 -43.18 -9.25
CA MET A 393 -2.10 -43.34 -7.88
C MET A 393 -2.85 -44.49 -7.21
N ALA A 394 -4.15 -44.59 -7.49
CA ALA A 394 -4.96 -45.66 -6.94
C ALA A 394 -4.49 -47.01 -7.46
N ASN A 395 -4.12 -47.04 -8.74
CA ASN A 395 -3.63 -48.26 -9.37
C ASN A 395 -2.27 -48.69 -8.84
N ASN A 396 -1.35 -47.73 -8.77
CA ASN A 396 0.00 -47.99 -8.27
C ASN A 396 -0.01 -48.42 -6.80
N ARG A 397 -0.89 -47.81 -6.02
CA ARG A 397 -0.91 -48.02 -4.58
C ARG A 397 -1.97 -49.05 -4.14
N ARG A 398 -2.61 -49.70 -5.09
CA ARG A 398 -3.58 -50.75 -4.78
C ARG A 398 -4.69 -50.28 -3.82
N ILE A 399 -5.23 -49.09 -4.08
CA ILE A 399 -6.33 -48.57 -3.26
C ILE A 399 -7.41 -47.96 -4.15
N ASP A 400 -8.60 -47.76 -3.57
CA ASP A 400 -9.72 -47.19 -4.33
C ASP A 400 -9.49 -45.72 -4.70
N MET A 401 -10.26 -45.23 -5.67
CA MET A 401 -10.09 -43.86 -6.17
C MET A 401 -10.49 -42.81 -5.15
N ARG A 402 -11.45 -43.14 -4.30
CA ARG A 402 -11.86 -42.27 -3.20
C ARG A 402 -10.64 -41.85 -2.39
N LEU A 403 -10.01 -42.84 -1.77
CA LEU A 403 -8.85 -42.63 -0.93
C LEU A 403 -7.71 -41.92 -1.67
N ALA A 404 -7.47 -42.30 -2.92
CA ALA A 404 -6.40 -41.72 -3.72
C ALA A 404 -6.69 -40.27 -4.07
N ALA A 405 -7.97 -39.94 -4.27
CA ALA A 405 -8.37 -38.57 -4.51
C ALA A 405 -8.05 -37.73 -3.28
N TYR A 406 -8.39 -38.26 -2.12
CA TYR A 406 -8.11 -37.60 -0.86
C TYR A 406 -6.62 -37.30 -0.69
N MET A 407 -5.79 -38.26 -1.06
CA MET A 407 -4.34 -38.09 -0.99
C MET A 407 -3.89 -36.98 -1.92
N VAL A 408 -4.37 -37.02 -3.16
CA VAL A 408 -4.03 -36.01 -4.15
C VAL A 408 -4.60 -34.65 -3.77
N GLY A 409 -5.75 -34.66 -3.12
CA GLY A 409 -6.37 -33.42 -2.68
C GLY A 409 -5.61 -32.78 -1.53
N VAL A 410 -4.95 -33.62 -0.73
CA VAL A 410 -4.27 -33.16 0.48
C VAL A 410 -2.76 -32.99 0.29
N ARG A 411 -2.22 -33.65 -0.72
CA ARG A 411 -0.77 -33.71 -0.94
C ARG A 411 -0.14 -32.39 -1.37
N LYS A 412 -0.85 -31.61 -2.17
CA LYS A 412 -0.29 -30.38 -2.74
C LYS A 412 0.03 -29.35 -1.67
N MET A 413 -0.93 -29.06 -0.79
CA MET A 413 -0.73 -28.08 0.27
C MET A 413 0.23 -28.58 1.34
N ALA A 414 0.40 -29.89 1.40
CA ALA A 414 1.36 -30.51 2.31
C ALA A 414 2.78 -30.28 1.79
N GLU A 415 2.95 -30.44 0.48
CA GLU A 415 4.24 -30.18 -0.16
C GLU A 415 4.58 -28.69 -0.10
N ALA A 416 3.61 -27.86 -0.43
CA ALA A 416 3.79 -26.42 -0.41
C ALA A 416 4.12 -25.92 1.00
N SER A 417 3.33 -26.34 1.97
CA SER A 417 3.55 -25.93 3.37
C SER A 417 4.94 -26.33 3.86
N ARG A 418 5.41 -27.49 3.42
CA ARG A 418 6.76 -27.93 3.77
C ARG A 418 7.82 -27.11 3.04
N PHE A 419 7.59 -26.86 1.76
CA PHE A 419 8.53 -26.06 0.96
C PHE A 419 8.72 -24.66 1.52
N ARG A 420 7.65 -24.11 2.08
CA ARG A 420 7.66 -22.75 2.59
C ARG A 420 8.04 -22.68 4.07
N GLY A 421 8.39 -23.82 4.64
CA GLY A 421 8.94 -23.87 5.99
C GLY A 421 7.94 -23.77 7.13
N TRP A 422 6.67 -24.00 6.81
CA TRP A 422 5.62 -24.00 7.82
C TRP A 422 5.67 -25.31 8.61
N ILE A 423 6.10 -26.38 7.95
CA ILE A 423 6.31 -27.67 8.60
C ILE A 423 7.40 -28.48 7.91
N VAL B 17 -17.45 37.79 -9.03
CA VAL B 17 -18.23 36.57 -8.90
C VAL B 17 -17.33 35.37 -8.64
N LEU B 18 -16.48 35.04 -9.61
CA LEU B 18 -15.31 34.22 -9.37
C LEU B 18 -14.16 35.19 -9.65
N LYS B 19 -14.44 36.13 -10.55
CA LYS B 19 -13.49 37.19 -10.91
C LYS B 19 -13.21 38.12 -9.74
N SER B 20 -14.17 38.28 -8.85
CA SER B 20 -13.99 39.12 -7.67
C SER B 20 -12.86 38.56 -6.81
N THR B 21 -12.87 37.24 -6.61
CA THR B 21 -11.82 36.55 -5.88
C THR B 21 -10.49 36.70 -6.61
N GLN B 22 -10.54 36.58 -7.93
CA GLN B 22 -9.35 36.66 -8.75
C GLN B 22 -8.75 38.06 -8.76
N THR B 23 -9.62 39.07 -8.70
CA THR B 23 -9.17 40.46 -8.60
C THR B 23 -8.36 40.66 -7.34
N VAL B 24 -8.89 40.20 -6.21
CA VAL B 24 -8.19 40.27 -4.93
C VAL B 24 -6.84 39.56 -5.01
N ILE B 25 -6.86 38.33 -5.51
CA ILE B 25 -5.65 37.55 -5.68
C ILE B 25 -4.62 38.30 -6.52
N HIS B 26 -5.08 38.91 -7.61
CA HIS B 26 -4.20 39.63 -8.51
C HIS B 26 -3.63 40.87 -7.83
N LYS B 27 -4.51 41.69 -7.27
CA LYS B 27 -4.12 42.89 -6.56
C LYS B 27 -3.03 42.56 -5.53
N ALA B 28 -3.32 41.58 -4.67
CA ALA B 28 -2.40 41.18 -3.61
C ALA B 28 -1.05 40.71 -4.14
N LEU B 29 -1.06 39.84 -5.14
CA LEU B 29 0.17 39.37 -5.75
C LEU B 29 0.91 40.55 -6.37
N GLU B 30 0.15 41.38 -7.08
CA GLU B 30 0.67 42.60 -7.68
C GLU B 30 1.55 43.36 -6.68
N LYS B 31 0.97 43.68 -5.53
CA LYS B 31 1.64 44.47 -4.51
C LYS B 31 2.87 43.78 -3.93
N LEU B 32 2.83 42.45 -3.84
CA LEU B 32 3.98 41.68 -3.35
C LEU B 32 5.13 41.75 -4.34
N GLY B 33 4.78 42.03 -5.60
CA GLY B 33 5.77 42.14 -6.64
C GLY B 33 6.01 40.83 -7.37
N TYR B 34 5.04 39.92 -7.32
CA TYR B 34 5.12 38.67 -8.05
C TYR B 34 4.76 38.90 -9.51
N PRO B 35 5.40 38.16 -10.42
CA PRO B 35 5.15 38.25 -11.85
C PRO B 35 3.76 37.74 -12.19
N GLU B 36 3.27 38.11 -13.38
CA GLU B 36 1.91 37.76 -13.78
C GLU B 36 1.65 36.25 -13.75
N GLU B 37 2.70 35.47 -13.97
CA GLU B 37 2.59 34.02 -14.06
C GLU B 37 2.13 33.39 -12.75
N VAL B 38 2.51 33.99 -11.63
CA VAL B 38 2.08 33.50 -10.34
C VAL B 38 0.57 33.65 -10.20
N TYR B 39 0.05 34.80 -10.63
CA TYR B 39 -1.39 35.02 -10.61
C TYR B 39 -2.09 33.97 -11.46
N GLU B 40 -1.58 33.77 -12.67
CA GLU B 40 -2.12 32.76 -13.57
C GLU B 40 -2.21 31.40 -12.89
N LEU B 41 -1.19 31.06 -12.08
CA LEU B 41 -1.19 29.79 -11.37
C LEU B 41 -2.28 29.72 -10.32
N LEU B 42 -2.42 30.80 -9.56
CA LEU B 42 -3.27 30.81 -8.38
C LEU B 42 -4.73 31.18 -8.67
N LYS B 43 -5.00 31.64 -9.89
CA LYS B 43 -6.34 32.15 -10.22
C LYS B 43 -7.44 31.08 -10.26
N GLU B 44 -7.05 29.84 -10.50
CA GLU B 44 -8.00 28.72 -10.52
C GLU B 44 -7.50 27.54 -9.70
N PRO B 45 -8.42 26.69 -9.22
CA PRO B 45 -7.98 25.52 -8.46
C PRO B 45 -7.14 24.65 -9.39
N MET B 46 -5.98 24.20 -8.93
CA MET B 46 -5.14 23.36 -9.78
C MET B 46 -5.80 22.02 -10.03
N ARG B 47 -6.88 21.76 -9.30
CA ARG B 47 -7.57 20.48 -9.40
C ARG B 47 -9.06 20.63 -9.06
N LEU B 48 -9.92 20.26 -10.01
CA LEU B 48 -11.36 20.27 -9.77
C LEU B 48 -11.97 18.93 -10.14
N LEU B 49 -12.65 18.31 -9.18
CA LEU B 49 -13.38 17.07 -9.43
C LEU B 49 -14.88 17.32 -9.28
N THR B 50 -15.62 17.10 -10.35
CA THR B 50 -17.07 17.17 -10.30
C THR B 50 -17.66 15.78 -10.57
N VAL B 51 -18.59 15.37 -9.72
CA VAL B 51 -19.08 13.99 -9.71
C VAL B 51 -20.59 13.89 -9.73
N LYS B 52 -21.10 12.77 -10.25
CA LYS B 52 -22.52 12.47 -10.23
C LYS B 52 -22.77 11.36 -9.23
N ILE B 53 -23.62 11.60 -8.25
CA ILE B 53 -23.84 10.66 -7.17
C ILE B 53 -25.27 10.12 -7.18
N PRO B 54 -25.42 8.82 -7.50
CA PRO B 54 -26.74 8.19 -7.43
C PRO B 54 -27.13 7.96 -5.98
N VAL B 55 -28.31 8.43 -5.60
CA VAL B 55 -28.82 8.19 -4.26
C VAL B 55 -30.19 7.52 -4.37
N ARG B 56 -30.38 6.46 -3.62
CA ARG B 56 -31.70 5.85 -3.51
C ARG B 56 -32.55 6.71 -2.59
N MET B 57 -33.64 7.24 -3.12
CA MET B 57 -34.55 8.06 -2.34
C MET B 57 -35.59 7.18 -1.64
N ASP B 58 -36.20 7.71 -0.59
CA ASP B 58 -37.13 6.92 0.22
C ASP B 58 -38.36 6.52 -0.58
N ASP B 59 -38.74 7.36 -1.54
CA ASP B 59 -39.93 7.10 -2.36
C ASP B 59 -39.66 6.01 -3.39
N GLY B 60 -38.48 5.41 -3.30
CA GLY B 60 -38.12 4.32 -4.19
C GLY B 60 -37.36 4.77 -5.42
N SER B 61 -37.46 6.05 -5.75
CA SER B 61 -36.81 6.60 -6.93
C SER B 61 -35.30 6.65 -6.76
N VAL B 62 -34.61 7.12 -7.80
CA VAL B 62 -33.18 7.35 -7.73
C VAL B 62 -32.85 8.73 -8.30
N LYS B 63 -32.18 9.53 -7.50
CA LYS B 63 -31.84 10.89 -7.91
C LYS B 63 -30.33 11.03 -8.04
N ILE B 64 -29.88 11.68 -9.11
CA ILE B 64 -28.46 11.87 -9.33
C ILE B 64 -28.03 13.27 -8.92
N PHE B 65 -27.27 13.35 -7.84
CA PHE B 65 -26.81 14.64 -7.34
C PHE B 65 -25.44 14.99 -7.93
N THR B 66 -25.24 16.26 -8.24
CA THR B 66 -23.95 16.72 -8.74
C THR B 66 -23.12 17.27 -7.59
N GLY B 67 -21.91 16.76 -7.44
CA GLY B 67 -21.00 17.22 -6.41
C GLY B 67 -19.71 17.79 -6.98
N TYR B 68 -19.09 18.70 -6.24
CA TYR B 68 -17.80 19.22 -6.65
C TYR B 68 -16.82 19.18 -5.48
N ARG B 69 -15.56 18.91 -5.79
CA ARG B 69 -14.49 19.08 -4.82
C ARG B 69 -13.35 19.79 -5.52
N ALA B 70 -12.94 20.92 -4.98
CA ALA B 70 -11.88 21.71 -5.58
C ALA B 70 -10.66 21.80 -4.67
N HIS B 71 -9.49 21.55 -5.25
CA HIS B 71 -8.23 21.79 -4.57
C HIS B 71 -7.56 22.98 -5.21
N ASN B 72 -7.63 24.13 -4.56
CA ASN B 72 -6.97 25.30 -5.11
C ASN B 72 -5.48 25.09 -5.33
N ASP B 73 -4.75 24.85 -4.24
CA ASP B 73 -3.29 24.74 -4.34
C ASP B 73 -2.70 23.79 -3.29
N SER B 74 -1.69 23.04 -3.68
CA SER B 74 -1.30 21.83 -2.93
C SER B 74 -0.07 22.03 -2.05
N VAL B 75 0.37 23.27 -1.87
CA VAL B 75 1.54 23.54 -1.04
C VAL B 75 1.26 23.20 0.43
N GLY B 76 0.71 22.01 0.62
CA GLY B 76 0.18 21.59 1.89
C GLY B 76 -1.15 20.93 1.59
N PRO B 77 -1.58 20.03 2.48
CA PRO B 77 -2.86 19.38 2.20
C PRO B 77 -3.97 20.44 2.12
N THR B 78 -4.92 20.25 1.21
CA THR B 78 -6.00 21.21 1.06
C THR B 78 -7.04 21.01 2.15
N LYS B 79 -7.79 22.06 2.42
CA LYS B 79 -8.65 22.13 3.58
C LYS B 79 -9.83 23.05 3.28
N GLY B 80 -11.04 22.60 3.59
CA GLY B 80 -12.23 23.40 3.30
C GLY B 80 -13.51 22.62 3.37
N GLY B 81 -14.61 23.32 3.68
CA GLY B 81 -15.89 22.67 3.93
C GLY B 81 -16.69 22.25 2.71
N ILE B 82 -17.81 21.58 2.99
CA ILE B 82 -18.74 21.11 1.96
C ILE B 82 -20.11 21.69 2.27
N ARG B 83 -20.73 22.36 1.30
CA ARG B 83 -22.09 22.83 1.50
C ARG B 83 -23.10 22.04 0.70
N PHE B 84 -24.26 21.80 1.31
CA PHE B 84 -25.40 21.21 0.64
C PHE B 84 -26.40 22.33 0.43
N HIS B 85 -26.53 22.80 -0.81
CA HIS B 85 -27.43 23.92 -1.07
C HIS B 85 -27.86 23.92 -2.53
N PRO B 86 -29.15 24.24 -2.79
CA PRO B 86 -29.68 24.22 -4.16
C PRO B 86 -28.91 25.15 -5.09
N ASN B 87 -28.33 26.21 -4.53
CA ASN B 87 -27.71 27.26 -5.33
C ASN B 87 -26.19 27.19 -5.41
N VAL B 88 -25.58 26.18 -4.81
CA VAL B 88 -24.13 26.03 -4.90
C VAL B 88 -23.74 25.74 -6.35
N THR B 89 -22.65 26.35 -6.80
CA THR B 89 -22.21 26.21 -8.18
C THR B 89 -20.73 25.85 -8.25
N GLU B 90 -20.34 25.17 -9.32
CA GLU B 90 -18.94 24.88 -9.59
C GLU B 90 -18.10 26.15 -9.45
N LYS B 91 -18.57 27.22 -10.08
CA LYS B 91 -17.89 28.51 -10.00
C LYS B 91 -17.75 28.96 -8.55
N GLU B 92 -18.78 28.70 -7.75
CA GLU B 92 -18.76 29.11 -6.35
C GLU B 92 -17.72 28.33 -5.55
N VAL B 93 -17.78 27.00 -5.63
CA VAL B 93 -16.84 26.18 -4.86
C VAL B 93 -15.40 26.45 -5.29
N LYS B 94 -15.21 26.75 -6.57
CA LYS B 94 -13.90 27.16 -7.06
C LYS B 94 -13.46 28.42 -6.32
N ALA B 95 -14.28 29.46 -6.40
CA ALA B 95 -14.02 30.72 -5.73
C ALA B 95 -13.71 30.52 -4.24
N LEU B 96 -14.59 29.79 -3.57
CA LEU B 96 -14.46 29.54 -2.13
C LEU B 96 -13.18 28.79 -1.78
N SER B 97 -12.78 27.85 -2.63
CA SER B 97 -11.54 27.12 -2.42
C SER B 97 -10.36 28.09 -2.34
N ILE B 98 -10.38 29.09 -3.20
CA ILE B 98 -9.33 30.11 -3.23
C ILE B 98 -9.33 30.93 -1.94
N TRP B 99 -10.52 31.31 -1.47
CA TRP B 99 -10.62 32.07 -0.23
C TRP B 99 -10.06 31.29 0.96
N MET B 100 -10.19 29.96 0.90
CA MET B 100 -9.66 29.09 1.94
C MET B 100 -8.13 29.14 1.98
N SER B 101 -7.52 29.24 0.81
CA SER B 101 -6.06 29.43 0.75
C SER B 101 -5.68 30.72 1.47
N LEU B 102 -6.38 31.80 1.13
CA LEU B 102 -6.16 33.09 1.76
C LEU B 102 -6.18 33.01 3.28
N LYS B 103 -7.28 32.48 3.83
CA LYS B 103 -7.41 32.27 5.26
C LYS B 103 -6.25 31.44 5.79
N CYS B 104 -5.99 30.32 5.13
CA CYS B 104 -4.90 29.43 5.52
C CYS B 104 -3.54 30.14 5.51
N GLY B 105 -3.33 30.99 4.51
CA GLY B 105 -2.12 31.77 4.45
C GLY B 105 -2.11 32.78 5.59
N ILE B 106 -3.27 33.40 5.80
CA ILE B 106 -3.41 34.39 6.87
C ILE B 106 -3.11 33.84 8.26
N ILE B 107 -3.58 32.63 8.55
CA ILE B 107 -3.33 32.01 9.85
C ILE B 107 -2.01 31.22 9.85
N ASP B 108 -1.39 31.12 8.67
CA ASP B 108 -0.12 30.43 8.51
C ASP B 108 -0.27 28.92 8.69
N LEU B 109 -1.41 28.39 8.28
CA LEU B 109 -1.66 26.96 8.38
C LEU B 109 -0.83 26.19 7.37
N PRO B 110 -0.53 24.91 7.68
CA PRO B 110 0.21 24.05 6.77
C PRO B 110 -0.77 23.48 5.76
N TYR B 111 -1.70 24.32 5.34
CA TYR B 111 -2.75 23.89 4.43
C TYR B 111 -2.70 24.61 3.10
N GLY B 112 -3.49 24.10 2.16
CA GLY B 112 -3.85 24.84 0.98
C GLY B 112 -5.37 24.90 0.98
N GLY B 113 -5.94 25.73 0.12
CA GLY B 113 -7.38 25.89 0.08
C GLY B 113 -8.09 24.78 -0.68
N GLY B 114 -9.19 24.29 -0.11
CA GLY B 114 -10.04 23.31 -0.76
C GLY B 114 -11.50 23.63 -0.42
N LYS B 115 -12.43 23.09 -1.21
CA LYS B 115 -13.84 23.38 -0.96
C LYS B 115 -14.74 22.36 -1.65
N GLY B 116 -15.86 22.04 -0.99
CA GLY B 116 -16.80 21.08 -1.53
C GLY B 116 -18.19 21.64 -1.64
N GLY B 117 -18.99 21.03 -2.50
CA GLY B 117 -20.37 21.44 -2.69
C GLY B 117 -21.20 20.37 -3.36
N ILE B 118 -22.44 20.21 -2.89
CA ILE B 118 -23.39 19.32 -3.53
C ILE B 118 -24.66 20.08 -3.85
N VAL B 119 -25.12 19.98 -5.09
CA VAL B 119 -26.35 20.63 -5.51
C VAL B 119 -27.52 19.80 -5.02
N CYS B 120 -28.07 20.20 -3.87
CA CYS B 120 -29.18 19.49 -3.27
C CYS B 120 -29.85 20.39 -2.24
N ASP B 121 -31.03 20.01 -1.78
CA ASP B 121 -31.70 20.76 -0.74
C ASP B 121 -31.98 19.86 0.46
N PRO B 122 -31.06 19.88 1.45
CA PRO B 122 -31.13 19.05 2.65
C PRO B 122 -32.47 19.20 3.35
N ARG B 123 -33.06 20.38 3.24
CA ARG B 123 -34.33 20.67 3.88
C ARG B 123 -35.47 19.83 3.34
N ASP B 124 -35.28 19.28 2.14
CA ASP B 124 -36.31 18.45 1.51
C ASP B 124 -35.92 16.98 1.51
N MET B 125 -34.75 16.69 2.04
CA MET B 125 -34.24 15.32 2.11
C MET B 125 -34.41 14.74 3.50
N SER B 126 -34.63 13.44 3.57
CA SER B 126 -34.79 12.76 4.84
C SER B 126 -33.44 12.47 5.48
N PHE B 127 -33.46 11.95 6.69
CA PHE B 127 -32.23 11.66 7.42
C PHE B 127 -31.41 10.59 6.70
N ARG B 128 -32.06 9.50 6.31
CA ARG B 128 -31.38 8.39 5.66
C ARG B 128 -30.94 8.73 4.22
N GLU B 129 -31.65 9.66 3.59
CA GLU B 129 -31.27 10.10 2.25
C GLU B 129 -30.00 10.95 2.30
N LEU B 130 -29.93 11.86 3.27
CA LEU B 130 -28.75 12.69 3.47
C LEU B 130 -27.52 11.86 3.79
N GLU B 131 -27.70 10.74 4.49
CA GLU B 131 -26.59 9.85 4.79
C GLU B 131 -26.09 9.15 3.52
N ARG B 132 -27.02 8.63 2.72
CA ARG B 132 -26.67 7.99 1.46
C ARG B 132 -25.88 8.94 0.58
N LEU B 133 -26.34 10.18 0.48
CA LEU B 133 -25.67 11.20 -0.32
C LEU B 133 -24.27 11.47 0.20
N SER B 134 -24.15 11.61 1.51
CA SER B 134 -22.87 11.87 2.16
C SER B 134 -21.87 10.76 1.85
N ARG B 135 -22.31 9.51 2.01
CA ARG B 135 -21.46 8.37 1.72
C ARG B 135 -21.10 8.30 0.24
N GLY B 136 -22.09 8.54 -0.61
CA GLY B 136 -21.88 8.59 -2.04
C GLY B 136 -20.86 9.65 -2.42
N TYR B 137 -20.93 10.79 -1.76
CA TYR B 137 -20.00 11.89 -2.00
C TYR B 137 -18.57 11.46 -1.71
N VAL B 138 -18.37 10.81 -0.56
CA VAL B 138 -17.06 10.30 -0.19
C VAL B 138 -16.62 9.19 -1.15
N ARG B 139 -17.54 8.30 -1.50
CA ARG B 139 -17.25 7.23 -2.44
C ARG B 139 -16.78 7.80 -3.77
N ALA B 140 -17.38 8.92 -4.17
CA ALA B 140 -17.07 9.55 -5.45
C ALA B 140 -15.67 10.18 -5.48
N ILE B 141 -15.28 10.80 -4.38
CA ILE B 141 -14.05 11.59 -4.35
C ILE B 141 -12.92 10.98 -3.50
N SER B 142 -13.18 9.83 -2.88
CA SER B 142 -12.20 9.22 -1.98
C SER B 142 -10.77 9.16 -2.55
N GLN B 143 -10.66 8.92 -3.86
CA GLN B 143 -9.35 8.78 -4.50
C GLN B 143 -8.44 10.00 -4.33
N ILE B 144 -9.02 11.19 -4.21
CA ILE B 144 -8.23 12.42 -4.19
C ILE B 144 -8.32 13.17 -2.86
N VAL B 145 -8.97 12.57 -1.87
CA VAL B 145 -9.07 13.19 -0.56
C VAL B 145 -8.50 12.29 0.54
N GLY B 146 -8.51 12.79 1.77
CA GLY B 146 -7.98 12.04 2.89
C GLY B 146 -7.15 12.88 3.84
N PRO B 147 -6.81 12.31 5.00
CA PRO B 147 -6.09 12.99 6.09
C PRO B 147 -4.80 13.69 5.62
N THR B 148 -4.19 13.21 4.55
CA THR B 148 -2.94 13.78 4.06
C THR B 148 -3.11 14.54 2.75
N LYS B 149 -4.33 14.53 2.22
CA LYS B 149 -4.58 15.06 0.88
C LYS B 149 -5.50 16.28 0.87
N ASP B 150 -6.65 16.14 1.51
CA ASP B 150 -7.74 17.10 1.36
C ASP B 150 -8.73 16.86 2.49
N VAL B 151 -8.84 17.82 3.39
CA VAL B 151 -9.62 17.65 4.62
C VAL B 151 -10.88 18.51 4.63
N PRO B 152 -12.04 17.91 4.33
CA PRO B 152 -13.29 18.68 4.31
C PRO B 152 -13.75 19.08 5.70
N ALA B 153 -14.88 19.79 5.74
CA ALA B 153 -15.44 20.30 6.98
C ALA B 153 -16.92 20.60 6.75
N PRO B 154 -17.62 21.02 7.81
CA PRO B 154 -19.02 21.38 7.60
C PRO B 154 -19.13 22.73 6.91
N ASP B 155 -20.26 22.99 6.28
CA ASP B 155 -20.57 24.32 5.76
C ASP B 155 -22.08 24.56 5.74
N VAL B 156 -22.55 25.40 4.82
CA VAL B 156 -23.94 25.88 4.80
C VAL B 156 -24.99 24.98 5.49
N PHE B 157 -25.36 23.87 4.85
CA PHE B 157 -26.34 22.96 5.45
C PHE B 157 -25.75 21.60 5.82
N THR B 158 -24.46 21.58 6.15
CA THR B 158 -23.84 20.35 6.64
C THR B 158 -23.40 20.52 8.08
N ASN B 159 -23.37 19.42 8.83
CA ASN B 159 -23.08 19.46 10.25
C ASN B 159 -22.22 18.30 10.72
N SER B 160 -22.07 18.17 12.03
CA SER B 160 -21.20 17.14 12.61
C SER B 160 -21.68 15.72 12.28
N GLN B 161 -22.99 15.55 12.11
CA GLN B 161 -23.56 14.25 11.76
C GLN B 161 -23.16 13.85 10.34
N ILE B 162 -23.30 14.80 9.42
CA ILE B 162 -22.85 14.60 8.05
C ILE B 162 -21.35 14.28 8.04
N MET B 163 -20.59 15.04 8.82
CA MET B 163 -19.15 14.81 8.95
C MET B 163 -18.87 13.39 9.42
N ALA B 164 -19.65 12.95 10.41
CA ALA B 164 -19.51 11.62 10.98
C ALA B 164 -19.71 10.55 9.92
N TRP B 165 -20.82 10.62 9.18
CA TRP B 165 -21.11 9.68 8.10
C TRP B 165 -19.96 9.64 7.09
N MET B 166 -19.54 10.81 6.64
CA MET B 166 -18.46 10.90 5.67
C MET B 166 -17.18 10.28 6.24
N MET B 167 -16.91 10.54 7.51
CA MET B 167 -15.71 9.99 8.15
C MET B 167 -15.81 8.47 8.22
N ASP B 168 -16.97 7.96 8.62
CA ASP B 168 -17.19 6.52 8.66
C ASP B 168 -16.98 5.90 7.29
N GLU B 169 -17.54 6.52 6.25
CA GLU B 169 -17.39 6.02 4.90
C GLU B 169 -15.92 5.99 4.49
N TYR B 170 -15.22 7.09 4.72
CA TYR B 170 -13.83 7.17 4.31
C TYR B 170 -12.99 6.15 5.05
N SER B 171 -13.30 5.94 6.33
CA SER B 171 -12.58 4.98 7.15
C SER B 171 -12.76 3.56 6.61
N ARG B 172 -13.96 3.28 6.08
CA ARG B 172 -14.25 1.96 5.53
C ARG B 172 -13.40 1.72 4.29
N ILE B 173 -13.19 2.76 3.50
CA ILE B 173 -12.42 2.66 2.28
C ILE B 173 -10.93 2.45 2.57
N ASP B 174 -10.41 3.16 3.56
CA ASP B 174 -9.03 2.95 4.00
C ASP B 174 -8.89 1.66 4.79
N GLU B 175 -10.00 1.17 5.34
CA GLU B 175 -9.99 0.00 6.21
C GLU B 175 -9.34 0.30 7.56
N PHE B 176 -9.41 1.55 7.98
CA PHE B 176 -8.98 1.96 9.31
C PHE B 176 -9.49 3.36 9.66
N ASN B 177 -9.71 3.60 10.94
CA ASN B 177 -10.18 4.90 11.41
C ASN B 177 -9.35 6.05 10.84
N SER B 178 -10.00 6.95 10.12
CA SER B 178 -9.34 8.11 9.54
C SER B 178 -10.04 9.40 9.98
N PRO B 179 -9.88 9.75 11.27
CA PRO B 179 -10.53 10.94 11.84
C PRO B 179 -10.08 12.18 11.11
N GLY B 180 -8.80 12.21 10.77
CA GLY B 180 -8.17 13.38 10.20
C GLY B 180 -8.56 13.64 8.76
N PHE B 181 -9.45 12.82 8.22
CA PHE B 181 -9.94 13.02 6.86
C PHE B 181 -10.82 14.26 6.79
N ILE B 182 -11.63 14.45 7.83
CA ILE B 182 -12.65 15.47 7.83
C ILE B 182 -12.82 16.05 9.23
N THR B 183 -12.93 17.37 9.33
CA THR B 183 -13.06 18.01 10.63
C THR B 183 -14.50 18.42 10.91
N GLY B 184 -14.74 18.92 12.11
CA GLY B 184 -16.07 19.28 12.54
C GLY B 184 -16.82 18.03 12.99
N LYS B 185 -16.06 17.02 13.38
CA LYS B 185 -16.63 15.76 13.83
C LYS B 185 -17.18 15.88 15.24
N PRO B 186 -18.12 14.99 15.61
CA PRO B 186 -18.54 14.91 17.00
C PRO B 186 -17.35 14.53 17.88
N LEU B 187 -17.38 14.92 19.14
CA LEU B 187 -16.24 14.67 20.03
C LEU B 187 -15.85 13.20 20.08
N VAL B 188 -16.84 12.32 20.11
CA VAL B 188 -16.58 10.88 20.26
C VAL B 188 -15.86 10.30 19.04
N LEU B 189 -15.94 10.99 17.90
CA LEU B 189 -15.28 10.54 16.68
C LEU B 189 -13.97 11.29 16.43
N GLY B 190 -13.48 11.97 17.45
CA GLY B 190 -12.21 12.66 17.35
C GLY B 190 -12.35 14.13 16.99
N GLY B 191 -13.50 14.71 17.32
CA GLY B 191 -13.72 16.13 17.14
C GLY B 191 -12.91 16.91 18.15
N SER B 192 -12.96 18.24 18.08
CA SER B 192 -12.17 19.07 18.98
C SER B 192 -13.04 20.01 19.81
N HIS B 193 -12.60 20.27 21.04
CA HIS B 193 -13.27 21.26 21.88
C HIS B 193 -13.10 22.64 21.26
N GLY B 194 -14.02 23.55 21.58
CA GLY B 194 -13.87 24.94 21.20
C GLY B 194 -14.30 25.33 19.79
N ARG B 195 -15.19 24.54 19.19
CA ARG B 195 -15.72 24.87 17.88
C ARG B 195 -16.78 25.96 18.03
N GLU B 196 -17.73 25.73 18.92
CA GLU B 196 -18.83 26.64 19.15
C GLU B 196 -18.42 28.10 19.19
N SER B 197 -17.37 28.39 19.95
CA SER B 197 -16.96 29.77 20.21
C SER B 197 -15.80 30.22 19.34
N ALA B 198 -15.32 29.33 18.47
CA ALA B 198 -14.15 29.58 17.65
C ALA B 198 -14.13 30.95 16.95
N THR B 199 -15.13 31.21 16.10
CA THR B 199 -15.19 32.47 15.36
C THR B 199 -15.24 33.68 16.30
N ALA B 200 -16.25 33.69 17.17
CA ALA B 200 -16.41 34.78 18.12
C ALA B 200 -15.12 35.07 18.87
N LYS B 201 -14.52 34.03 19.44
CA LYS B 201 -13.28 34.17 20.18
C LYS B 201 -12.16 34.75 19.32
N GLY B 202 -12.09 34.34 18.06
CA GLY B 202 -11.10 34.86 17.14
C GLY B 202 -11.26 36.36 16.94
N VAL B 203 -12.51 36.81 16.90
CA VAL B 203 -12.80 38.23 16.81
C VAL B 203 -12.29 38.96 18.05
N THR B 204 -12.65 38.43 19.22
CA THR B 204 -12.24 39.01 20.49
C THR B 204 -10.73 39.20 20.58
N ILE B 205 -9.98 38.23 20.06
CA ILE B 205 -8.52 38.29 20.07
C ILE B 205 -8.01 39.42 19.17
N CYS B 206 -8.67 39.61 18.04
CA CYS B 206 -8.32 40.69 17.12
C CYS B 206 -8.65 42.05 17.74
N ILE B 207 -9.77 42.11 18.47
CA ILE B 207 -10.18 43.34 19.13
C ILE B 207 -9.17 43.75 20.21
N LYS B 208 -8.87 42.82 21.11
CA LYS B 208 -7.87 43.07 22.15
C LYS B 208 -6.54 43.50 21.54
N GLU B 209 -6.08 42.75 20.54
CA GLU B 209 -4.79 43.01 19.91
C GLU B 209 -4.77 44.36 19.19
N ALA B 210 -5.89 44.71 18.57
CA ALA B 210 -6.01 46.02 17.92
C ALA B 210 -5.94 47.12 18.98
N ALA B 211 -6.58 46.86 20.12
CA ALA B 211 -6.54 47.80 21.23
C ALA B 211 -5.10 48.13 21.58
N LYS B 212 -4.30 47.08 21.80
CA LYS B 212 -2.90 47.26 22.16
C LYS B 212 -2.15 48.17 21.21
N LYS B 213 -2.43 48.05 19.91
CA LYS B 213 -1.76 48.84 18.89
C LYS B 213 -2.10 50.33 18.97
N ARG B 214 -3.33 50.63 19.36
CA ARG B 214 -3.79 52.02 19.44
C ARG B 214 -3.67 52.57 20.86
N GLY B 215 -2.96 51.84 21.72
CA GLY B 215 -2.76 52.26 23.09
C GLY B 215 -4.07 52.44 23.83
N ILE B 216 -5.01 51.55 23.57
CA ILE B 216 -6.34 51.63 24.19
C ILE B 216 -6.54 50.53 25.23
N ASP B 217 -6.52 50.93 26.50
CA ASP B 217 -6.82 50.02 27.59
C ASP B 217 -8.23 49.46 27.36
N ILE B 218 -8.37 48.15 27.48
CA ILE B 218 -9.68 47.51 27.33
C ILE B 218 -10.58 47.83 28.53
N LYS B 219 -9.96 47.96 29.69
CA LYS B 219 -10.67 48.06 30.96
C LYS B 219 -11.70 49.19 31.05
N GLY B 220 -11.57 50.21 30.20
CA GLY B 220 -12.52 51.30 30.18
C GLY B 220 -13.04 51.59 28.79
N ALA B 221 -12.50 50.86 27.82
CA ALA B 221 -12.81 51.07 26.40
C ALA B 221 -14.30 51.04 26.06
N ARG B 222 -14.76 52.08 25.40
CA ARG B 222 -16.13 52.15 24.93
C ARG B 222 -16.30 51.29 23.68
N VAL B 223 -17.07 50.22 23.81
CA VAL B 223 -17.24 49.25 22.74
C VAL B 223 -18.65 49.29 22.17
N VAL B 224 -18.75 49.24 20.85
CA VAL B 224 -20.03 49.23 20.17
C VAL B 224 -20.19 48.00 19.28
N VAL B 225 -21.17 47.17 19.58
CA VAL B 225 -21.44 45.98 18.79
C VAL B 225 -22.74 46.12 18.02
N GLN B 226 -22.64 46.21 16.69
CA GLN B 226 -23.82 46.23 15.85
C GLN B 226 -24.28 44.80 15.62
N GLY B 227 -25.58 44.57 15.78
CA GLY B 227 -26.10 43.23 15.71
C GLY B 227 -25.97 42.57 17.06
N PHE B 228 -27.10 42.37 17.74
CA PHE B 228 -27.13 41.67 19.01
C PHE B 228 -27.72 40.29 18.74
N GLY B 229 -27.33 39.72 17.61
CA GLY B 229 -27.81 38.42 17.20
C GLY B 229 -27.13 37.29 17.94
N ASN B 230 -26.25 36.57 17.25
CA ASN B 230 -25.61 35.40 17.80
C ASN B 230 -24.13 35.65 18.11
N ALA B 231 -23.41 36.16 17.13
CA ALA B 231 -22.00 36.51 17.32
C ALA B 231 -21.88 37.86 18.02
N GLY B 232 -22.81 38.76 17.72
CA GLY B 232 -22.84 40.07 18.34
C GLY B 232 -23.05 39.99 19.84
N SER B 233 -24.13 39.35 20.25
CA SER B 233 -24.41 39.15 21.68
C SER B 233 -23.19 38.58 22.38
N TYR B 234 -22.58 37.58 21.76
CA TYR B 234 -21.40 36.94 22.33
C TYR B 234 -20.28 37.93 22.53
N LEU B 235 -20.02 38.73 21.49
CA LEU B 235 -18.96 39.72 21.54
C LEU B 235 -19.21 40.72 22.66
N ALA B 236 -20.48 41.07 22.87
CA ALA B 236 -20.85 42.03 23.91
C ALA B 236 -20.52 41.50 25.30
N LYS B 237 -20.86 40.24 25.56
CA LYS B 237 -20.54 39.59 26.82
C LYS B 237 -19.04 39.56 27.05
N PHE B 238 -18.29 39.40 25.97
CA PHE B 238 -16.84 39.27 26.05
C PHE B 238 -16.16 40.59 26.42
N MET B 239 -16.67 41.70 25.88
CA MET B 239 -16.14 43.01 26.21
C MET B 239 -16.59 43.44 27.61
N HIS B 240 -17.87 43.28 27.89
CA HIS B 240 -18.43 43.61 29.20
C HIS B 240 -17.75 42.81 30.31
N ASP B 241 -17.37 41.57 30.01
CA ASP B 241 -16.68 40.74 30.98
C ASP B 241 -15.21 41.12 31.06
N ALA B 242 -14.70 41.70 29.97
CA ALA B 242 -13.33 42.17 29.93
C ALA B 242 -13.21 43.57 30.52
N GLY B 243 -14.35 44.12 30.95
CA GLY B 243 -14.36 45.40 31.62
C GLY B 243 -14.53 46.59 30.69
N ALA B 244 -14.92 46.32 29.45
CA ALA B 244 -15.19 47.40 28.51
C ALA B 244 -16.58 47.97 28.76
N LYS B 245 -16.72 49.26 28.55
CA LYS B 245 -18.06 49.87 28.55
C LYS B 245 -18.70 49.57 27.21
N VAL B 246 -19.44 48.46 27.14
CA VAL B 246 -20.23 48.18 25.95
C VAL B 246 -21.32 49.23 25.88
N VAL B 247 -20.94 50.41 25.38
CA VAL B 247 -21.79 51.58 25.42
C VAL B 247 -22.94 51.51 24.43
N GLY B 248 -22.97 50.46 23.61
CA GLY B 248 -24.01 50.33 22.61
C GLY B 248 -24.12 48.97 21.94
N ILE B 249 -25.37 48.54 21.75
CA ILE B 249 -25.66 47.33 20.97
C ILE B 249 -26.87 47.62 20.09
N SER B 250 -27.11 46.76 19.12
CA SER B 250 -28.28 46.92 18.26
C SER B 250 -28.66 45.57 17.70
N ASP B 251 -29.96 45.33 17.55
CA ASP B 251 -30.41 44.20 16.76
C ASP B 251 -30.94 44.73 15.43
N ALA B 252 -32.19 44.39 15.10
CA ALA B 252 -32.73 44.80 13.82
C ALA B 252 -33.71 45.97 13.94
N TYR B 253 -33.99 46.37 15.17
CA TYR B 253 -34.99 47.40 15.43
C TYR B 253 -34.43 48.61 16.18
N GLY B 254 -33.20 48.98 15.87
CA GLY B 254 -32.56 50.11 16.53
C GLY B 254 -31.48 49.69 17.49
N GLY B 255 -31.00 50.62 18.30
CA GLY B 255 -29.92 50.31 19.23
C GLY B 255 -30.05 50.95 20.59
N LEU B 256 -29.29 50.41 21.54
CA LEU B 256 -29.23 50.97 22.89
C LEU B 256 -27.93 51.72 23.10
N TYR B 257 -28.01 52.88 23.74
CA TYR B 257 -26.82 53.64 24.08
C TYR B 257 -26.85 54.01 25.56
N ASP B 258 -25.69 53.94 26.20
CA ASP B 258 -25.55 54.29 27.60
C ASP B 258 -24.08 54.51 27.89
N PRO B 259 -23.66 55.78 27.96
CA PRO B 259 -22.25 56.14 28.14
C PRO B 259 -21.61 55.40 29.30
N GLU B 260 -22.38 55.17 30.36
CA GLU B 260 -21.89 54.48 31.54
C GLU B 260 -21.55 53.03 31.23
N GLY B 261 -22.16 52.50 30.18
CA GLY B 261 -21.96 51.11 29.81
C GLY B 261 -23.20 50.28 30.05
N LEU B 262 -23.65 49.58 29.01
CA LEU B 262 -24.82 48.71 29.13
C LEU B 262 -24.44 47.41 29.81
N ASP B 263 -25.17 47.06 30.86
CA ASP B 263 -24.98 45.77 31.52
C ASP B 263 -25.53 44.66 30.63
N ILE B 264 -24.66 44.10 29.79
CA ILE B 264 -25.05 43.10 28.80
C ILE B 264 -25.70 41.87 29.42
N ASP B 265 -25.49 41.70 30.71
CA ASP B 265 -25.93 40.52 31.40
C ASP B 265 -27.41 40.66 31.70
N TYR B 266 -27.83 41.85 32.08
CA TYR B 266 -29.21 42.18 31.98
C TYR B 266 -29.51 41.81 30.55
N LEU B 267 -29.43 42.79 29.68
CA LEU B 267 -29.62 42.56 28.26
C LEU B 267 -29.27 41.15 27.83
N LEU B 268 -28.32 40.54 28.45
CA LEU B 268 -27.99 39.24 27.95
C LEU B 268 -29.04 38.24 28.33
N ASP B 269 -29.44 38.27 29.58
CA ASP B 269 -30.50 37.39 29.95
C ASP B 269 -31.69 37.77 29.12
N ARG B 270 -32.60 38.52 29.66
CA ARG B 270 -33.66 39.04 28.84
C ARG B 270 -33.39 38.86 27.34
N THR B 286 -31.32 54.16 17.18
CA THR B 286 -31.42 53.38 15.96
C THR B 286 -30.04 52.90 15.50
N ASN B 287 -29.97 52.41 14.26
CA ASN B 287 -28.71 51.91 13.72
C ASN B 287 -27.80 53.01 13.17
N GLN B 288 -28.42 54.07 12.65
CA GLN B 288 -27.65 55.23 12.22
C GLN B 288 -26.86 55.73 13.42
N GLU B 289 -27.56 55.92 14.53
CA GLU B 289 -26.97 56.44 15.76
C GLU B 289 -25.95 55.50 16.41
N LEU B 290 -26.34 54.24 16.57
CA LEU B 290 -25.47 53.22 17.17
C LEU B 290 -24.08 53.25 16.56
N LEU B 291 -24.00 53.45 15.25
CA LEU B 291 -22.72 53.46 14.54
C LEU B 291 -21.97 54.79 14.70
N GLU B 292 -22.71 55.88 14.79
CA GLU B 292 -22.09 57.20 14.95
C GLU B 292 -21.75 57.50 16.40
N LEU B 293 -21.99 56.51 17.26
CA LEU B 293 -21.77 56.66 18.69
C LEU B 293 -20.31 56.92 19.04
N ASP B 294 -20.08 57.82 20.00
CA ASP B 294 -18.74 58.05 20.50
C ASP B 294 -18.20 56.77 21.11
N CYS B 295 -17.17 56.19 20.51
CA CYS B 295 -16.61 54.96 21.06
C CYS B 295 -15.17 54.70 20.63
N ASP B 296 -14.55 53.71 21.26
CA ASP B 296 -13.16 53.35 20.94
C ASP B 296 -13.12 52.23 19.91
N ILE B 297 -13.99 51.25 20.10
CA ILE B 297 -14.00 50.07 19.24
C ILE B 297 -15.39 49.80 18.64
N LEU B 298 -15.47 49.85 17.32
CA LEU B 298 -16.72 49.55 16.62
C LEU B 298 -16.64 48.17 15.99
N VAL B 299 -17.51 47.27 16.42
CA VAL B 299 -17.55 45.92 15.88
C VAL B 299 -18.82 45.68 15.07
N PRO B 300 -18.77 45.94 13.76
CA PRO B 300 -19.91 45.70 12.87
C PRO B 300 -20.14 44.19 12.76
N ALA B 301 -21.12 43.68 13.50
CA ALA B 301 -21.39 42.25 13.51
C ALA B 301 -22.72 41.91 12.84
N ALA B 302 -23.04 42.63 11.77
CA ALA B 302 -24.34 42.47 11.13
C ALA B 302 -24.24 42.20 9.63
N ILE B 303 -24.73 43.16 8.85
CA ILE B 303 -24.88 42.98 7.41
C ILE B 303 -23.89 43.82 6.61
N GLU B 304 -23.92 43.67 5.29
CA GLU B 304 -22.97 44.34 4.41
C GLU B 304 -23.31 45.80 4.17
N ASN B 305 -22.29 46.61 3.93
CA ASN B 305 -22.46 48.01 3.55
C ASN B 305 -23.06 48.88 4.65
N GLN B 306 -22.55 48.74 5.87
CA GLN B 306 -22.92 49.64 6.96
C GLN B 306 -22.01 50.86 6.94
N ILE B 307 -20.74 50.63 6.59
CA ILE B 307 -19.75 51.69 6.52
C ILE B 307 -19.49 52.09 5.08
N THR B 308 -20.18 53.14 4.64
CA THR B 308 -20.10 53.58 3.26
C THR B 308 -19.52 55.00 3.15
N GLU B 309 -19.12 55.38 1.93
CA GLU B 309 -18.62 56.73 1.67
C GLU B 309 -19.57 57.79 2.23
N GLU B 310 -20.84 57.43 2.33
CA GLU B 310 -21.87 58.36 2.76
C GLU B 310 -21.83 58.65 4.26
N ASN B 311 -21.14 57.80 5.02
CA ASN B 311 -21.07 57.98 6.47
C ASN B 311 -19.72 57.62 7.07
N ALA B 312 -18.75 57.30 6.22
CA ALA B 312 -17.45 56.87 6.69
C ALA B 312 -16.75 57.95 7.52
N HIS B 313 -16.94 59.21 7.14
CA HIS B 313 -16.32 60.32 7.87
C HIS B 313 -17.02 60.56 9.20
N ASN B 314 -18.17 59.93 9.38
CA ASN B 314 -18.97 60.10 10.59
C ASN B 314 -18.54 59.21 11.73
N ILE B 315 -17.85 58.11 11.40
CA ILE B 315 -17.46 57.13 12.41
C ILE B 315 -16.54 57.70 13.47
N ARG B 316 -17.01 57.69 14.72
CA ARG B 316 -16.24 58.22 15.85
C ARG B 316 -15.22 57.20 16.38
N ALA B 317 -15.46 55.93 16.12
CA ALA B 317 -14.59 54.86 16.63
C ALA B 317 -13.15 54.99 16.15
N LYS B 318 -12.21 54.57 17.00
CA LYS B 318 -10.79 54.57 16.66
C LYS B 318 -10.41 53.25 16.00
N ILE B 319 -11.13 52.19 16.34
CA ILE B 319 -10.88 50.87 15.78
C ILE B 319 -12.19 50.26 15.31
N VAL B 320 -12.19 49.73 14.10
CA VAL B 320 -13.33 48.99 13.58
C VAL B 320 -12.93 47.54 13.28
N VAL B 321 -13.47 46.60 14.04
CA VAL B 321 -13.19 45.19 13.84
C VAL B 321 -14.41 44.49 13.25
N GLU B 322 -14.30 44.06 12.00
CA GLU B 322 -15.39 43.39 11.33
C GLU B 322 -15.62 42.00 11.91
N ALA B 323 -16.86 41.73 12.30
CA ALA B 323 -17.26 40.42 12.79
C ALA B 323 -18.30 39.83 11.85
N ALA B 324 -18.32 40.33 10.62
CA ALA B 324 -19.25 39.87 9.60
C ALA B 324 -18.67 40.11 8.21
N ASN B 325 -19.42 39.71 7.18
CA ASN B 325 -18.96 39.81 5.80
C ASN B 325 -19.22 41.17 5.16
N GLY B 326 -18.16 41.76 4.61
CA GLY B 326 -18.24 43.01 3.86
C GLY B 326 -19.11 44.11 4.46
N PRO B 327 -18.92 44.40 5.76
CA PRO B 327 -19.71 45.45 6.40
C PRO B 327 -19.35 46.83 5.88
N THR B 328 -18.15 46.96 5.31
CA THR B 328 -17.66 48.26 4.86
C THR B 328 -17.28 48.24 3.38
N THR B 329 -17.89 49.14 2.61
CA THR B 329 -17.61 49.25 1.18
C THR B 329 -16.14 49.53 0.95
N LEU B 330 -15.76 49.56 -0.33
CA LEU B 330 -14.38 49.80 -0.71
C LEU B 330 -13.97 51.24 -0.35
N GLU B 331 -14.85 52.19 -0.67
CA GLU B 331 -14.61 53.59 -0.31
C GLU B 331 -14.44 53.72 1.19
N GLY B 332 -15.46 53.28 1.94
CA GLY B 332 -15.42 53.33 3.39
C GLY B 332 -14.10 52.82 3.93
N THR B 333 -13.60 51.75 3.33
CA THR B 333 -12.31 51.18 3.74
C THR B 333 -11.20 52.20 3.52
N LYS B 334 -11.25 52.88 2.38
CA LYS B 334 -10.32 53.95 2.08
C LYS B 334 -10.47 55.10 3.06
N ILE B 335 -11.69 55.62 3.17
CA ILE B 335 -11.97 56.75 4.06
C ILE B 335 -11.41 56.48 5.45
N LEU B 336 -11.78 55.34 6.03
CA LEU B 336 -11.25 54.95 7.33
C LEU B 336 -9.73 54.93 7.32
N SER B 337 -9.13 54.58 6.19
CA SER B 337 -7.68 54.52 6.06
C SER B 337 -7.08 55.93 6.10
N ASP B 338 -7.69 56.83 5.34
CA ASP B 338 -7.26 58.23 5.31
C ASP B 338 -7.35 58.83 6.70
N ARG B 339 -8.49 58.62 7.36
CA ARG B 339 -8.59 58.89 8.78
C ARG B 339 -7.74 57.82 9.45
N ASP B 340 -7.36 58.02 10.69
CA ASP B 340 -6.46 57.05 11.33
C ASP B 340 -7.21 55.89 11.98
N ILE B 341 -8.34 55.51 11.38
CA ILE B 341 -9.18 54.45 11.91
C ILE B 341 -8.70 53.06 11.51
N LEU B 342 -8.34 52.24 12.50
CA LEU B 342 -7.84 50.90 12.24
C LEU B 342 -8.97 49.92 11.92
N LEU B 343 -8.97 49.42 10.69
CA LEU B 343 -10.02 48.52 10.23
C LEU B 343 -9.53 47.08 10.10
N VAL B 344 -9.98 46.22 11.02
CA VAL B 344 -9.58 44.82 11.03
C VAL B 344 -10.48 43.99 10.12
N PRO B 345 -9.89 43.39 9.08
CA PRO B 345 -10.60 42.75 7.97
C PRO B 345 -11.33 41.49 8.41
N ASP B 346 -12.54 41.29 7.90
CA ASP B 346 -13.32 40.11 8.25
C ASP B 346 -12.53 38.83 7.99
N VAL B 347 -11.79 38.81 6.87
CA VAL B 347 -11.04 37.61 6.47
C VAL B 347 -10.03 37.18 7.53
N LEU B 348 -9.57 38.13 8.34
CA LEU B 348 -8.65 37.84 9.44
C LEU B 348 -9.41 37.64 10.75
N ALA B 349 -10.39 38.50 10.98
CA ALA B 349 -11.13 38.48 12.23
C ALA B 349 -11.92 37.19 12.45
N SER B 350 -12.35 36.56 11.36
CA SER B 350 -13.25 35.41 11.46
C SER B 350 -12.53 34.08 11.29
N ALA B 351 -11.20 34.12 11.19
CA ALA B 351 -10.41 32.93 10.93
C ALA B 351 -10.37 31.96 12.12
N GLY B 352 -11.13 32.27 13.15
CA GLY B 352 -11.20 31.42 14.33
C GLY B 352 -11.72 30.03 14.02
N GLY B 353 -12.79 29.96 13.23
CA GLY B 353 -13.38 28.68 12.86
C GLY B 353 -12.40 27.77 12.14
N VAL B 354 -11.77 28.28 11.09
CA VAL B 354 -10.79 27.52 10.32
C VAL B 354 -9.68 27.02 11.24
N THR B 355 -9.20 27.91 12.10
CA THR B 355 -8.08 27.61 13.00
C THR B 355 -8.37 26.41 13.90
N VAL B 356 -9.56 26.36 14.47
CA VAL B 356 -9.93 25.25 15.36
C VAL B 356 -10.18 23.97 14.57
N SER B 357 -10.67 24.11 13.35
CA SER B 357 -10.84 22.97 12.47
C SER B 357 -9.46 22.37 12.20
N TYR B 358 -8.47 23.24 12.09
CA TYR B 358 -7.08 22.82 11.93
C TYR B 358 -6.58 22.09 13.17
N PHE B 359 -6.92 22.61 14.34
CA PHE B 359 -6.54 21.98 15.60
C PHE B 359 -7.08 20.55 15.68
N GLU B 360 -8.32 20.36 15.23
CA GLU B 360 -8.96 19.05 15.22
C GLU B 360 -8.15 18.08 14.38
N TRP B 361 -7.67 18.56 13.24
CA TRP B 361 -6.88 17.77 12.31
C TRP B 361 -5.55 17.39 12.95
N VAL B 362 -4.93 18.35 13.62
CA VAL B 362 -3.67 18.11 14.33
C VAL B 362 -3.85 17.05 15.40
N GLN B 363 -4.89 17.21 16.21
CA GLN B 363 -5.22 16.24 17.24
C GLN B 363 -5.43 14.86 16.63
N ASN B 364 -6.10 14.82 15.48
CA ASN B 364 -6.29 13.56 14.75
C ASN B 364 -4.96 12.94 14.38
N ASN B 365 -4.02 13.76 13.94
CA ASN B 365 -2.68 13.30 13.59
C ASN B 365 -1.95 12.69 14.78
N GLN B 366 -2.07 13.35 15.93
CA GLN B 366 -1.44 12.90 17.16
C GLN B 366 -2.18 11.70 17.76
N GLY B 367 -3.48 11.66 17.53
CA GLY B 367 -4.32 10.69 18.21
C GLY B 367 -4.43 11.09 19.67
N PHE B 368 -4.20 12.38 19.93
CA PHE B 368 -4.27 12.94 21.27
C PHE B 368 -5.14 14.18 21.26
N TYR B 369 -6.02 14.31 22.24
CA TYR B 369 -7.01 15.37 22.19
C TYR B 369 -6.89 16.44 23.26
N TRP B 370 -7.07 17.68 22.82
CA TRP B 370 -6.73 18.86 23.60
C TRP B 370 -7.84 19.31 24.53
N SER B 371 -7.44 19.73 25.74
CA SER B 371 -8.36 20.32 26.69
C SER B 371 -8.93 21.60 26.10
N GLU B 372 -10.06 22.05 26.64
CA GLU B 372 -10.72 23.25 26.14
C GLU B 372 -9.79 24.45 26.27
N GLU B 373 -9.01 24.46 27.34
CA GLU B 373 -8.06 25.54 27.59
C GLU B 373 -6.92 25.53 26.57
N GLU B 374 -6.41 24.34 26.29
CA GLU B 374 -5.30 24.19 25.36
C GLU B 374 -5.69 24.67 23.97
N VAL B 375 -6.91 24.33 23.55
CA VAL B 375 -7.43 24.83 22.29
C VAL B 375 -7.45 26.35 22.32
N GLU B 376 -7.98 26.90 23.41
CA GLU B 376 -8.11 28.35 23.57
C GLU B 376 -6.79 29.07 23.37
N GLU B 377 -5.76 28.64 24.10
CA GLU B 377 -4.47 29.32 24.05
C GLU B 377 -3.82 29.26 22.67
N LYS B 378 -3.87 28.08 22.04
CA LYS B 378 -3.29 27.94 20.71
C LYS B 378 -4.06 28.81 19.72
N LEU B 379 -5.38 28.86 19.87
CA LEU B 379 -6.21 29.73 19.06
C LEU B 379 -5.75 31.16 19.20
N GLU B 380 -5.39 31.54 20.43
CA GLU B 380 -4.94 32.90 20.71
C GLU B 380 -3.59 33.19 20.08
N LYS B 381 -2.61 32.33 20.36
CA LYS B 381 -1.26 32.51 19.84
C LYS B 381 -1.26 32.66 18.32
N MET B 382 -2.06 31.87 17.63
CA MET B 382 -2.12 31.93 16.17
C MET B 382 -2.80 33.19 15.68
N MET B 383 -3.91 33.57 16.33
CA MET B 383 -4.62 34.80 15.98
C MET B 383 -3.74 36.01 16.23
N VAL B 384 -3.11 36.05 17.41
CA VAL B 384 -2.18 37.12 17.73
C VAL B 384 -1.05 37.19 16.70
N LYS B 385 -0.39 36.06 16.48
CA LYS B 385 0.69 35.97 15.49
C LYS B 385 0.21 36.47 14.13
N SER B 386 -1.00 36.06 13.75
CA SER B 386 -1.57 36.45 12.46
C SER B 386 -1.91 37.93 12.41
N PHE B 387 -2.62 38.42 13.43
CA PHE B 387 -2.97 39.83 13.49
C PHE B 387 -1.71 40.68 13.31
N ASN B 388 -0.66 40.31 14.04
CA ASN B 388 0.57 41.09 14.08
C ASN B 388 1.40 41.10 12.80
N ASN B 389 1.49 39.95 12.12
CA ASN B 389 2.13 39.90 10.81
C ASN B 389 1.42 40.83 9.85
N ILE B 390 0.09 40.74 9.83
CA ILE B 390 -0.73 41.56 8.96
C ILE B 390 -0.69 43.05 9.33
N TYR B 391 -0.78 43.35 10.62
CA TYR B 391 -0.70 44.73 11.08
C TYR B 391 0.63 45.35 10.69
N GLU B 392 1.72 44.63 10.94
CA GLU B 392 3.06 45.15 10.68
C GLU B 392 3.36 45.33 9.20
N MET B 393 2.86 44.44 8.35
CA MET B 393 3.03 44.59 6.91
C MET B 393 2.25 45.80 6.42
N ALA B 394 1.06 46.00 6.98
CA ALA B 394 0.23 47.14 6.61
C ALA B 394 0.92 48.43 7.01
N ASN B 395 1.55 48.42 8.17
CA ASN B 395 2.25 49.58 8.71
C ASN B 395 3.50 49.90 7.91
N ASN B 396 4.30 48.87 7.64
CA ASN B 396 5.54 49.04 6.88
C ASN B 396 5.27 49.50 5.44
N ARG B 397 4.20 48.97 4.86
CA ARG B 397 3.89 49.22 3.45
C ARG B 397 2.85 50.33 3.24
N ARG B 398 2.47 51.02 4.31
CA ARG B 398 1.55 52.14 4.21
C ARG B 398 0.23 51.79 3.51
N ILE B 399 -0.34 50.64 3.86
CA ILE B 399 -1.62 50.23 3.30
C ILE B 399 -2.55 49.68 4.38
N ASP B 400 -3.84 49.59 4.07
CA ASP B 400 -4.82 49.10 5.03
C ASP B 400 -4.64 47.61 5.34
N MET B 401 -5.22 47.16 6.45
CA MET B 401 -5.07 45.77 6.90
C MET B 401 -5.77 44.77 5.98
N ARG B 402 -6.86 45.21 5.36
CA ARG B 402 -7.55 44.39 4.36
C ARG B 402 -6.56 43.90 3.32
N LEU B 403 -5.98 44.85 2.59
CA LEU B 403 -5.04 44.55 1.52
C LEU B 403 -3.83 43.75 2.00
N ALA B 404 -3.33 44.08 3.18
CA ALA B 404 -2.16 43.40 3.74
C ALA B 404 -2.49 41.96 4.14
N ALA B 405 -3.72 41.74 4.59
CA ALA B 405 -4.17 40.39 4.90
C ALA B 405 -4.19 39.56 3.64
N TYR B 406 -4.71 40.14 2.57
CA TYR B 406 -4.76 39.49 1.28
C TYR B 406 -3.37 39.08 0.81
N MET B 407 -2.39 39.97 1.01
CA MET B 407 -1.02 39.67 0.62
C MET B 407 -0.48 38.51 1.44
N VAL B 408 -0.70 38.56 2.75
CA VAL B 408 -0.23 37.52 3.64
C VAL B 408 -0.98 36.21 3.39
N GLY B 409 -2.24 36.32 3.00
CA GLY B 409 -3.03 35.15 2.68
C GLY B 409 -2.59 34.46 1.40
N VAL B 410 -2.04 35.26 0.49
CA VAL B 410 -1.66 34.77 -0.84
C VAL B 410 -0.17 34.49 -0.98
N ARG B 411 0.64 35.09 -0.10
CA ARG B 411 2.09 35.02 -0.18
C ARG B 411 2.68 33.64 0.10
N LYS B 412 2.08 32.91 1.04
CA LYS B 412 2.65 31.64 1.47
C LYS B 412 2.66 30.59 0.36
N MET B 413 1.53 30.41 -0.31
CA MET B 413 1.40 29.43 -1.39
C MET B 413 2.17 29.87 -2.64
N ALA B 414 2.43 31.16 -2.73
CA ALA B 414 3.22 31.72 -3.81
C ALA B 414 4.70 31.37 -3.60
N GLU B 415 5.15 31.48 -2.36
CA GLU B 415 6.52 31.11 -2.00
C GLU B 415 6.71 29.61 -2.13
N ALA B 416 5.76 28.85 -1.62
CA ALA B 416 5.81 27.39 -1.67
C ALA B 416 5.81 26.90 -3.12
N SER B 417 4.86 27.40 -3.91
CA SER B 417 4.77 27.01 -5.32
C SER B 417 6.06 27.30 -6.08
N ARG B 418 6.70 28.41 -5.75
CA ARG B 418 7.99 28.76 -6.37
C ARG B 418 9.10 27.83 -5.88
N PHE B 419 9.12 27.56 -4.58
CA PHE B 419 10.13 26.69 -3.99
C PHE B 419 10.08 25.29 -4.58
N ARG B 420 8.87 24.85 -4.92
CA ARG B 420 8.67 23.49 -5.42
C ARG B 420 8.73 23.42 -6.95
N GLY B 421 9.04 24.54 -7.58
CA GLY B 421 9.32 24.56 -9.00
C GLY B 421 8.10 24.57 -9.91
N TRP B 422 6.94 24.89 -9.34
CA TRP B 422 5.71 25.02 -10.11
C TRP B 422 5.70 26.33 -10.89
N ILE B 423 6.34 27.34 -10.33
CA ILE B 423 6.51 28.63 -11.01
C ILE B 423 7.79 29.33 -10.56
N VAL C 17 -18.79 -15.22 32.80
CA VAL C 17 -17.76 -14.18 32.73
C VAL C 17 -18.14 -13.19 31.64
N LEU C 18 -18.16 -13.68 30.40
CA LEU C 18 -18.69 -12.92 29.28
C LEU C 18 -20.19 -12.73 29.48
N LYS C 19 -20.85 -13.80 29.91
CA LYS C 19 -22.28 -13.72 30.22
C LYS C 19 -22.52 -12.59 31.21
N SER C 20 -21.74 -12.58 32.28
CA SER C 20 -21.84 -11.54 33.31
C SER C 20 -21.55 -10.13 32.78
N THR C 21 -20.48 -9.97 32.02
CA THR C 21 -20.13 -8.67 31.44
C THR C 21 -21.31 -8.13 30.64
N GLN C 22 -22.06 -9.05 30.04
CA GLN C 22 -23.17 -8.69 29.18
C GLN C 22 -24.40 -8.24 29.96
N THR C 23 -24.63 -8.85 31.13
CA THR C 23 -25.76 -8.44 31.96
C THR C 23 -25.57 -6.99 32.38
N VAL C 24 -24.36 -6.66 32.84
CA VAL C 24 -24.04 -5.32 33.31
C VAL C 24 -24.01 -4.29 32.18
N ILE C 25 -23.53 -4.69 31.02
CA ILE C 25 -23.56 -3.80 29.85
C ILE C 25 -25.00 -3.56 29.42
N HIS C 26 -25.80 -4.63 29.42
CA HIS C 26 -27.21 -4.51 29.10
C HIS C 26 -27.87 -3.56 30.10
N LYS C 27 -27.66 -3.82 31.39
CA LYS C 27 -28.21 -2.97 32.42
C LYS C 27 -27.73 -1.55 32.20
N ALA C 28 -26.42 -1.40 32.02
CA ALA C 28 -25.84 -0.09 31.74
C ALA C 28 -26.58 0.56 30.58
N LEU C 29 -26.46 -0.02 29.39
CA LEU C 29 -27.13 0.49 28.20
C LEU C 29 -28.56 0.94 28.48
N GLU C 30 -29.37 0.04 29.02
CA GLU C 30 -30.77 0.31 29.33
C GLU C 30 -30.93 1.49 30.29
N LYS C 31 -30.17 1.47 31.37
CA LYS C 31 -30.24 2.53 32.37
C LYS C 31 -30.03 3.90 31.74
N LEU C 32 -29.31 3.93 30.62
CA LEU C 32 -29.07 5.18 29.89
C LEU C 32 -30.16 5.45 28.86
N GLY C 33 -31.10 4.52 28.75
CA GLY C 33 -32.25 4.68 27.88
C GLY C 33 -31.98 4.33 26.44
N TYR C 34 -31.10 3.36 26.22
CA TYR C 34 -30.75 2.95 24.87
C TYR C 34 -31.67 1.87 24.32
N PRO C 35 -31.91 1.91 23.00
CA PRO C 35 -32.61 0.84 22.29
C PRO C 35 -31.88 -0.48 22.49
N GLU C 36 -32.62 -1.58 22.48
CA GLU C 36 -32.03 -2.90 22.64
C GLU C 36 -30.90 -3.11 21.64
N GLU C 37 -31.06 -2.52 20.46
CA GLU C 37 -30.12 -2.70 19.34
C GLU C 37 -28.67 -2.41 19.70
N VAL C 38 -28.47 -1.43 20.58
CA VAL C 38 -27.13 -1.04 20.99
C VAL C 38 -26.45 -2.13 21.80
N TYR C 39 -27.22 -2.77 22.69
CA TYR C 39 -26.70 -3.91 23.43
C TYR C 39 -26.29 -5.00 22.45
N GLU C 40 -27.20 -5.33 21.54
CA GLU C 40 -26.94 -6.35 20.55
C GLU C 40 -25.62 -6.09 19.83
N LEU C 41 -25.34 -4.83 19.53
CA LEU C 41 -24.13 -4.48 18.80
C LEU C 41 -22.89 -4.58 19.68
N LEU C 42 -23.01 -4.14 20.93
CA LEU C 42 -21.86 -4.08 21.83
C LEU C 42 -21.59 -5.40 22.55
N LYS C 43 -22.61 -6.26 22.64
CA LYS C 43 -22.52 -7.46 23.48
C LYS C 43 -21.39 -8.42 23.12
N GLU C 44 -20.79 -8.24 21.95
CA GLU C 44 -19.78 -9.15 21.43
C GLU C 44 -18.86 -8.43 20.43
N PRO C 45 -17.58 -8.81 20.38
CA PRO C 45 -16.69 -8.10 19.45
C PRO C 45 -17.15 -8.28 18.00
N MET C 46 -17.08 -7.19 17.23
CA MET C 46 -17.55 -7.21 15.85
C MET C 46 -16.63 -8.03 14.95
N ARG C 47 -15.40 -8.22 15.40
CA ARG C 47 -14.43 -8.97 14.61
C ARG C 47 -13.55 -9.84 15.50
N LEU C 48 -13.67 -11.16 15.36
CA LEU C 48 -12.77 -12.05 16.08
C LEU C 48 -11.97 -12.93 15.14
N LEU C 49 -10.65 -12.81 15.23
CA LEU C 49 -9.77 -13.60 14.40
C LEU C 49 -9.08 -14.67 15.22
N THR C 50 -9.32 -15.94 14.87
CA THR C 50 -8.59 -17.05 15.47
C THR C 50 -7.67 -17.72 14.45
N VAL C 51 -6.45 -18.01 14.87
CA VAL C 51 -5.38 -18.39 13.95
C VAL C 51 -4.58 -19.57 14.48
N LYS C 52 -4.08 -20.40 13.57
CA LYS C 52 -3.20 -21.51 13.94
C LYS C 52 -1.77 -21.15 13.54
N ILE C 53 -0.85 -21.27 14.49
CA ILE C 53 0.51 -20.77 14.31
C ILE C 53 1.56 -21.86 14.47
N PRO C 54 2.12 -22.32 13.35
CA PRO C 54 3.13 -23.40 13.38
C PRO C 54 4.43 -22.89 13.99
N VAL C 55 4.98 -23.62 14.96
CA VAL C 55 6.20 -23.18 15.62
C VAL C 55 7.27 -24.26 15.69
N ARG C 56 8.39 -23.99 15.03
CA ARG C 56 9.56 -24.86 15.14
C ARG C 56 10.05 -24.85 16.57
N MET C 57 9.96 -25.99 17.23
CA MET C 57 10.37 -26.13 18.62
C MET C 57 11.83 -26.53 18.67
N ASP C 58 12.51 -26.20 19.76
CA ASP C 58 13.93 -26.50 19.88
C ASP C 58 14.22 -27.98 19.71
N ASP C 59 13.27 -28.82 20.12
CA ASP C 59 13.47 -30.26 20.04
C ASP C 59 13.29 -30.75 18.61
N GLY C 60 13.26 -29.81 17.67
CA GLY C 60 13.16 -30.13 16.26
C GLY C 60 11.76 -30.53 15.83
N SER C 61 10.83 -30.51 16.77
CA SER C 61 9.44 -30.80 16.45
C SER C 61 8.73 -29.51 16.03
N VAL C 62 7.47 -29.65 15.62
CA VAL C 62 6.68 -28.50 15.21
C VAL C 62 5.30 -28.54 15.87
N LYS C 63 4.96 -27.47 16.58
CA LYS C 63 3.71 -27.42 17.33
C LYS C 63 2.78 -26.33 16.80
N ILE C 64 1.49 -26.64 16.74
CA ILE C 64 0.49 -25.66 16.30
C ILE C 64 -0.14 -24.95 17.50
N PHE C 65 0.16 -23.66 17.63
CA PHE C 65 -0.41 -22.85 18.71
C PHE C 65 -1.64 -22.10 18.20
N THR C 66 -2.69 -22.08 19.02
CA THR C 66 -3.93 -21.39 18.67
C THR C 66 -3.90 -19.96 19.21
N GLY C 67 -4.14 -18.99 18.32
CA GLY C 67 -4.15 -17.60 18.71
C GLY C 67 -5.50 -16.95 18.49
N TYR C 68 -5.76 -15.87 19.22
CA TYR C 68 -6.98 -15.11 19.03
C TYR C 68 -6.66 -13.63 19.05
N ARG C 69 -7.35 -12.87 18.20
CA ARG C 69 -7.37 -11.42 18.33
C ARG C 69 -8.81 -10.94 18.21
N ALA C 70 -9.26 -10.16 19.19
CA ALA C 70 -10.62 -9.67 19.19
C ALA C 70 -10.69 -8.15 19.09
N HIS C 71 -11.52 -7.67 18.16
CA HIS C 71 -11.85 -6.25 18.08
C HIS C 71 -13.27 -6.07 18.55
N ASN C 72 -13.47 -5.58 19.77
CA ASN C 72 -14.84 -5.34 20.18
C ASN C 72 -15.53 -4.32 19.30
N ASP C 73 -14.92 -3.14 19.14
CA ASP C 73 -15.60 -2.05 18.46
C ASP C 73 -14.65 -1.00 17.90
N SER C 74 -14.99 -0.49 16.72
CA SER C 74 -14.00 0.21 15.92
C SER C 74 -14.12 1.73 15.97
N VAL C 75 -15.13 2.24 16.68
CA VAL C 75 -15.29 3.69 16.80
C VAL C 75 -14.07 4.30 17.49
N GLY C 76 -12.93 4.13 16.85
CA GLY C 76 -11.62 4.32 17.44
C GLY C 76 -10.86 3.03 17.23
N PRO C 77 -9.56 3.13 16.94
CA PRO C 77 -8.79 1.89 16.76
C PRO C 77 -8.85 1.05 18.02
N THR C 78 -8.89 -0.26 17.89
CA THR C 78 -9.00 -1.11 19.07
C THR C 78 -7.67 -1.26 19.79
N LYS C 79 -7.74 -1.47 21.09
CA LYS C 79 -6.56 -1.48 21.95
C LYS C 79 -6.71 -2.53 23.04
N GLY C 80 -5.60 -3.20 23.37
CA GLY C 80 -5.63 -4.24 24.38
C GLY C 80 -4.46 -5.19 24.27
N GLY C 81 -4.07 -5.77 25.40
CA GLY C 81 -2.89 -6.63 25.43
C GLY C 81 -3.09 -8.03 24.89
N ILE C 82 -1.98 -8.77 24.84
CA ILE C 82 -1.98 -10.17 24.42
C ILE C 82 -1.45 -11.02 25.57
N ARG C 83 -2.21 -12.04 25.97
CA ARG C 83 -1.74 -12.94 27.00
C ARG C 83 -1.31 -14.30 26.45
N PHE C 84 -0.33 -14.90 27.11
CA PHE C 84 0.12 -16.25 26.78
C PHE C 84 -0.17 -17.12 27.99
N HIS C 85 -1.29 -17.85 27.97
CA HIS C 85 -1.63 -18.72 29.08
C HIS C 85 -2.28 -19.99 28.55
N PRO C 86 -2.08 -21.12 29.24
CA PRO C 86 -2.69 -22.38 28.81
C PRO C 86 -4.20 -22.31 28.91
N ASN C 87 -4.70 -21.47 29.83
CA ASN C 87 -6.13 -21.38 30.10
C ASN C 87 -6.84 -20.28 29.32
N VAL C 88 -6.17 -19.70 28.34
CA VAL C 88 -6.82 -18.69 27.51
C VAL C 88 -7.82 -19.39 26.60
N THR C 89 -8.95 -18.72 26.35
CA THR C 89 -10.00 -19.29 25.53
C THR C 89 -10.63 -18.19 24.69
N GLU C 90 -11.29 -18.56 23.60
CA GLU C 90 -11.95 -17.56 22.78
C GLU C 90 -12.91 -16.75 23.65
N LYS C 91 -13.65 -17.44 24.50
CA LYS C 91 -14.63 -16.78 25.35
C LYS C 91 -13.95 -15.73 26.24
N GLU C 92 -12.85 -16.11 26.88
CA GLU C 92 -12.12 -15.15 27.71
C GLU C 92 -11.68 -13.95 26.88
N VAL C 93 -11.20 -14.22 25.66
CA VAL C 93 -10.67 -13.16 24.79
C VAL C 93 -11.74 -12.14 24.40
N LYS C 94 -12.96 -12.61 24.13
CA LYS C 94 -14.05 -11.71 23.84
C LYS C 94 -14.36 -10.82 25.04
N ALA C 95 -14.57 -11.45 26.18
CA ALA C 95 -14.86 -10.75 27.42
C ALA C 95 -13.77 -9.71 27.73
N LEU C 96 -12.52 -10.10 27.52
CA LEU C 96 -11.40 -9.20 27.76
C LEU C 96 -11.46 -8.01 26.80
N SER C 97 -11.89 -8.28 25.57
CA SER C 97 -12.00 -7.23 24.56
C SER C 97 -13.07 -6.23 24.96
N ILE C 98 -14.17 -6.74 25.50
CA ILE C 98 -15.26 -5.88 25.96
C ILE C 98 -14.84 -5.05 27.17
N TRP C 99 -14.12 -5.66 28.12
CA TRP C 99 -13.57 -4.90 29.23
C TRP C 99 -12.88 -3.66 28.66
N MET C 100 -11.97 -3.91 27.72
CA MET C 100 -11.08 -2.87 27.18
C MET C 100 -11.80 -1.67 26.59
N SER C 101 -12.85 -1.92 25.82
CA SER C 101 -13.70 -0.85 25.31
C SER C 101 -14.19 -0.01 26.48
N LEU C 102 -14.65 -0.68 27.52
CA LEU C 102 -15.10 0.00 28.73
C LEU C 102 -13.99 0.81 29.39
N LYS C 103 -12.80 0.22 29.49
CA LYS C 103 -11.68 0.92 30.11
C LYS C 103 -11.36 2.20 29.34
N CYS C 104 -11.34 2.08 28.01
CA CYS C 104 -11.04 3.24 27.17
C CYS C 104 -12.16 4.27 27.22
N GLY C 105 -13.39 3.83 27.39
CA GLY C 105 -14.50 4.75 27.57
C GLY C 105 -14.38 5.43 28.91
N ILE C 106 -14.07 4.63 29.94
CA ILE C 106 -13.93 5.14 31.29
C ILE C 106 -12.81 6.17 31.44
N ILE C 107 -11.63 5.87 30.90
CA ILE C 107 -10.51 6.81 30.95
C ILE C 107 -10.69 7.91 29.89
N ASP C 108 -11.45 7.60 28.85
CA ASP C 108 -11.72 8.53 27.75
C ASP C 108 -10.53 8.64 26.79
N LEU C 109 -10.18 7.53 26.16
CA LEU C 109 -9.16 7.51 25.12
C LEU C 109 -9.84 7.29 23.78
N PRO C 110 -9.17 7.63 22.67
CA PRO C 110 -9.74 7.43 21.34
C PRO C 110 -9.49 6.00 20.92
N TYR C 111 -9.89 5.05 21.76
CA TYR C 111 -9.66 3.66 21.47
C TYR C 111 -10.94 2.85 21.49
N GLY C 112 -10.91 1.73 20.79
CA GLY C 112 -11.90 0.69 20.97
C GLY C 112 -11.23 -0.42 21.74
N GLY C 113 -12.02 -1.36 22.24
CA GLY C 113 -11.48 -2.46 23.01
C GLY C 113 -11.00 -3.59 22.12
N GLY C 114 -9.82 -4.12 22.44
CA GLY C 114 -9.28 -5.27 21.75
C GLY C 114 -8.49 -6.11 22.73
N LYS C 115 -8.21 -7.35 22.35
CA LYS C 115 -7.37 -8.21 23.18
C LYS C 115 -6.82 -9.34 22.33
N GLY C 116 -5.72 -9.92 22.79
CA GLY C 116 -5.11 -11.05 22.11
C GLY C 116 -4.84 -12.18 23.06
N GLY C 117 -4.81 -13.41 22.55
CA GLY C 117 -4.54 -14.58 23.37
C GLY C 117 -3.96 -15.72 22.55
N ILE C 118 -2.89 -16.31 23.07
CA ILE C 118 -2.30 -17.49 22.46
C ILE C 118 -2.30 -18.63 23.47
N VAL C 119 -2.97 -19.72 23.12
CA VAL C 119 -3.01 -20.87 24.02
C VAL C 119 -1.64 -21.52 24.09
N CYS C 120 -0.92 -21.23 25.16
CA CYS C 120 0.43 -21.76 25.34
C CYS C 120 0.89 -21.52 26.76
N ASP C 121 2.03 -22.11 27.14
CA ASP C 121 2.61 -21.85 28.45
C ASP C 121 4.07 -21.46 28.31
N PRO C 122 4.36 -20.16 28.40
CA PRO C 122 5.70 -19.59 28.30
C PRO C 122 6.65 -20.16 29.37
N ARG C 123 6.08 -20.73 30.43
CA ARG C 123 6.88 -21.39 31.47
C ARG C 123 7.54 -22.65 30.93
N ASP C 124 6.92 -23.24 29.91
CA ASP C 124 7.38 -24.49 29.34
C ASP C 124 8.06 -24.30 28.00
N MET C 125 8.36 -23.06 27.65
CA MET C 125 8.97 -22.78 26.36
C MET C 125 10.25 -22.00 26.51
N SER C 126 11.07 -21.99 25.45
CA SER C 126 12.35 -21.32 25.47
C SER C 126 12.28 -19.93 24.88
N PHE C 127 13.29 -19.14 25.19
CA PHE C 127 13.43 -17.77 24.70
C PHE C 127 13.25 -17.69 23.19
N ARG C 128 13.91 -18.58 22.47
CA ARG C 128 13.83 -18.62 21.00
C ARG C 128 12.44 -19.03 20.53
N GLU C 129 11.86 -20.02 21.20
CA GLU C 129 10.54 -20.53 20.85
C GLU C 129 9.50 -19.43 21.00
N LEU C 130 9.52 -18.75 22.15
CA LEU C 130 8.62 -17.64 22.41
C LEU C 130 8.72 -16.57 21.33
N GLU C 131 9.93 -16.30 20.85
CA GLU C 131 10.11 -15.34 19.77
C GLU C 131 9.45 -15.81 18.49
N ARG C 132 9.72 -17.07 18.13
CA ARG C 132 9.14 -17.63 16.92
C ARG C 132 7.62 -17.57 17.00
N LEU C 133 7.08 -17.93 18.16
CA LEU C 133 5.64 -17.86 18.38
C LEU C 133 5.12 -16.42 18.35
N SER C 134 5.87 -15.52 18.97
CA SER C 134 5.53 -14.10 18.94
C SER C 134 5.47 -13.59 17.49
N ARG C 135 6.52 -13.87 16.72
CA ARG C 135 6.58 -13.48 15.31
C ARG C 135 5.48 -14.18 14.52
N GLY C 136 5.18 -15.42 14.92
CA GLY C 136 4.15 -16.20 14.26
C GLY C 136 2.78 -15.58 14.47
N TYR C 137 2.58 -15.00 15.65
CA TYR C 137 1.33 -14.31 15.98
C TYR C 137 1.13 -13.12 15.05
N VAL C 138 2.14 -12.26 14.98
CA VAL C 138 2.07 -11.07 14.14
C VAL C 138 1.84 -11.42 12.67
N ARG C 139 2.41 -12.53 12.24
CA ARG C 139 2.31 -12.93 10.85
C ARG C 139 0.93 -13.49 10.52
N ALA C 140 0.29 -14.08 11.52
CA ALA C 140 -1.06 -14.60 11.37
C ALA C 140 -2.07 -13.46 11.27
N ILE C 141 -1.86 -12.38 12.02
CA ILE C 141 -2.87 -11.33 12.15
C ILE C 141 -2.50 -9.95 11.59
N SER C 142 -1.30 -9.80 11.03
CA SER C 142 -0.85 -8.49 10.56
C SER C 142 -1.90 -7.75 9.74
N GLN C 143 -2.66 -8.48 8.94
CA GLN C 143 -3.64 -7.87 8.03
C GLN C 143 -4.71 -7.00 8.70
N ILE C 144 -5.14 -7.39 9.90
CA ILE C 144 -6.20 -6.67 10.60
C ILE C 144 -5.66 -5.93 11.82
N VAL C 145 -4.40 -5.54 11.77
CA VAL C 145 -3.73 -4.98 12.93
C VAL C 145 -2.68 -3.94 12.51
N GLY C 146 -2.32 -3.04 13.44
CA GLY C 146 -1.32 -2.03 13.16
C GLY C 146 -1.58 -0.71 13.87
N PRO C 147 -0.65 0.24 13.73
CA PRO C 147 -0.65 1.53 14.43
C PRO C 147 -2.00 2.24 14.39
N THR C 148 -2.74 2.02 13.31
CA THR C 148 -3.96 2.78 13.04
C THR C 148 -5.21 1.91 13.12
N LYS C 149 -5.02 0.63 13.38
CA LYS C 149 -6.14 -0.32 13.38
C LYS C 149 -6.39 -0.95 14.74
N ASP C 150 -5.31 -1.42 15.37
CA ASP C 150 -5.42 -2.24 16.55
C ASP C 150 -4.06 -2.36 17.24
N VAL C 151 -3.92 -1.72 18.40
CA VAL C 151 -2.64 -1.67 19.09
C VAL C 151 -2.62 -2.57 20.33
N PRO C 152 -1.88 -3.69 20.26
CA PRO C 152 -1.74 -4.64 21.37
C PRO C 152 -0.78 -4.15 22.45
N ALA C 153 -0.54 -5.00 23.43
CA ALA C 153 0.30 -4.65 24.58
C ALA C 153 0.60 -5.89 25.40
N PRO C 154 1.38 -5.75 26.47
CA PRO C 154 1.57 -6.91 27.35
C PRO C 154 0.27 -7.27 28.07
N ASP C 155 0.22 -8.51 28.54
CA ASP C 155 -0.83 -8.99 29.43
C ASP C 155 -0.19 -10.16 30.15
N VAL C 156 -1.01 -11.08 30.65
CA VAL C 156 -0.48 -12.26 31.33
C VAL C 156 0.68 -12.89 30.58
N PHE C 157 1.76 -13.18 31.31
CA PHE C 157 2.91 -13.91 30.79
C PHE C 157 3.51 -13.36 29.50
N THR C 158 3.26 -12.09 29.21
CA THR C 158 4.01 -11.38 28.19
C THR C 158 4.63 -10.12 28.78
N ASN C 159 5.79 -9.74 28.23
CA ASN C 159 6.57 -8.62 28.73
C ASN C 159 7.01 -7.73 27.58
N SER C 160 7.85 -6.75 27.88
CA SER C 160 8.31 -5.81 26.86
C SER C 160 9.12 -6.50 25.76
N GLN C 161 9.79 -7.59 26.12
CA GLN C 161 10.61 -8.34 25.17
C GLN C 161 9.74 -8.96 24.09
N ILE C 162 8.54 -9.40 24.47
CA ILE C 162 7.62 -10.00 23.52
C ILE C 162 7.01 -8.95 22.61
N MET C 163 6.83 -7.75 23.15
CA MET C 163 6.35 -6.61 22.38
C MET C 163 7.38 -6.19 21.36
N ALA C 164 8.65 -6.21 21.78
CA ALA C 164 9.77 -5.82 20.92
C ALA C 164 9.92 -6.77 19.72
N TRP C 165 9.80 -8.06 19.97
CA TRP C 165 9.85 -9.06 18.90
C TRP C 165 8.71 -8.87 17.92
N MET C 166 7.49 -8.72 18.45
CA MET C 166 6.30 -8.52 17.63
C MET C 166 6.36 -7.21 16.87
N MET C 167 6.86 -6.16 17.51
CA MET C 167 6.97 -4.87 16.86
C MET C 167 7.90 -4.99 15.67
N ASP C 168 9.01 -5.68 15.89
CA ASP C 168 10.00 -5.85 14.84
C ASP C 168 9.38 -6.58 13.67
N GLU C 169 8.68 -7.68 13.95
CA GLU C 169 8.04 -8.45 12.90
C GLU C 169 7.06 -7.61 12.11
N TYR C 170 6.28 -6.78 12.80
CA TYR C 170 5.30 -5.96 12.11
C TYR C 170 5.98 -4.90 11.23
N SER C 171 7.05 -4.32 11.76
CA SER C 171 7.82 -3.32 11.04
C SER C 171 8.43 -3.87 9.76
N ARG C 172 8.87 -5.14 9.82
CA ARG C 172 9.46 -5.76 8.65
C ARG C 172 8.39 -6.02 7.59
N ILE C 173 7.16 -6.22 8.04
CA ILE C 173 6.05 -6.47 7.13
C ILE C 173 5.57 -5.18 6.46
N ASP C 174 5.52 -4.10 7.24
CA ASP C 174 5.15 -2.80 6.68
C ASP C 174 6.35 -2.08 6.08
N GLU C 175 7.54 -2.65 6.27
CA GLU C 175 8.76 -2.16 5.65
C GLU C 175 9.26 -0.81 6.18
N PHE C 176 8.83 -0.47 7.39
CA PHE C 176 9.35 0.70 8.09
C PHE C 176 9.04 0.58 9.57
N ASN C 177 9.73 1.34 10.41
CA ASN C 177 9.49 1.29 11.85
C ASN C 177 8.06 1.64 12.21
N SER C 178 7.42 0.74 12.94
CA SER C 178 6.00 0.89 13.26
C SER C 178 5.77 0.78 14.76
N PRO C 179 6.37 1.69 15.53
CA PRO C 179 6.29 1.67 17.00
C PRO C 179 4.85 1.67 17.50
N GLY C 180 4.01 2.47 16.85
CA GLY C 180 2.63 2.61 17.26
C GLY C 180 1.82 1.32 17.16
N PHE C 181 2.37 0.33 16.46
CA PHE C 181 1.67 -0.94 16.29
C PHE C 181 1.30 -1.57 17.62
N ILE C 182 2.23 -1.54 18.57
CA ILE C 182 2.09 -2.30 19.80
C ILE C 182 2.74 -1.56 20.97
N THR C 183 2.03 -1.46 22.09
CA THR C 183 2.52 -0.70 23.24
C THR C 183 3.15 -1.59 24.30
N GLY C 184 3.81 -0.97 25.26
CA GLY C 184 4.57 -1.70 26.26
C GLY C 184 5.94 -2.02 25.72
N LYS C 185 6.37 -1.26 24.71
CA LYS C 185 7.65 -1.50 24.07
C LYS C 185 8.79 -1.08 24.99
N PRO C 186 9.97 -1.68 24.79
CA PRO C 186 11.18 -1.18 25.46
C PRO C 186 11.38 0.30 25.14
N LEU C 187 11.89 1.06 26.10
CA LEU C 187 12.10 2.49 25.92
C LEU C 187 12.85 2.78 24.62
N VAL C 188 13.82 1.94 24.30
CA VAL C 188 14.70 2.18 23.15
C VAL C 188 14.01 1.94 21.80
N LEU C 189 12.80 1.39 21.84
CA LEU C 189 12.02 1.14 20.64
C LEU C 189 10.81 2.07 20.59
N GLY C 190 10.89 3.19 21.31
CA GLY C 190 9.78 4.12 21.37
C GLY C 190 8.77 3.70 22.44
N GLY C 191 9.25 2.97 23.44
CA GLY C 191 8.43 2.64 24.58
C GLY C 191 8.22 3.90 25.40
N SER C 192 7.31 3.87 26.36
CA SER C 192 7.06 5.06 27.18
C SER C 192 7.60 4.87 28.58
N HIS C 193 8.04 5.96 29.21
CA HIS C 193 8.34 5.91 30.63
C HIS C 193 7.03 5.64 31.34
N GLY C 194 7.08 4.83 32.39
CA GLY C 194 5.91 4.60 33.22
C GLY C 194 5.02 3.42 32.83
N ARG C 195 5.21 2.89 31.62
CA ARG C 195 4.38 1.79 31.16
C ARG C 195 4.59 0.48 31.95
N GLU C 196 5.85 0.18 32.23
CA GLU C 196 6.23 -1.07 32.90
C GLU C 196 5.34 -1.41 34.11
N SER C 197 5.06 -0.41 34.93
CA SER C 197 4.30 -0.62 36.16
C SER C 197 2.95 0.12 36.13
N ALA C 198 2.66 0.76 35.00
CA ALA C 198 1.47 1.60 34.85
C ALA C 198 0.20 1.00 35.45
N THR C 199 0.00 -0.29 35.26
CA THR C 199 -1.19 -0.95 35.77
C THR C 199 -1.27 -0.78 37.28
N ALA C 200 -0.20 -1.14 37.98
CA ALA C 200 -0.16 -1.00 39.43
C ALA C 200 -0.36 0.45 39.84
N LYS C 201 0.40 1.36 39.24
CA LYS C 201 0.25 2.79 39.51
C LYS C 201 -1.20 3.22 39.34
N GLY C 202 -1.88 2.57 38.40
CA GLY C 202 -3.28 2.88 38.14
C GLY C 202 -4.18 2.40 39.26
N VAL C 203 -3.87 1.24 39.81
CA VAL C 203 -4.62 0.70 40.92
C VAL C 203 -4.33 1.51 42.18
N THR C 204 -3.06 1.86 42.35
CA THR C 204 -2.62 2.64 43.50
C THR C 204 -3.44 3.92 43.60
N ILE C 205 -3.36 4.73 42.56
CA ILE C 205 -4.14 5.96 42.49
C ILE C 205 -5.60 5.70 42.85
N CYS C 206 -6.16 4.62 42.31
CA CYS C 206 -7.53 4.25 42.59
C CYS C 206 -7.76 3.87 44.05
N ILE C 207 -6.76 3.24 44.66
CA ILE C 207 -6.84 2.93 46.08
C ILE C 207 -6.82 4.20 46.90
N LYS C 208 -5.81 5.04 46.68
CA LYS C 208 -5.69 6.32 47.37
C LYS C 208 -7.01 7.10 47.35
N GLU C 209 -7.66 7.14 46.19
CA GLU C 209 -8.93 7.85 46.06
C GLU C 209 -10.03 7.22 46.90
N ALA C 210 -10.13 5.89 46.82
CA ALA C 210 -11.11 5.14 47.59
C ALA C 210 -10.83 5.25 49.10
N ALA C 211 -9.54 5.25 49.46
CA ALA C 211 -9.14 5.46 50.83
C ALA C 211 -9.61 6.82 51.33
N LYS C 212 -9.19 7.87 50.63
CA LYS C 212 -9.57 9.23 50.98
C LYS C 212 -11.09 9.39 51.04
N LYS C 213 -11.77 8.56 50.25
CA LYS C 213 -13.22 8.60 50.15
C LYS C 213 -13.89 7.96 51.36
N ARG C 214 -13.21 6.98 51.95
CA ARG C 214 -13.74 6.26 53.11
C ARG C 214 -13.21 6.79 54.43
N GLY C 215 -12.33 7.78 54.37
CA GLY C 215 -11.68 8.26 55.57
C GLY C 215 -10.72 7.21 56.09
N ILE C 216 -10.00 6.56 55.18
CA ILE C 216 -8.98 5.59 55.54
C ILE C 216 -7.59 6.16 55.29
N ASP C 217 -6.74 6.08 56.30
CA ASP C 217 -5.38 6.61 56.23
C ASP C 217 -4.45 5.54 55.65
N ILE C 218 -3.90 5.81 54.48
CA ILE C 218 -2.98 4.87 53.84
C ILE C 218 -1.73 4.74 54.69
N LYS C 219 -1.45 5.77 55.48
CA LYS C 219 -0.22 5.85 56.26
C LYS C 219 0.07 4.56 57.05
N GLY C 220 -0.99 3.89 57.48
CA GLY C 220 -0.85 2.66 58.23
C GLY C 220 -1.93 1.66 57.88
N ALA C 221 -2.48 1.78 56.68
CA ALA C 221 -3.56 0.90 56.24
C ALA C 221 -3.06 -0.51 55.98
N ARG C 222 -3.90 -1.49 56.29
CA ARG C 222 -3.58 -2.88 56.03
C ARG C 222 -4.17 -3.30 54.68
N VAL C 223 -3.28 -3.61 53.74
CA VAL C 223 -3.69 -3.96 52.38
C VAL C 223 -3.32 -5.40 52.04
N VAL C 224 -4.30 -6.16 51.57
CA VAL C 224 -4.06 -7.52 51.09
C VAL C 224 -4.11 -7.54 49.56
N VAL C 225 -3.10 -8.16 48.95
CA VAL C 225 -3.03 -8.24 47.50
C VAL C 225 -2.98 -9.69 47.05
N GLN C 226 -4.02 -10.13 46.34
CA GLN C 226 -4.03 -11.47 45.76
C GLN C 226 -3.39 -11.45 44.39
N GLY C 227 -2.36 -12.26 44.21
CA GLY C 227 -1.61 -12.25 42.96
C GLY C 227 -0.35 -11.45 43.13
N PHE C 228 0.75 -11.99 42.60
CA PHE C 228 2.04 -11.34 42.72
C PHE C 228 2.67 -11.18 41.33
N GLY C 229 1.82 -11.09 40.31
CA GLY C 229 2.27 -10.87 38.95
C GLY C 229 2.78 -9.45 38.75
N ASN C 230 2.81 -9.00 37.50
CA ASN C 230 3.28 -7.66 37.17
C ASN C 230 2.45 -6.57 37.81
N ALA C 231 1.13 -6.81 37.87
CA ALA C 231 0.21 -5.87 38.49
C ALA C 231 0.29 -5.98 40.01
N GLY C 232 0.27 -7.21 40.50
CA GLY C 232 0.35 -7.48 41.92
C GLY C 232 1.60 -7.01 42.62
N SER C 233 2.78 -7.35 42.10
CA SER C 233 4.03 -7.02 42.77
C SER C 233 4.27 -5.51 42.81
N TYR C 234 4.39 -4.89 41.64
CA TYR C 234 4.55 -3.45 41.56
C TYR C 234 3.55 -2.75 42.47
N LEU C 235 2.33 -3.27 42.51
CA LEU C 235 1.30 -2.72 43.38
C LEU C 235 1.73 -2.77 44.85
N ALA C 236 1.93 -3.98 45.35
CA ALA C 236 2.29 -4.17 46.74
C ALA C 236 3.40 -3.19 47.13
N LYS C 237 4.38 -3.05 46.27
CA LYS C 237 5.51 -2.16 46.52
C LYS C 237 5.03 -0.71 46.65
N PHE C 238 4.21 -0.26 45.71
CA PHE C 238 3.67 1.09 45.73
C PHE C 238 2.84 1.37 46.99
N MET C 239 2.18 0.33 47.50
CA MET C 239 1.44 0.45 48.74
C MET C 239 2.39 0.50 49.92
N HIS C 240 3.44 -0.31 49.86
CA HIS C 240 4.47 -0.32 50.90
C HIS C 240 5.12 1.06 51.01
N ASP C 241 5.52 1.61 49.87
CA ASP C 241 6.20 2.90 49.84
C ASP C 241 5.25 4.04 50.19
N ALA C 242 3.95 3.82 49.97
CA ALA C 242 2.94 4.77 50.41
C ALA C 242 2.78 4.69 51.92
N GLY C 243 3.50 3.74 52.53
CA GLY C 243 3.50 3.59 53.97
C GLY C 243 2.45 2.60 54.45
N ALA C 244 1.82 1.93 53.51
CA ALA C 244 0.78 0.97 53.85
C ALA C 244 1.38 -0.33 54.37
N LYS C 245 0.57 -1.09 55.09
CA LYS C 245 0.95 -2.43 55.51
C LYS C 245 0.37 -3.44 54.54
N VAL C 246 1.20 -3.95 53.64
CA VAL C 246 0.81 -5.05 52.78
C VAL C 246 0.91 -6.34 53.59
N VAL C 247 -0.21 -6.75 54.17
CA VAL C 247 -0.25 -7.86 55.11
C VAL C 247 -0.45 -9.21 54.45
N GLY C 248 -1.17 -9.23 53.34
CA GLY C 248 -1.44 -10.47 52.62
C GLY C 248 -1.04 -10.39 51.17
N ILE C 249 -0.27 -11.37 50.72
CA ILE C 249 0.17 -11.46 49.34
C ILE C 249 0.11 -12.91 48.86
N SER C 250 -0.11 -13.11 47.57
CA SER C 250 -0.22 -14.47 47.06
C SER C 250 0.14 -14.58 45.59
N ASP C 251 0.59 -15.77 45.20
CA ASP C 251 0.68 -16.16 43.81
C ASP C 251 -0.30 -17.31 43.64
N ALA C 252 -0.19 -18.06 42.56
CA ALA C 252 -1.14 -19.14 42.32
C ALA C 252 -1.12 -20.21 43.42
N TYR C 253 0.02 -20.33 44.10
CA TYR C 253 0.25 -21.47 44.97
C TYR C 253 -0.13 -21.27 46.44
N GLY C 254 -0.23 -20.01 46.85
CA GLY C 254 -0.69 -19.73 48.19
C GLY C 254 -0.42 -18.30 48.61
N GLY C 255 -0.69 -18.01 49.87
CA GLY C 255 -0.52 -16.67 50.39
C GLY C 255 0.52 -16.59 51.49
N LEU C 256 1.03 -15.38 51.69
CA LEU C 256 1.88 -15.08 52.84
C LEU C 256 1.17 -14.04 53.71
N TYR C 257 1.28 -14.22 55.01
CA TYR C 257 0.55 -13.39 55.96
C TYR C 257 1.46 -12.89 57.07
N ASP C 258 1.26 -11.64 57.45
CA ASP C 258 2.05 -10.98 58.49
C ASP C 258 1.26 -9.76 58.90
N PRO C 259 0.57 -9.85 60.05
CA PRO C 259 -0.35 -8.77 60.46
C PRO C 259 0.38 -7.43 60.51
N GLU C 260 1.71 -7.47 60.49
CA GLU C 260 2.51 -6.25 60.56
C GLU C 260 3.03 -5.78 59.21
N GLY C 261 2.74 -6.54 58.16
CA GLY C 261 3.13 -6.14 56.82
C GLY C 261 4.38 -6.83 56.32
N LEU C 262 4.20 -7.68 55.31
CA LEU C 262 5.29 -8.47 54.75
C LEU C 262 6.47 -7.63 54.28
N ASP C 263 7.65 -8.22 54.32
CA ASP C 263 8.86 -7.58 53.81
C ASP C 263 8.82 -7.55 52.29
N ILE C 264 8.11 -6.57 51.74
CA ILE C 264 7.87 -6.54 50.30
C ILE C 264 9.15 -6.57 49.48
N ASP C 265 10.08 -5.67 49.80
CA ASP C 265 11.38 -5.63 49.13
C ASP C 265 11.96 -7.02 48.98
N TYR C 266 11.84 -7.80 50.05
CA TYR C 266 12.36 -9.16 50.08
C TYR C 266 11.49 -10.11 49.25
N LEU C 267 10.18 -9.94 49.34
CA LEU C 267 9.27 -10.87 48.66
C LEU C 267 9.38 -10.82 47.15
N LEU C 268 9.54 -9.61 46.60
CA LEU C 268 9.80 -9.46 45.18
C LEU C 268 11.29 -9.66 44.88
N ASP C 269 12.08 -9.86 45.93
CA ASP C 269 13.46 -10.30 45.77
C ASP C 269 13.45 -11.77 45.35
N ARG C 270 12.76 -12.59 46.16
CA ARG C 270 12.65 -14.02 45.92
C ARG C 270 11.71 -14.32 44.75
N ARG C 271 11.08 -13.29 44.23
CA ARG C 271 10.09 -13.42 43.16
C ARG C 271 10.73 -13.82 41.83
N ASP C 272 10.07 -14.70 41.08
CA ASP C 272 10.58 -15.08 39.78
C ASP C 272 9.76 -14.50 38.62
N SER C 273 10.37 -14.54 37.43
CA SER C 273 9.76 -13.99 36.21
C SER C 273 8.23 -14.13 36.11
N PHE C 274 7.69 -15.20 36.69
CA PHE C 274 6.25 -15.48 36.55
C PHE C 274 5.41 -15.10 37.76
N GLY C 275 6.03 -14.47 38.74
CA GLY C 275 5.30 -13.93 39.89
C GLY C 275 4.98 -14.92 40.98
N THR C 276 5.70 -16.03 41.02
CA THR C 276 5.56 -16.96 42.13
C THR C 276 6.61 -16.64 43.19
N VAL C 277 6.29 -16.93 44.45
CA VAL C 277 7.21 -16.69 45.54
C VAL C 277 6.81 -17.55 46.73
N THR C 278 5.63 -18.15 46.65
CA THR C 278 5.03 -18.89 47.75
C THR C 278 5.77 -20.17 48.16
N LYS C 279 6.31 -20.88 47.17
CA LYS C 279 6.92 -22.19 47.41
C LYS C 279 8.06 -22.20 48.42
N LEU C 280 8.76 -21.06 48.53
CA LEU C 280 9.93 -20.96 49.40
C LEU C 280 9.56 -21.02 50.88
N PHE C 281 8.27 -21.09 51.16
CA PHE C 281 7.79 -21.05 52.53
C PHE C 281 6.91 -22.27 52.82
N ASN C 282 6.80 -22.60 54.10
CA ASN C 282 6.03 -23.76 54.53
C ASN C 282 4.90 -23.36 55.48
N ASP C 283 4.91 -22.09 55.87
CA ASP C 283 3.89 -21.56 56.77
C ASP C 283 2.83 -20.81 55.97
N THR C 284 2.67 -21.22 54.72
CA THR C 284 1.79 -20.51 53.80
C THR C 284 0.31 -20.76 54.09
N ILE C 285 -0.53 -19.85 53.61
CA ILE C 285 -1.98 -20.00 53.73
C ILE C 285 -2.60 -20.12 52.34
N THR C 286 -3.88 -20.52 52.30
CA THR C 286 -4.58 -20.69 51.03
C THR C 286 -4.99 -19.34 50.46
N ASN C 287 -5.27 -19.30 49.16
CA ASN C 287 -5.70 -18.09 48.49
C ASN C 287 -7.08 -17.61 48.94
N GLN C 288 -7.96 -18.55 49.28
CA GLN C 288 -9.30 -18.19 49.75
C GLN C 288 -9.28 -17.68 51.20
N GLU C 289 -8.25 -18.08 51.95
CA GLU C 289 -8.08 -17.52 53.29
C GLU C 289 -7.56 -16.10 53.19
N LEU C 290 -6.65 -15.88 52.25
CA LEU C 290 -6.08 -14.56 51.97
C LEU C 290 -7.18 -13.54 51.68
N LEU C 291 -8.18 -13.98 50.94
CA LEU C 291 -9.28 -13.11 50.54
C LEU C 291 -10.16 -12.74 51.74
N GLU C 292 -9.95 -13.45 52.85
CA GLU C 292 -10.71 -13.17 54.06
C GLU C 292 -9.81 -12.57 55.14
N LEU C 293 -8.55 -12.37 54.79
CA LEU C 293 -7.61 -11.71 55.68
C LEU C 293 -8.21 -10.42 56.24
N ASP C 294 -8.09 -10.24 57.56
CA ASP C 294 -8.52 -9.01 58.21
C ASP C 294 -7.71 -7.87 57.62
N CYS C 295 -8.39 -6.85 57.09
CA CYS C 295 -7.68 -5.76 56.45
C CYS C 295 -8.60 -4.61 56.03
N ASP C 296 -8.02 -3.51 55.58
CA ASP C 296 -8.79 -2.36 55.13
C ASP C 296 -9.11 -2.47 53.65
N ILE C 297 -8.09 -2.81 52.86
CA ILE C 297 -8.19 -2.74 51.41
C ILE C 297 -7.74 -4.04 50.75
N LEU C 298 -8.68 -4.73 50.12
CA LEU C 298 -8.39 -5.96 49.39
C LEU C 298 -8.19 -5.67 47.90
N VAL C 299 -7.10 -6.20 47.36
CA VAL C 299 -6.79 -5.97 45.95
C VAL C 299 -6.63 -7.27 45.18
N PRO C 300 -7.71 -7.76 44.56
CA PRO C 300 -7.64 -8.92 43.68
C PRO C 300 -6.82 -8.61 42.44
N ALA C 301 -5.66 -9.25 42.30
CA ALA C 301 -4.77 -9.01 41.17
C ALA C 301 -4.39 -10.32 40.49
N ALA C 302 -5.25 -11.32 40.62
CA ALA C 302 -5.00 -12.63 40.05
C ALA C 302 -6.07 -13.05 39.06
N ILE C 303 -6.54 -14.29 39.21
CA ILE C 303 -7.50 -14.86 38.28
C ILE C 303 -8.93 -14.42 38.59
N GLU C 304 -9.84 -14.74 37.68
CA GLU C 304 -11.22 -14.32 37.77
C GLU C 304 -12.00 -15.10 38.82
N ASN C 305 -13.22 -14.64 39.10
CA ASN C 305 -14.12 -15.33 40.03
C ASN C 305 -13.52 -15.70 41.37
N GLN C 306 -12.91 -14.72 42.06
CA GLN C 306 -12.32 -14.99 43.36
C GLN C 306 -13.25 -14.56 44.50
N ILE C 307 -14.13 -13.62 44.23
CA ILE C 307 -15.17 -13.23 45.19
C ILE C 307 -16.52 -13.63 44.64
N THR C 308 -17.03 -14.76 45.10
CA THR C 308 -18.30 -15.28 44.61
C THR C 308 -19.43 -15.06 45.60
N GLU C 309 -20.48 -15.85 45.42
CA GLU C 309 -21.61 -15.88 46.34
C GLU C 309 -21.19 -16.44 47.69
N GLU C 310 -20.16 -17.29 47.69
CA GLU C 310 -19.79 -18.05 48.88
C GLU C 310 -18.59 -17.54 49.68
N ASN C 311 -18.17 -16.30 49.44
CA ASN C 311 -17.16 -15.67 50.28
C ASN C 311 -17.31 -14.15 50.39
N ALA C 312 -18.26 -13.61 49.62
CA ALA C 312 -18.53 -12.18 49.63
C ALA C 312 -18.91 -11.67 51.03
N HIS C 313 -19.60 -12.50 51.80
CA HIS C 313 -19.97 -12.13 53.15
C HIS C 313 -18.79 -12.25 54.11
N ASN C 314 -17.76 -12.96 53.69
CA ASN C 314 -16.63 -13.27 54.57
C ASN C 314 -15.42 -12.35 54.41
N ILE C 315 -15.54 -11.32 53.59
CA ILE C 315 -14.42 -10.40 53.36
C ILE C 315 -14.40 -9.21 54.33
N ARG C 316 -13.24 -8.98 54.95
CA ARG C 316 -13.13 -8.02 56.05
C ARG C 316 -12.76 -6.59 55.62
N ALA C 317 -12.38 -6.42 54.35
CA ALA C 317 -11.99 -5.10 53.86
C ALA C 317 -13.19 -4.23 53.50
N LYS C 318 -13.10 -2.94 53.86
CA LYS C 318 -14.15 -1.98 53.54
C LYS C 318 -13.92 -1.37 52.17
N ILE C 319 -12.76 -1.67 51.58
CA ILE C 319 -12.43 -1.21 50.24
C ILE C 319 -11.84 -2.34 49.40
N VAL C 320 -12.49 -2.68 48.28
CA VAL C 320 -11.94 -3.67 47.38
C VAL C 320 -11.76 -3.14 45.95
N VAL C 321 -10.51 -3.07 45.53
CA VAL C 321 -10.15 -2.51 44.24
C VAL C 321 -9.68 -3.61 43.29
N GLU C 322 -10.36 -3.74 42.15
CA GLU C 322 -10.06 -4.82 41.22
C GLU C 322 -8.95 -4.49 40.25
N ALA C 323 -7.77 -5.04 40.50
CA ALA C 323 -6.62 -4.85 39.61
C ALA C 323 -6.63 -5.91 38.51
N ALA C 324 -7.37 -6.99 38.75
CA ALA C 324 -7.49 -8.06 37.77
C ALA C 324 -8.83 -7.96 37.05
N ASN C 325 -8.86 -8.45 35.81
CA ASN C 325 -10.12 -8.53 35.08
C ASN C 325 -11.08 -9.50 35.76
N GLY C 326 -12.32 -9.06 35.92
CA GLY C 326 -13.38 -9.89 36.48
C GLY C 326 -13.04 -10.79 37.65
N PRO C 327 -12.62 -10.21 38.78
CA PRO C 327 -12.26 -10.98 39.97
C PRO C 327 -13.49 -11.30 40.82
N THR C 328 -14.56 -10.51 40.69
CA THR C 328 -15.76 -10.74 41.49
C THR C 328 -16.99 -10.94 40.61
N THR C 329 -17.86 -11.86 41.02
CA THR C 329 -19.06 -12.19 40.25
C THR C 329 -20.18 -11.19 40.53
N LEU C 330 -21.30 -11.38 39.84
CA LEU C 330 -22.47 -10.53 40.02
C LEU C 330 -22.89 -10.44 41.48
N GLU C 331 -23.36 -11.58 42.01
CA GLU C 331 -23.77 -11.66 43.40
C GLU C 331 -22.63 -11.24 44.35
N GLY C 332 -21.41 -11.63 44.01
CA GLY C 332 -20.26 -11.17 44.75
C GLY C 332 -20.29 -9.66 44.84
N THR C 333 -20.62 -9.01 43.74
CA THR C 333 -20.69 -7.56 43.68
C THR C 333 -21.91 -6.98 44.39
N LYS C 334 -23.07 -7.61 44.22
CA LYS C 334 -24.27 -7.17 44.91
C LYS C 334 -24.06 -7.27 46.42
N ILE C 335 -23.59 -8.44 46.85
CA ILE C 335 -23.32 -8.66 48.27
C ILE C 335 -22.39 -7.58 48.83
N LEU C 336 -21.30 -7.30 48.12
CA LEU C 336 -20.33 -6.29 48.56
C LEU C 336 -21.02 -4.95 48.78
N SER C 337 -22.09 -4.72 48.01
CA SER C 337 -22.86 -3.50 48.12
C SER C 337 -23.83 -3.56 49.29
N ASP C 338 -24.62 -4.63 49.36
CA ASP C 338 -25.52 -4.86 50.47
C ASP C 338 -24.87 -4.49 51.80
N ARG C 339 -23.66 -5.00 52.03
CA ARG C 339 -22.92 -4.66 53.25
C ARG C 339 -21.86 -3.58 53.06
N ASP C 340 -22.26 -2.49 52.40
CA ASP C 340 -21.52 -1.22 52.46
C ASP C 340 -20.01 -1.32 52.25
N ILE C 341 -19.57 -2.17 51.34
CA ILE C 341 -18.15 -2.24 50.98
C ILE C 341 -17.90 -1.47 49.68
N LEU C 342 -16.80 -0.72 49.63
CA LEU C 342 -16.49 0.12 48.48
C LEU C 342 -15.70 -0.64 47.41
N LEU C 343 -16.36 -0.99 46.30
CA LEU C 343 -15.72 -1.76 45.23
C LEU C 343 -15.36 -0.93 44.01
N VAL C 344 -14.07 -0.72 43.78
CA VAL C 344 -13.61 -0.01 42.60
C VAL C 344 -13.45 -1.00 41.45
N PRO C 345 -14.31 -0.89 40.42
CA PRO C 345 -14.44 -1.93 39.41
C PRO C 345 -13.19 -2.09 38.56
N ASP C 346 -13.00 -3.28 38.02
CA ASP C 346 -11.84 -3.60 37.19
C ASP C 346 -11.69 -2.66 35.99
N VAL C 347 -12.82 -2.35 35.34
CA VAL C 347 -12.80 -1.53 34.13
C VAL C 347 -12.29 -0.11 34.42
N LEU C 348 -12.24 0.23 35.70
CA LEU C 348 -11.63 1.47 36.14
C LEU C 348 -10.23 1.20 36.67
N ALA C 349 -10.15 0.39 37.73
CA ALA C 349 -8.90 0.19 38.46
C ALA C 349 -7.71 -0.33 37.66
N SER C 350 -7.99 -1.19 36.68
CA SER C 350 -6.92 -1.85 35.93
C SER C 350 -6.52 -1.08 34.67
N ALA C 351 -7.07 0.11 34.48
CA ALA C 351 -6.93 0.84 33.22
C ALA C 351 -5.71 1.75 33.14
N GLY C 352 -4.78 1.61 34.08
CA GLY C 352 -3.53 2.34 34.00
C GLY C 352 -2.67 1.81 32.87
N GLY C 353 -2.82 0.52 32.58
CA GLY C 353 -2.11 -0.12 31.49
C GLY C 353 -2.42 0.55 30.16
N VAL C 354 -3.69 0.57 29.81
CA VAL C 354 -4.13 1.23 28.57
C VAL C 354 -3.73 2.69 28.57
N THR C 355 -4.05 3.39 29.66
CA THR C 355 -3.83 4.83 29.73
C THR C 355 -2.40 5.20 29.36
N VAL C 356 -1.43 4.53 29.97
CA VAL C 356 -0.03 4.77 29.62
C VAL C 356 0.32 4.16 28.27
N SER C 357 -0.27 3.01 27.95
CA SER C 357 -0.14 2.46 26.61
C SER C 357 -0.52 3.55 25.62
N TYR C 358 -1.65 4.20 25.90
CA TYR C 358 -2.16 5.26 25.04
C TYR C 358 -1.16 6.40 24.88
N PHE C 359 -0.56 6.82 25.99
CA PHE C 359 0.49 7.84 25.94
C PHE C 359 1.60 7.38 24.99
N GLU C 360 2.06 6.15 25.20
CA GLU C 360 3.11 5.57 24.37
C GLU C 360 2.74 5.69 22.90
N TRP C 361 1.47 5.45 22.60
CA TRP C 361 0.95 5.47 21.24
C TRP C 361 0.90 6.89 20.68
N VAL C 362 0.59 7.86 21.54
CA VAL C 362 0.64 9.27 21.13
C VAL C 362 2.08 9.65 20.80
N GLN C 363 2.99 9.27 21.69
CA GLN C 363 4.42 9.52 21.49
C GLN C 363 4.92 8.85 20.23
N ASN C 364 4.38 7.68 19.91
CA ASN C 364 4.72 6.99 18.67
C ASN C 364 4.17 7.77 17.48
N ASN C 365 2.94 8.25 17.62
CA ASN C 365 2.31 9.04 16.57
C ASN C 365 3.12 10.29 16.25
N GLN C 366 3.69 10.90 17.28
CA GLN C 366 4.39 12.18 17.13
C GLN C 366 5.86 12.01 16.82
N GLY C 367 6.47 10.95 17.36
CA GLY C 367 7.90 10.77 17.24
C GLY C 367 8.63 11.62 18.26
N PHE C 368 7.97 11.88 19.39
CA PHE C 368 8.53 12.72 20.44
C PHE C 368 8.12 12.14 21.78
N TYR C 369 9.06 12.06 22.71
CA TYR C 369 8.81 11.28 23.92
C TYR C 369 8.74 12.04 25.25
N TRP C 370 7.87 11.56 26.13
CA TRP C 370 7.55 12.20 27.39
C TRP C 370 8.50 11.76 28.51
N SER C 371 8.63 12.62 29.52
CA SER C 371 9.44 12.29 30.69
C SER C 371 8.60 11.47 31.65
N GLU C 372 9.25 10.81 32.61
CA GLU C 372 8.54 10.04 33.60
C GLU C 372 7.54 10.94 34.30
N GLU C 373 7.96 12.17 34.58
CA GLU C 373 7.13 13.13 35.29
C GLU C 373 5.86 13.46 34.52
N GLU C 374 5.99 13.62 33.21
CA GLU C 374 4.85 13.92 32.34
C GLU C 374 3.87 12.76 32.26
N VAL C 375 4.39 11.54 32.19
CA VAL C 375 3.55 10.36 32.17
C VAL C 375 2.83 10.19 33.51
N GLU C 376 3.60 10.29 34.59
CA GLU C 376 3.06 10.16 35.93
C GLU C 376 1.93 11.16 36.15
N GLU C 377 2.14 12.39 35.70
CA GLU C 377 1.14 13.44 35.88
C GLU C 377 -0.13 13.19 35.07
N LYS C 378 0.03 12.99 33.76
CA LYS C 378 -1.10 12.73 32.88
C LYS C 378 -1.87 11.49 33.33
N LEU C 379 -1.13 10.45 33.68
CA LEU C 379 -1.75 9.22 34.18
C LEU C 379 -2.64 9.50 35.37
N GLU C 380 -2.08 10.12 36.39
CA GLU C 380 -2.82 10.43 37.60
C GLU C 380 -4.06 11.27 37.33
N LYS C 381 -3.89 12.31 36.50
CA LYS C 381 -4.99 13.24 36.23
C LYS C 381 -6.21 12.55 35.63
N MET C 382 -5.97 11.62 34.70
CA MET C 382 -7.05 10.94 34.01
C MET C 382 -7.75 9.90 34.90
N MET C 383 -6.97 9.11 35.64
CA MET C 383 -7.52 8.11 36.54
C MET C 383 -8.39 8.76 37.61
N VAL C 384 -7.80 9.70 38.35
CA VAL C 384 -8.53 10.45 39.36
C VAL C 384 -9.83 10.99 38.77
N LYS C 385 -9.71 11.60 37.60
CA LYS C 385 -10.86 12.15 36.90
C LYS C 385 -11.90 11.09 36.60
N SER C 386 -11.42 9.88 36.29
CA SER C 386 -12.29 8.76 35.98
C SER C 386 -12.95 8.16 37.22
N PHE C 387 -12.18 8.02 38.29
CA PHE C 387 -12.75 7.51 39.54
C PHE C 387 -13.89 8.40 40.02
N ASN C 388 -13.68 9.71 39.96
CA ASN C 388 -14.66 10.68 40.43
C ASN C 388 -15.94 10.70 39.60
N ASN C 389 -15.81 10.63 38.28
CA ASN C 389 -16.96 10.54 37.39
C ASN C 389 -17.85 9.34 37.72
N ILE C 390 -17.19 8.22 38.04
CA ILE C 390 -17.87 6.98 38.35
C ILE C 390 -18.44 7.00 39.77
N TYR C 391 -17.61 7.42 40.72
CA TYR C 391 -18.01 7.50 42.12
C TYR C 391 -19.20 8.46 42.31
N GLU C 392 -19.18 9.58 41.58
CA GLU C 392 -20.25 10.56 41.65
C GLU C 392 -21.53 10.08 40.98
N MET C 393 -21.40 9.50 39.78
CA MET C 393 -22.58 8.98 39.07
C MET C 393 -23.16 7.76 39.77
N ALA C 394 -22.32 7.03 40.48
CA ALA C 394 -22.81 5.91 41.29
C ALA C 394 -23.62 6.47 42.45
N ASN C 395 -23.21 7.63 42.95
CA ASN C 395 -23.96 8.33 43.99
C ASN C 395 -25.31 8.76 43.48
N ASN C 396 -25.28 9.76 42.60
CA ASN C 396 -26.49 10.39 42.06
C ASN C 396 -27.56 9.41 41.59
N ARG C 397 -27.15 8.18 41.27
CA ARG C 397 -28.06 7.21 40.67
C ARG C 397 -28.53 6.10 41.61
N ARG C 398 -28.02 6.08 42.83
CA ARG C 398 -28.33 5.02 43.78
C ARG C 398 -27.94 3.66 43.22
N ILE C 399 -26.76 3.61 42.60
CA ILE C 399 -26.26 2.37 42.00
C ILE C 399 -24.79 2.12 42.36
N ASP C 400 -24.35 0.89 42.12
CA ASP C 400 -22.98 0.46 42.47
C ASP C 400 -21.94 0.89 41.45
N MET C 401 -20.66 0.77 41.83
CA MET C 401 -19.55 1.18 40.99
C MET C 401 -19.53 0.47 39.65
N ARG C 402 -19.75 -0.85 39.68
CA ARG C 402 -19.89 -1.65 38.47
C ARG C 402 -20.76 -0.94 37.45
N LEU C 403 -22.06 -0.91 37.76
CA LEU C 403 -23.07 -0.37 36.87
C LEU C 403 -22.73 1.06 36.46
N ALA C 404 -22.20 1.82 37.41
CA ALA C 404 -21.79 3.20 37.16
C ALA C 404 -20.64 3.29 36.16
N ALA C 405 -19.58 2.53 36.43
CA ALA C 405 -18.42 2.50 35.56
C ALA C 405 -18.80 2.08 34.14
N TYR C 406 -19.58 1.02 34.04
CA TYR C 406 -20.08 0.51 32.77
C TYR C 406 -20.84 1.57 31.98
N MET C 407 -21.64 2.37 32.71
CA MET C 407 -22.40 3.44 32.09
C MET C 407 -21.48 4.53 31.56
N VAL C 408 -20.39 4.78 32.27
CA VAL C 408 -19.38 5.74 31.82
C VAL C 408 -18.62 5.18 30.63
N GLY C 409 -18.20 3.93 30.74
CA GLY C 409 -17.34 3.30 29.76
C GLY C 409 -18.02 2.85 28.48
N VAL C 410 -19.34 2.94 28.42
CA VAL C 410 -20.08 2.51 27.24
C VAL C 410 -20.66 3.71 26.47
N ARG C 411 -20.67 4.86 27.14
CA ARG C 411 -21.25 6.09 26.59
C ARG C 411 -20.75 6.42 25.18
N LYS C 412 -19.44 6.58 25.03
CA LYS C 412 -18.83 6.97 23.77
C LYS C 412 -19.08 5.95 22.66
N MET C 413 -18.86 4.68 22.97
CA MET C 413 -18.99 3.61 21.99
C MET C 413 -20.41 3.54 21.44
N ALA C 414 -21.38 3.73 22.32
CA ALA C 414 -22.79 3.73 21.93
C ALA C 414 -23.11 4.96 21.08
N GLU C 415 -22.57 6.12 21.50
CA GLU C 415 -22.79 7.36 20.77
C GLU C 415 -22.09 7.35 19.41
N ALA C 416 -20.86 6.87 19.38
CA ALA C 416 -20.09 6.84 18.15
C ALA C 416 -20.68 5.86 17.13
N SER C 417 -21.11 4.69 17.62
CA SER C 417 -21.72 3.69 16.75
C SER C 417 -22.99 4.23 16.12
N ARG C 418 -23.65 5.13 16.84
CA ARG C 418 -24.89 5.75 16.38
C ARG C 418 -24.60 6.82 15.35
N PHE C 419 -23.62 7.67 15.64
CA PHE C 419 -23.22 8.73 14.72
C PHE C 419 -22.80 8.15 13.37
N ARG C 420 -22.09 7.03 13.42
CA ARG C 420 -21.48 6.44 12.23
C ARG C 420 -22.43 5.54 11.45
N GLY C 421 -23.66 5.40 11.93
CA GLY C 421 -24.71 4.72 11.20
C GLY C 421 -24.81 3.21 11.36
N TRP C 422 -24.09 2.67 12.32
CA TRP C 422 -24.13 1.23 12.56
C TRP C 422 -25.40 0.83 13.29
N ILE C 423 -25.89 1.74 14.12
CA ILE C 423 -27.09 1.51 14.90
C ILE C 423 -27.87 2.81 15.09
N VAL D 17 39.68 5.99 8.13
CA VAL D 17 39.05 6.46 6.90
C VAL D 17 37.57 6.07 6.86
N LEU D 18 37.30 4.78 6.84
CA LEU D 18 36.00 4.23 7.20
C LEU D 18 36.32 3.45 8.45
N LYS D 19 37.55 2.94 8.49
CA LYS D 19 38.04 2.17 9.63
C LYS D 19 38.16 3.02 10.88
N SER D 20 38.40 4.32 10.70
CA SER D 20 38.51 5.24 11.82
C SER D 20 37.19 5.26 12.57
N THR D 21 36.09 5.33 11.82
CA THR D 21 34.76 5.32 12.41
C THR D 21 34.51 3.99 13.09
N GLN D 22 34.98 2.92 12.45
CA GLN D 22 34.77 1.57 12.95
C GLN D 22 35.58 1.32 14.22
N THR D 23 36.77 1.92 14.29
CA THR D 23 37.60 1.83 15.48
C THR D 23 36.85 2.42 16.68
N VAL D 24 36.31 3.62 16.49
CA VAL D 24 35.53 4.28 17.53
C VAL D 24 34.35 3.41 17.95
N ILE D 25 33.60 2.92 16.97
CA ILE D 25 32.47 2.04 17.22
C ILE D 25 32.88 0.82 18.04
N HIS D 26 34.02 0.24 17.68
CA HIS D 26 34.51 -0.96 18.33
C HIS D 26 34.93 -0.65 19.77
N LYS D 27 35.78 0.37 19.91
CA LYS D 27 36.24 0.82 21.21
C LYS D 27 35.06 1.04 22.15
N ALA D 28 34.09 1.83 21.70
CA ALA D 28 32.90 2.16 22.50
C ALA D 28 32.09 0.93 22.90
N LEU D 29 31.82 0.05 21.94
CA LEU D 29 31.09 -1.19 22.23
C LEU D 29 31.91 -2.03 23.20
N GLU D 30 33.20 -2.14 22.91
CA GLU D 30 34.14 -2.84 23.77
C GLU D 30 33.91 -2.46 25.24
N LYS D 31 33.99 -1.16 25.52
CA LYS D 31 33.88 -0.65 26.88
C LYS D 31 32.52 -0.92 27.53
N LEU D 32 31.47 -0.89 26.71
CA LEU D 32 30.12 -1.19 27.18
C LEU D 32 30.02 -2.66 27.58
N GLY D 33 30.89 -3.48 27.02
CA GLY D 33 30.90 -4.90 27.32
C GLY D 33 30.05 -5.72 26.37
N TYR D 34 29.78 -5.17 25.19
CA TYR D 34 29.08 -5.91 24.15
C TYR D 34 30.01 -6.90 23.45
N PRO D 35 29.47 -8.06 23.06
CA PRO D 35 30.23 -9.10 22.36
C PRO D 35 30.65 -8.62 20.97
N GLU D 36 31.63 -9.29 20.37
CA GLU D 36 32.19 -8.87 19.08
C GLU D 36 31.12 -8.80 17.98
N GLU D 37 30.10 -9.64 18.11
CA GLU D 37 29.04 -9.75 17.11
C GLU D 37 28.25 -8.45 16.93
N VAL D 38 28.08 -7.70 18.02
CA VAL D 38 27.39 -6.41 17.96
C VAL D 38 28.19 -5.44 17.11
N TYR D 39 29.51 -5.42 17.30
CA TYR D 39 30.38 -4.58 16.48
C TYR D 39 30.24 -4.95 15.01
N GLU D 40 30.31 -6.25 14.74
CA GLU D 40 30.14 -6.75 13.38
C GLU D 40 28.85 -6.23 12.77
N LEU D 41 27.79 -6.17 13.56
CA LEU D 41 26.51 -5.67 13.06
C LEU D 41 26.56 -4.20 12.72
N LEU D 42 27.17 -3.41 13.60
CA LEU D 42 27.12 -1.96 13.52
C LEU D 42 28.23 -1.35 12.67
N LYS D 43 29.22 -2.16 12.28
CA LYS D 43 30.38 -1.65 11.55
C LYS D 43 30.09 -1.13 10.15
N GLU D 44 29.01 -1.63 9.53
CA GLU D 44 28.63 -1.19 8.19
C GLU D 44 27.14 -0.87 8.13
N PRO D 45 26.72 -0.02 7.17
CA PRO D 45 25.29 0.28 7.07
C PRO D 45 24.58 -1.01 6.70
N MET D 46 23.48 -1.32 7.37
CA MET D 46 22.77 -2.56 7.08
C MET D 46 22.13 -2.48 5.70
N ARG D 47 22.15 -1.29 5.11
CA ARG D 47 21.53 -1.05 3.82
C ARG D 47 22.23 0.07 3.06
N LEU D 48 22.76 -0.24 1.87
CA LEU D 48 23.35 0.77 1.00
C LEU D 48 22.74 0.71 -0.40
N LEU D 49 22.21 1.85 -0.83
CA LEU D 49 21.70 1.98 -2.20
C LEU D 49 22.54 2.98 -2.99
N THR D 50 23.16 2.49 -4.06
CA THR D 50 23.89 3.37 -4.97
C THR D 50 23.21 3.38 -6.33
N VAL D 51 22.99 4.58 -6.86
CA VAL D 51 22.15 4.77 -8.02
C VAL D 51 22.82 5.61 -9.10
N LYS D 52 22.41 5.39 -10.34
CA LYS D 52 22.85 6.19 -11.47
C LYS D 52 21.69 7.07 -11.93
N ILE D 53 21.91 8.38 -11.95
CA ILE D 53 20.84 9.33 -12.25
C ILE D 53 21.11 10.10 -13.53
N PRO D 54 20.31 9.83 -14.57
CA PRO D 54 20.42 10.59 -15.82
C PRO D 54 19.87 12.00 -15.63
N VAL D 55 20.65 13.01 -15.96
CA VAL D 55 20.19 14.38 -15.91
C VAL D 55 20.37 15.03 -17.27
N ARG D 56 19.33 15.68 -17.76
CA ARG D 56 19.45 16.47 -18.98
C ARG D 56 20.16 17.76 -18.64
N MET D 57 21.31 17.97 -19.26
CA MET D 57 22.09 19.19 -19.03
C MET D 57 21.62 20.28 -19.99
N ASP D 58 21.90 21.53 -19.64
CA ASP D 58 21.43 22.67 -20.42
C ASP D 58 22.03 22.69 -21.81
N ASP D 59 23.25 22.19 -21.93
CA ASP D 59 23.94 22.16 -23.22
C ASP D 59 23.37 21.09 -24.14
N GLY D 60 22.30 20.44 -23.69
CA GLY D 60 21.62 19.43 -24.49
C GLY D 60 22.10 18.02 -24.22
N SER D 61 23.27 17.90 -23.62
CA SER D 61 23.85 16.60 -23.32
C SER D 61 23.10 15.88 -22.21
N VAL D 62 23.55 14.68 -21.89
CA VAL D 62 23.00 13.93 -20.76
C VAL D 62 24.14 13.38 -19.92
N LYS D 63 24.14 13.72 -18.64
CA LYS D 63 25.19 13.28 -17.73
C LYS D 63 24.63 12.32 -16.69
N ILE D 64 25.35 11.23 -16.44
CA ILE D 64 24.89 10.24 -15.46
C ILE D 64 25.61 10.44 -14.14
N PHE D 65 24.88 10.90 -13.13
CA PHE D 65 25.46 11.13 -11.81
C PHE D 65 25.30 9.91 -10.92
N THR D 66 26.33 9.62 -10.12
CA THR D 66 26.25 8.51 -9.19
C THR D 66 25.84 9.02 -7.82
N GLY D 67 24.80 8.40 -7.26
CA GLY D 67 24.31 8.79 -5.95
C GLY D 67 24.35 7.63 -4.99
N TYR D 68 24.46 7.94 -3.70
CA TYR D 68 24.41 6.91 -2.67
C TYR D 68 23.44 7.31 -1.57
N ARG D 69 22.75 6.32 -1.02
CA ARG D 69 21.98 6.53 0.19
C ARG D 69 22.27 5.36 1.12
N ALA D 70 22.73 5.66 2.33
CA ALA D 70 23.07 4.60 3.27
C ALA D 70 22.19 4.66 4.51
N HIS D 71 21.65 3.51 4.89
CA HIS D 71 20.97 3.36 6.16
C HIS D 71 21.84 2.55 7.10
N ASN D 72 22.50 3.21 8.03
CA ASN D 72 23.32 2.46 8.97
C ASN D 72 22.51 1.42 9.76
N ASP D 73 21.54 1.88 10.53
CA ASP D 73 20.79 0.96 11.39
C ASP D 73 19.36 1.44 11.63
N SER D 74 18.43 0.49 11.67
CA SER D 74 17.01 0.80 11.50
C SER D 74 16.21 0.83 12.80
N VAL D 75 16.89 0.81 13.93
CA VAL D 75 16.21 0.86 15.23
C VAL D 75 15.50 2.20 15.44
N GLY D 76 14.76 2.60 14.41
CA GLY D 76 14.16 3.91 14.31
C GLY D 76 14.42 4.37 12.90
N PRO D 77 13.58 5.28 12.40
CA PRO D 77 13.81 5.73 11.02
C PRO D 77 15.19 6.36 10.91
N THR D 78 15.88 6.13 9.79
CA THR D 78 17.21 6.69 9.60
C THR D 78 17.11 8.17 9.23
N LYS D 79 18.20 8.89 9.49
CA LYS D 79 18.21 10.35 9.44
C LYS D 79 19.61 10.83 9.11
N GLY D 80 19.74 11.74 8.15
CA GLY D 80 21.04 12.20 7.72
C GLY D 80 21.02 12.94 6.40
N GLY D 81 21.97 13.86 6.23
CA GLY D 81 21.98 14.74 5.08
C GLY D 81 22.53 14.17 3.79
N ILE D 82 22.43 14.98 2.74
CA ILE D 82 22.93 14.64 1.41
C ILE D 82 23.91 15.70 0.97
N ARG D 83 25.12 15.29 0.58
CA ARG D 83 26.07 16.26 0.05
C ARG D 83 26.27 16.12 -1.45
N PHE D 84 26.39 17.26 -2.12
CA PHE D 84 26.75 17.32 -3.54
C PHE D 84 28.19 17.80 -3.59
N HIS D 85 29.12 16.91 -3.89
CA HIS D 85 30.53 17.26 -3.90
C HIS D 85 31.32 16.30 -4.78
N PRO D 86 32.28 16.84 -5.54
CA PRO D 86 33.07 16.01 -6.47
C PRO D 86 33.80 14.88 -5.76
N ASN D 87 34.12 15.09 -4.49
CA ASN D 87 34.94 14.14 -3.76
C ASN D 87 34.19 13.21 -2.80
N VAL D 88 32.87 13.28 -2.79
CA VAL D 88 32.09 12.37 -1.95
C VAL D 88 32.26 10.94 -2.47
N THR D 89 32.38 10.00 -1.54
CA THR D 89 32.61 8.61 -1.91
C THR D 89 31.65 7.69 -1.16
N GLU D 90 31.36 6.54 -1.76
CA GLU D 90 30.54 5.53 -1.11
C GLU D 90 31.08 5.25 0.28
N LYS D 91 32.39 5.08 0.38
CA LYS D 91 33.03 4.83 1.67
C LYS D 91 32.75 5.97 2.63
N GLU D 92 32.74 7.20 2.11
CA GLU D 92 32.49 8.36 2.95
C GLU D 92 31.05 8.38 3.49
N VAL D 93 30.06 8.24 2.60
CA VAL D 93 28.67 8.30 3.03
C VAL D 93 28.36 7.15 3.98
N LYS D 94 29.01 6.00 3.77
CA LYS D 94 28.89 4.89 4.70
C LYS D 94 29.36 5.33 6.08
N ALA D 95 30.60 5.81 6.15
CA ALA D 95 31.19 6.28 7.38
C ALA D 95 30.30 7.32 8.06
N LEU D 96 29.90 8.34 7.31
CA LEU D 96 29.07 9.42 7.83
C LEU D 96 27.73 8.92 8.35
N SER D 97 27.14 7.93 7.70
CA SER D 97 25.87 7.37 8.15
C SER D 97 26.04 6.83 9.57
N ILE D 98 27.18 6.21 9.84
CA ILE D 98 27.46 5.65 11.14
C ILE D 98 27.60 6.77 12.19
N TRP D 99 28.27 7.84 11.82
CA TRP D 99 28.43 8.98 12.73
C TRP D 99 27.09 9.58 13.11
N MET D 100 26.13 9.52 12.18
CA MET D 100 24.77 10.02 12.42
C MET D 100 24.06 9.20 13.48
N SER D 101 24.31 7.90 13.49
CA SER D 101 23.78 7.03 14.54
C SER D 101 24.32 7.49 15.89
N LEU D 102 25.63 7.67 15.97
CA LEU D 102 26.28 8.15 17.17
C LEU D 102 25.61 9.42 17.70
N LYS D 103 25.51 10.44 16.86
CA LYS D 103 24.86 11.68 17.26
C LYS D 103 23.45 11.40 17.74
N CYS D 104 22.71 10.62 16.95
CA CYS D 104 21.32 10.29 17.28
C CYS D 104 21.23 9.56 18.61
N GLY D 105 22.18 8.66 18.87
CA GLY D 105 22.24 7.99 20.15
C GLY D 105 22.57 8.99 21.24
N ILE D 106 23.51 9.88 20.95
CA ILE D 106 23.95 10.89 21.91
C ILE D 106 22.81 11.81 22.34
N ILE D 107 21.97 12.23 21.39
CA ILE D 107 20.86 13.12 21.70
C ILE D 107 19.62 12.33 22.09
N ASP D 108 19.71 11.01 21.96
CA ASP D 108 18.61 10.11 22.32
C ASP D 108 17.43 10.24 21.34
N LEU D 109 17.73 10.53 20.09
CA LEU D 109 16.70 10.65 19.06
C LEU D 109 16.09 9.29 18.74
N PRO D 110 14.83 9.29 18.26
CA PRO D 110 14.16 8.07 17.85
C PRO D 110 14.59 7.74 16.44
N TYR D 111 15.86 7.98 16.15
CA TYR D 111 16.39 7.81 14.82
C TYR D 111 17.46 6.72 14.75
N GLY D 112 17.83 6.38 13.54
CA GLY D 112 19.04 5.65 13.26
C GLY D 112 19.82 6.52 12.29
N GLY D 113 21.08 6.19 12.07
CA GLY D 113 21.91 6.99 11.18
C GLY D 113 21.69 6.69 9.71
N GLY D 114 21.62 7.75 8.91
CA GLY D 114 21.54 7.63 7.47
C GLY D 114 22.34 8.75 6.83
N LYS D 115 22.68 8.60 5.56
CA LYS D 115 23.48 9.62 4.89
C LYS D 115 23.41 9.50 3.37
N GLY D 116 23.43 10.65 2.69
CA GLY D 116 23.35 10.66 1.25
C GLY D 116 24.51 11.41 0.62
N GLY D 117 24.75 11.12 -0.66
CA GLY D 117 25.82 11.76 -1.38
C GLY D 117 25.65 11.62 -2.88
N ILE D 118 25.94 12.69 -3.60
CA ILE D 118 25.95 12.64 -5.06
C ILE D 118 27.29 13.15 -5.56
N VAL D 119 27.93 12.38 -6.43
CA VAL D 119 29.19 12.78 -7.03
C VAL D 119 28.91 13.80 -8.13
N CYS D 120 29.04 15.06 -7.77
CA CYS D 120 28.78 16.15 -8.72
C CYS D 120 29.40 17.44 -8.18
N ASP D 121 29.48 18.45 -9.03
CA ASP D 121 29.99 19.74 -8.58
C ASP D 121 28.95 20.83 -8.83
N PRO D 122 28.13 21.12 -7.80
CA PRO D 122 27.04 22.08 -7.87
C PRO D 122 27.51 23.42 -8.38
N ARG D 123 28.76 23.75 -8.09
CA ARG D 123 29.36 25.02 -8.49
C ARG D 123 29.47 25.16 -10.00
N ASP D 124 29.41 24.04 -10.71
CA ASP D 124 29.52 24.05 -12.17
C ASP D 124 28.18 23.72 -12.83
N MET D 125 27.17 23.48 -12.00
CA MET D 125 25.85 23.15 -12.49
C MET D 125 24.92 24.36 -12.39
N SER D 126 23.98 24.44 -13.32
CA SER D 126 23.03 25.53 -13.33
C SER D 126 21.90 25.27 -12.33
N PHE D 127 21.03 26.26 -12.17
CA PHE D 127 19.91 26.14 -11.24
C PHE D 127 18.97 25.01 -11.65
N ARG D 128 18.58 24.98 -12.93
CA ARG D 128 17.64 23.98 -13.42
C ARG D 128 18.26 22.59 -13.51
N GLU D 129 19.58 22.52 -13.65
CA GLU D 129 20.28 21.24 -13.68
C GLU D 129 20.30 20.62 -12.29
N LEU D 130 20.57 21.45 -11.29
CA LEU D 130 20.60 20.99 -9.90
C LEU D 130 19.22 20.49 -9.45
N GLU D 131 18.17 21.10 -10.00
CA GLU D 131 16.82 20.66 -9.69
C GLU D 131 16.54 19.28 -10.29
N ARG D 132 16.89 19.12 -11.56
CA ARG D 132 16.72 17.85 -12.25
C ARG D 132 17.43 16.74 -11.49
N LEU D 133 18.66 17.00 -11.07
CA LEU D 133 19.44 16.03 -10.32
C LEU D 133 18.76 15.68 -9.00
N SER D 134 18.30 16.71 -8.30
CA SER D 134 17.63 16.52 -7.01
C SER D 134 16.40 15.64 -7.16
N ARG D 135 15.58 15.93 -8.17
CA ARG D 135 14.39 15.13 -8.42
C ARG D 135 14.76 13.70 -8.83
N GLY D 136 15.77 13.59 -9.69
CA GLY D 136 16.25 12.30 -10.11
C GLY D 136 16.72 11.47 -8.93
N TYR D 137 17.38 12.14 -7.99
CA TYR D 137 17.91 11.48 -6.79
C TYR D 137 16.77 10.88 -5.99
N VAL D 138 15.72 11.67 -5.78
CA VAL D 138 14.53 11.20 -5.08
C VAL D 138 13.83 10.09 -5.86
N ARG D 139 13.72 10.27 -7.17
CA ARG D 139 13.11 9.26 -8.02
C ARG D 139 13.85 7.93 -7.91
N ALA D 140 15.18 8.02 -7.78
CA ALA D 140 16.03 6.83 -7.70
C ALA D 140 15.87 6.07 -6.38
N ILE D 141 15.71 6.80 -5.28
CA ILE D 141 15.72 6.16 -3.96
C ILE D 141 14.37 6.18 -3.23
N SER D 142 13.35 6.75 -3.87
CA SER D 142 12.04 6.92 -3.23
C SER D 142 11.54 5.65 -2.54
N GLN D 143 11.82 4.49 -3.15
CA GLN D 143 11.32 3.21 -2.63
C GLN D 143 11.77 2.91 -1.20
N ILE D 144 12.94 3.41 -0.80
CA ILE D 144 13.50 3.06 0.50
C ILE D 144 13.60 4.25 1.46
N VAL D 145 13.06 5.39 1.06
CA VAL D 145 13.08 6.57 1.91
C VAL D 145 11.66 7.09 2.19
N GLY D 146 11.56 8.14 3.00
CA GLY D 146 10.27 8.71 3.33
C GLY D 146 10.16 9.09 4.80
N PRO D 147 9.09 9.81 5.16
CA PRO D 147 8.83 10.34 6.50
C PRO D 147 8.94 9.28 7.60
N THR D 148 8.70 8.01 7.25
CA THR D 148 8.74 6.95 8.25
C THR D 148 9.94 6.02 8.07
N LYS D 149 10.75 6.28 7.05
CA LYS D 149 11.80 5.35 6.67
C LYS D 149 13.19 5.92 6.79
N ASP D 150 13.38 7.08 6.19
CA ASP D 150 14.70 7.66 6.02
C ASP D 150 14.55 9.13 5.67
N VAL D 151 15.01 9.99 6.56
CA VAL D 151 14.77 11.43 6.43
C VAL D 151 16.05 12.21 6.13
N PRO D 152 16.26 12.58 4.86
CA PRO D 152 17.46 13.32 4.49
C PRO D 152 17.46 14.76 5.00
N ALA D 153 18.53 15.48 4.71
CA ALA D 153 18.71 16.85 5.16
C ALA D 153 19.75 17.52 4.28
N PRO D 154 19.99 18.82 4.48
CA PRO D 154 21.05 19.45 3.69
C PRO D 154 22.42 19.04 4.18
N ASP D 155 23.43 19.17 3.32
CA ASP D 155 24.82 19.01 3.74
C ASP D 155 25.75 19.87 2.86
N VAL D 156 26.99 19.43 2.70
CA VAL D 156 28.04 20.23 2.05
C VAL D 156 27.56 21.33 1.08
N PHE D 157 27.14 20.95 -0.12
CA PHE D 157 26.66 21.93 -1.09
C PHE D 157 25.18 21.82 -1.40
N THR D 158 24.41 21.35 -0.42
CA THR D 158 22.95 21.31 -0.55
C THR D 158 22.30 22.28 0.43
N ASN D 159 21.13 22.80 0.07
CA ASN D 159 20.46 23.81 0.88
C ASN D 159 18.94 23.61 0.91
N SER D 160 18.25 24.59 1.48
CA SER D 160 16.79 24.52 1.65
C SER D 160 16.06 24.42 0.32
N GLN D 161 16.62 25.04 -0.72
CA GLN D 161 16.01 24.97 -2.06
C GLN D 161 16.08 23.55 -2.62
N ILE D 162 17.24 22.93 -2.49
CA ILE D 162 17.41 21.54 -2.89
C ILE D 162 16.45 20.66 -2.10
N MET D 163 16.36 20.92 -0.80
CA MET D 163 15.45 20.19 0.07
C MET D 163 14.01 20.35 -0.42
N ALA D 164 13.66 21.57 -0.80
CA ALA D 164 12.33 21.86 -1.32
C ALA D 164 12.00 21.03 -2.55
N TRP D 165 12.88 21.07 -3.55
CA TRP D 165 12.72 20.28 -4.77
C TRP D 165 12.52 18.80 -4.45
N MET D 166 13.42 18.25 -3.63
CA MET D 166 13.35 16.85 -3.22
C MET D 166 12.03 16.55 -2.53
N MET D 167 11.59 17.45 -1.66
CA MET D 167 10.34 17.29 -0.95
C MET D 167 9.16 17.28 -1.93
N ASP D 168 9.18 18.23 -2.86
CA ASP D 168 8.14 18.30 -3.88
C ASP D 168 8.09 17.02 -4.69
N GLU D 169 9.25 16.52 -5.09
CA GLU D 169 9.32 15.29 -5.87
C GLU D 169 8.77 14.11 -5.08
N TYR D 170 9.20 13.97 -3.82
CA TYR D 170 8.74 12.87 -3.01
C TYR D 170 7.23 12.93 -2.78
N SER D 171 6.73 14.14 -2.57
CA SER D 171 5.30 14.34 -2.38
C SER D 171 4.50 13.91 -3.61
N ARG D 172 5.05 14.16 -4.79
CA ARG D 172 4.40 13.76 -6.05
C ARG D 172 4.28 12.25 -6.13
N ILE D 173 5.32 11.56 -5.66
CA ILE D 173 5.35 10.10 -5.71
C ILE D 173 4.36 9.47 -4.73
N ASP D 174 4.25 10.04 -3.54
CA ASP D 174 3.26 9.61 -2.56
C ASP D 174 1.86 10.10 -2.95
N GLU D 175 1.80 11.15 -3.76
CA GLU D 175 0.53 11.77 -4.13
C GLU D 175 -0.08 12.55 -2.96
N PHE D 176 0.77 12.99 -2.05
CA PHE D 176 0.35 13.88 -0.96
C PHE D 176 1.55 14.54 -0.30
N ASN D 177 1.34 15.74 0.24
CA ASN D 177 2.39 16.47 0.92
C ASN D 177 3.11 15.62 1.96
N SER D 178 4.41 15.47 1.79
CA SER D 178 5.23 14.69 2.70
C SER D 178 6.40 15.53 3.22
N PRO D 179 6.09 16.52 4.08
CA PRO D 179 7.10 17.43 4.61
C PRO D 179 8.15 16.66 5.39
N GLY D 180 7.68 15.67 6.14
CA GLY D 180 8.53 14.91 7.03
C GLY D 180 9.49 13.97 6.35
N PHE D 181 9.48 13.97 5.03
CA PHE D 181 10.41 13.14 4.26
C PHE D 181 11.83 13.68 4.40
N ILE D 182 11.96 14.99 4.40
CA ILE D 182 13.27 15.64 4.38
C ILE D 182 13.23 16.92 5.19
N THR D 183 14.28 17.16 5.99
CA THR D 183 14.34 18.35 6.83
C THR D 183 15.25 19.42 6.24
N GLY D 184 15.29 20.58 6.90
CA GLY D 184 16.02 21.72 6.38
C GLY D 184 15.23 22.42 5.29
N LYS D 185 13.91 22.24 5.33
CA LYS D 185 13.02 22.84 4.34
C LYS D 185 12.82 24.32 4.63
N PRO D 186 12.45 25.10 3.60
CA PRO D 186 12.04 26.48 3.85
C PRO D 186 10.82 26.51 4.75
N LEU D 187 10.63 27.57 5.51
CA LEU D 187 9.54 27.64 6.48
C LEU D 187 8.18 27.37 5.85
N VAL D 188 7.94 27.91 4.66
CA VAL D 188 6.65 27.77 3.99
C VAL D 188 6.34 26.32 3.61
N LEU D 189 7.36 25.49 3.53
CA LEU D 189 7.18 24.08 3.17
C LEU D 189 7.21 23.18 4.40
N GLY D 190 7.10 23.78 5.58
CA GLY D 190 7.08 23.03 6.82
C GLY D 190 8.44 22.93 7.49
N GLY D 191 9.32 23.89 7.22
CA GLY D 191 10.61 23.94 7.88
C GLY D 191 10.43 24.37 9.33
N SER D 192 11.52 24.42 10.08
CA SER D 192 11.43 24.77 11.49
C SER D 192 12.25 26.01 11.84
N HIS D 193 11.76 26.80 12.80
CA HIS D 193 12.51 27.94 13.31
C HIS D 193 13.75 27.42 14.03
N GLY D 194 14.79 28.26 14.11
CA GLY D 194 15.95 27.95 14.92
C GLY D 194 17.00 27.05 14.30
N ARG D 195 17.05 27.01 12.97
CA ARG D 195 18.11 26.26 12.29
C ARG D 195 19.41 27.05 12.31
N GLU D 196 19.32 28.31 11.89
CA GLU D 196 20.48 29.19 11.81
C GLU D 196 21.41 29.09 13.02
N SER D 197 20.83 29.15 14.21
CA SER D 197 21.60 29.21 15.46
C SER D 197 21.74 27.85 16.15
N ALA D 198 21.15 26.83 15.55
CA ALA D 198 21.12 25.49 16.16
C ALA D 198 22.45 25.00 16.74
N THR D 199 23.46 24.90 15.89
CA THR D 199 24.77 24.40 16.33
C THR D 199 25.37 25.29 17.42
N ALA D 200 25.53 26.57 17.11
CA ALA D 200 26.08 27.52 18.07
C ALA D 200 25.38 27.42 19.42
N LYS D 201 24.05 27.47 19.40
CA LYS D 201 23.26 27.39 20.63
C LYS D 201 23.53 26.09 21.39
N GLY D 202 23.66 24.99 20.66
CA GLY D 202 23.97 23.70 21.26
C GLY D 202 25.29 23.73 22.00
N VAL D 203 26.27 24.42 21.44
CA VAL D 203 27.55 24.61 22.10
C VAL D 203 27.36 25.39 23.40
N THR D 204 26.65 26.51 23.31
CA THR D 204 26.42 27.38 24.47
C THR D 204 25.81 26.61 25.62
N ILE D 205 24.90 25.69 25.31
CA ILE D 205 24.23 24.89 26.32
C ILE D 205 25.22 23.93 26.99
N CYS D 206 26.14 23.38 26.20
CA CYS D 206 27.18 22.51 26.74
C CYS D 206 28.15 23.30 27.63
N ILE D 207 28.45 24.52 27.21
CA ILE D 207 29.34 25.39 27.97
C ILE D 207 28.74 25.73 29.33
N LYS D 208 27.52 26.25 29.33
CA LYS D 208 26.82 26.53 30.58
C LYS D 208 26.75 25.30 31.48
N GLU D 209 26.36 24.18 30.91
CA GLU D 209 26.18 22.95 31.68
C GLU D 209 27.50 22.44 32.25
N ALA D 210 28.57 22.59 31.45
CA ALA D 210 29.90 22.22 31.92
C ALA D 210 30.31 23.11 33.08
N ALA D 211 29.98 24.39 32.96
CA ALA D 211 30.25 25.35 34.03
C ALA D 211 29.66 24.84 35.35
N LYS D 212 28.37 24.52 35.32
CA LYS D 212 27.68 24.02 36.51
C LYS D 212 28.41 22.86 37.19
N LYS D 213 28.98 21.96 36.39
CA LYS D 213 29.66 20.79 36.92
C LYS D 213 30.96 21.14 37.65
N ARG D 214 31.64 22.17 37.16
CA ARG D 214 32.91 22.60 37.75
C ARG D 214 32.72 23.73 38.76
N GLY D 215 31.47 23.99 39.14
CA GLY D 215 31.15 25.03 40.09
C GLY D 215 31.64 26.39 39.64
N ILE D 216 31.50 26.65 38.35
CA ILE D 216 31.95 27.91 37.76
C ILE D 216 30.80 28.82 37.37
N ASP D 217 30.59 29.88 38.15
CA ASP D 217 29.59 30.88 37.83
C ASP D 217 29.93 31.44 36.45
N ILE D 218 28.92 31.54 35.58
CA ILE D 218 29.11 32.12 34.25
C ILE D 218 29.33 33.63 34.34
N LYS D 219 28.67 34.25 35.31
CA LYS D 219 28.59 35.70 35.42
C LYS D 219 29.94 36.43 35.46
N GLY D 220 30.99 35.72 35.84
CA GLY D 220 32.31 36.31 35.88
C GLY D 220 33.35 35.49 35.15
N ALA D 221 32.90 34.34 34.64
CA ALA D 221 33.77 33.36 33.98
C ALA D 221 34.60 33.93 32.84
N ARG D 222 35.91 33.71 32.92
CA ARG D 222 36.81 34.11 31.85
C ARG D 222 36.72 33.12 30.69
N VAL D 223 36.20 33.59 29.56
CA VAL D 223 35.95 32.73 28.41
C VAL D 223 36.88 33.07 27.25
N VAL D 224 37.42 32.04 26.61
CA VAL D 224 38.30 32.22 25.47
C VAL D 224 37.76 31.48 24.24
N VAL D 225 37.48 32.24 23.19
CA VAL D 225 36.98 31.65 21.96
C VAL D 225 38.03 31.76 20.86
N GLN D 226 38.57 30.62 20.44
CA GLN D 226 39.49 30.60 19.30
C GLN D 226 38.69 30.57 18.02
N GLY D 227 39.08 31.41 17.06
CA GLY D 227 38.30 31.58 15.86
C GLY D 227 37.19 32.58 16.10
N PHE D 228 37.32 33.75 15.49
CA PHE D 228 36.28 34.76 15.56
C PHE D 228 35.60 34.79 14.21
N GLY D 229 35.40 33.60 13.65
CA GLY D 229 34.79 33.46 12.34
C GLY D 229 33.29 33.60 12.40
N ASN D 230 32.59 32.48 12.26
CA ASN D 230 31.13 32.49 12.19
C ASN D 230 30.49 31.93 13.44
N ALA D 231 30.92 30.74 13.85
CA ALA D 231 30.44 30.14 15.09
C ALA D 231 31.16 30.74 16.29
N GLY D 232 32.43 31.08 16.11
CA GLY D 232 33.22 31.68 17.15
C GLY D 232 32.67 33.03 17.58
N SER D 233 32.53 33.94 16.63
CA SER D 233 31.95 35.25 16.90
C SER D 233 30.63 35.10 17.65
N TYR D 234 29.79 34.18 17.18
CA TYR D 234 28.50 33.94 17.80
C TYR D 234 28.67 33.53 19.26
N LEU D 235 29.57 32.58 19.50
CA LEU D 235 29.81 32.10 20.84
C LEU D 235 30.27 33.23 21.76
N ALA D 236 31.07 34.14 21.22
CA ALA D 236 31.59 35.26 21.99
C ALA D 236 30.46 36.18 22.45
N LYS D 237 29.54 36.50 21.54
CA LYS D 237 28.39 37.33 21.87
C LYS D 237 27.55 36.65 22.95
N PHE D 238 27.49 35.33 22.90
CA PHE D 238 26.65 34.57 23.83
C PHE D 238 27.20 34.57 25.25
N MET D 239 28.53 34.50 25.38
CA MET D 239 29.17 34.56 26.68
C MET D 239 29.16 35.99 27.22
N HIS D 240 29.55 36.93 26.37
CA HIS D 240 29.55 38.34 26.75
C HIS D 240 28.16 38.81 27.16
N ASP D 241 27.13 38.27 26.52
CA ASP D 241 25.75 38.62 26.86
C ASP D 241 25.32 37.89 28.12
N ALA D 242 25.96 36.75 28.37
CA ALA D 242 25.68 35.95 29.56
C ALA D 242 26.48 36.48 30.75
N GLY D 243 27.29 37.50 30.51
CA GLY D 243 28.03 38.15 31.56
C GLY D 243 29.41 37.57 31.82
N ALA D 244 29.88 36.76 30.88
CA ALA D 244 31.22 36.20 30.99
C ALA D 244 32.24 37.23 30.52
N LYS D 245 33.41 37.23 31.14
CA LYS D 245 34.51 38.01 30.62
C LYS D 245 35.13 37.26 29.46
N VAL D 246 34.66 37.56 28.25
CA VAL D 246 35.27 36.99 27.06
C VAL D 246 36.65 37.61 26.94
N VAL D 247 37.59 37.07 27.72
CA VAL D 247 38.90 37.67 27.92
C VAL D 247 39.79 37.50 26.69
N GLY D 248 39.31 36.78 25.69
CA GLY D 248 40.11 36.54 24.50
C GLY D 248 39.38 35.96 23.31
N ILE D 249 39.71 36.48 22.13
CA ILE D 249 39.22 35.94 20.87
C ILE D 249 40.37 35.90 19.88
N SER D 250 40.21 35.19 18.78
CA SER D 250 41.23 35.15 17.74
C SER D 250 40.58 34.82 16.41
N ASP D 251 41.09 35.41 15.35
CA ASP D 251 40.75 34.95 14.02
C ASP D 251 41.93 34.18 13.45
N ALA D 252 42.40 34.59 12.27
CA ALA D 252 43.49 33.88 11.62
C ALA D 252 44.83 34.61 11.75
N TYR D 253 44.79 35.81 12.33
CA TYR D 253 45.97 36.65 12.40
C TYR D 253 46.34 37.04 13.84
N GLY D 254 46.17 36.11 14.77
CA GLY D 254 46.49 36.37 16.16
C GLY D 254 45.25 36.51 17.02
N GLY D 255 45.42 36.98 18.24
CA GLY D 255 44.29 37.10 19.15
C GLY D 255 44.30 38.34 20.03
N LEU D 256 43.14 38.66 20.58
CA LEU D 256 43.02 39.76 21.52
C LEU D 256 42.90 39.25 22.94
N TYR D 257 43.59 39.90 23.87
CA TYR D 257 43.48 39.56 25.28
C TYR D 257 43.19 40.81 26.09
N ASP D 258 42.33 40.67 27.09
CA ASP D 258 41.98 41.76 27.98
C ASP D 258 41.31 41.18 29.22
N PRO D 259 42.07 41.10 30.32
CA PRO D 259 41.62 40.47 31.56
C PRO D 259 40.26 41.01 31.99
N GLU D 260 40.03 42.30 31.77
CA GLU D 260 38.79 42.95 32.15
C GLU D 260 37.61 42.42 31.36
N GLY D 261 37.90 41.86 30.18
CA GLY D 261 36.88 41.34 29.30
C GLY D 261 36.74 42.20 28.06
N LEU D 262 36.83 41.55 26.89
CA LEU D 262 36.66 42.25 25.62
C LEU D 262 35.19 42.50 25.34
N ASP D 263 34.84 43.75 25.07
CA ASP D 263 33.49 44.10 24.67
C ASP D 263 33.24 43.61 23.24
N ILE D 264 32.72 42.39 23.13
CA ILE D 264 32.53 41.73 21.84
C ILE D 264 31.63 42.53 20.90
N ASP D 265 30.97 43.54 21.43
CA ASP D 265 30.13 44.40 20.60
C ASP D 265 30.96 45.48 19.92
N CYS D 295 42.20 31.28 31.85
CA CYS D 295 40.76 31.39 31.68
C CYS D 295 40.03 30.19 32.30
N ASP D 296 38.71 30.29 32.36
CA ASP D 296 37.89 29.23 32.94
C ASP D 296 37.40 28.29 31.85
N ILE D 297 36.98 28.87 30.73
CA ILE D 297 36.40 28.10 29.63
C ILE D 297 37.10 28.36 28.30
N LEU D 298 37.70 27.32 27.74
CA LEU D 298 38.34 27.43 26.44
C LEU D 298 37.49 26.78 25.36
N VAL D 299 37.05 27.58 24.40
CA VAL D 299 36.22 27.05 23.32
C VAL D 299 36.95 27.10 21.99
N PRO D 300 37.65 26.01 21.65
CA PRO D 300 38.36 25.91 20.37
C PRO D 300 37.35 25.85 19.23
N ALA D 301 37.14 26.97 18.56
CA ALA D 301 36.14 27.04 17.50
C ALA D 301 36.78 27.23 16.12
N ALA D 302 37.92 26.58 15.92
CA ALA D 302 38.69 26.77 14.69
C ALA D 302 39.02 25.46 13.98
N ILE D 303 40.31 25.16 13.92
CA ILE D 303 40.81 24.05 13.13
C ILE D 303 41.31 22.89 13.99
N GLU D 304 41.72 21.81 13.33
CA GLU D 304 42.13 20.59 14.01
C GLU D 304 43.54 20.69 14.59
N ASN D 305 43.77 19.96 15.68
CA ASN D 305 45.09 19.84 16.28
C ASN D 305 45.63 21.15 16.87
N GLN D 306 44.80 21.85 17.63
CA GLN D 306 45.25 23.01 18.39
C GLN D 306 45.76 22.55 19.74
N ILE D 307 45.10 21.54 20.30
CA ILE D 307 45.47 20.99 21.58
C ILE D 307 46.24 19.68 21.42
N THR D 308 47.57 19.78 21.44
CA THR D 308 48.44 18.63 21.20
C THR D 308 49.29 18.33 22.43
N GLU D 309 49.87 17.13 22.44
CA GLU D 309 50.79 16.70 23.50
C GLU D 309 51.85 17.76 23.75
N GLU D 310 52.15 18.55 22.71
CA GLU D 310 53.21 19.55 22.78
C GLU D 310 52.82 20.78 23.60
N ASN D 311 51.53 20.95 23.86
CA ASN D 311 51.06 22.12 24.60
C ASN D 311 49.88 21.83 25.53
N ALA D 312 49.49 20.56 25.62
CA ALA D 312 48.35 20.18 26.43
C ALA D 312 48.52 20.53 27.90
N HIS D 313 49.75 20.42 28.41
CA HIS D 313 50.04 20.73 29.80
C HIS D 313 50.03 22.24 30.03
N ASN D 314 50.03 23.00 28.94
CA ASN D 314 50.08 24.46 29.01
C ASN D 314 48.70 25.09 29.22
N ILE D 315 47.65 24.37 28.86
CA ILE D 315 46.29 24.89 28.91
C ILE D 315 45.87 25.29 30.33
N ARG D 316 45.59 26.57 30.52
CA ARG D 316 45.18 27.11 31.82
C ARG D 316 43.69 26.90 32.09
N ALA D 317 42.91 26.73 31.03
CA ALA D 317 41.47 26.59 31.16
C ALA D 317 41.06 25.39 32.01
N LYS D 318 39.94 25.53 32.72
CA LYS D 318 39.39 24.45 33.53
C LYS D 318 38.43 23.60 32.69
N ILE D 319 37.82 24.23 31.69
CA ILE D 319 36.90 23.54 30.81
C ILE D 319 37.24 23.83 29.35
N VAL D 320 37.31 22.80 28.53
CA VAL D 320 37.48 22.97 27.09
C VAL D 320 36.28 22.41 26.35
N VAL D 321 35.50 23.29 25.72
CA VAL D 321 34.35 22.88 24.94
C VAL D 321 34.62 23.04 23.44
N GLU D 322 34.73 21.91 22.75
CA GLU D 322 34.99 21.92 21.32
C GLU D 322 33.79 22.44 20.54
N ALA D 323 34.04 23.44 19.70
CA ALA D 323 33.00 23.99 18.83
C ALA D 323 33.42 23.76 17.38
N ALA D 324 34.31 22.80 17.18
CA ALA D 324 34.79 22.45 15.85
C ALA D 324 35.25 21.00 15.81
N ASN D 325 35.71 20.55 14.64
CA ASN D 325 36.12 19.17 14.45
C ASN D 325 37.56 18.87 14.85
N GLY D 326 37.73 17.86 15.70
CA GLY D 326 39.03 17.38 16.12
C GLY D 326 40.07 18.44 16.47
N PRO D 327 39.70 19.41 17.31
CA PRO D 327 40.64 20.47 17.70
C PRO D 327 41.74 19.92 18.58
N THR D 328 41.48 18.79 19.23
CA THR D 328 42.42 18.21 20.17
C THR D 328 42.83 16.78 19.81
N THR D 329 44.14 16.57 19.65
CA THR D 329 44.66 15.24 19.32
C THR D 329 44.27 14.23 20.38
N LEU D 330 44.61 12.97 20.13
CA LEU D 330 44.29 11.89 21.06
C LEU D 330 45.07 12.05 22.35
N GLU D 331 46.36 12.34 22.24
CA GLU D 331 47.19 12.61 23.41
C GLU D 331 46.61 13.75 24.22
N GLY D 332 46.45 14.90 23.58
CA GLY D 332 45.91 16.08 24.22
C GLY D 332 44.67 15.75 25.01
N THR D 333 43.82 14.90 24.44
CA THR D 333 42.60 14.47 25.11
C THR D 333 42.94 13.72 26.39
N LYS D 334 43.95 12.86 26.31
CA LYS D 334 44.45 12.15 27.49
C LYS D 334 45.04 13.13 28.50
N ILE D 335 45.99 13.94 28.05
CA ILE D 335 46.65 14.91 28.92
C ILE D 335 45.62 15.70 29.71
N LEU D 336 44.68 16.31 28.99
CA LEU D 336 43.61 17.07 29.63
C LEU D 336 42.84 16.21 30.63
N SER D 337 42.74 14.92 30.35
CA SER D 337 42.04 13.98 31.23
C SER D 337 42.85 13.76 32.51
N ASP D 338 44.14 13.54 32.36
CA ASP D 338 45.03 13.37 33.50
C ASP D 338 44.99 14.60 34.39
N ARG D 339 45.12 15.77 33.77
CA ARG D 339 44.82 17.01 34.45
C ARG D 339 43.31 17.01 34.63
N ASP D 340 42.78 17.84 35.52
CA ASP D 340 41.35 17.78 35.77
C ASP D 340 40.55 18.66 34.81
N ILE D 341 41.02 18.77 33.58
CA ILE D 341 40.40 19.63 32.59
C ILE D 341 39.23 18.93 31.87
N LEU D 342 38.04 19.49 32.00
CA LEU D 342 36.84 18.90 31.40
C LEU D 342 36.75 19.21 29.91
N LEU D 343 36.85 18.16 29.10
CA LEU D 343 36.84 18.32 27.65
C LEU D 343 35.52 17.86 27.03
N VAL D 344 34.71 18.81 26.58
CA VAL D 344 33.42 18.49 25.97
C VAL D 344 33.57 18.20 24.48
N PRO D 345 33.24 16.96 24.08
CA PRO D 345 33.51 16.40 22.75
C PRO D 345 32.71 17.10 21.65
N ASP D 346 33.34 17.37 20.52
CA ASP D 346 32.65 18.00 19.40
C ASP D 346 31.37 17.25 19.02
N VAL D 347 31.43 15.93 19.04
CA VAL D 347 30.31 15.09 18.64
C VAL D 347 29.06 15.36 19.49
N LEU D 348 29.26 15.82 20.72
CA LEU D 348 28.15 16.19 21.60
C LEU D 348 27.85 17.68 21.49
N ALA D 349 28.91 18.49 21.47
CA ALA D 349 28.75 19.94 21.49
C ALA D 349 28.03 20.47 20.25
N SER D 350 28.19 19.78 19.12
CA SER D 350 27.69 20.28 17.85
C SER D 350 26.35 19.65 17.43
N ALA D 351 25.80 18.81 18.29
CA ALA D 351 24.58 18.08 17.98
C ALA D 351 23.33 18.97 17.90
N GLY D 352 23.54 20.28 18.01
CA GLY D 352 22.43 21.22 17.91
C GLY D 352 21.72 21.17 16.58
N GLY D 353 22.50 21.13 15.50
CA GLY D 353 21.94 21.06 14.15
C GLY D 353 21.03 19.86 13.94
N VAL D 354 21.56 18.68 14.25
CA VAL D 354 20.79 17.45 14.13
C VAL D 354 19.49 17.53 14.93
N THR D 355 19.61 18.02 16.16
CA THR D 355 18.48 18.10 17.07
C THR D 355 17.33 18.94 16.51
N VAL D 356 17.65 20.07 15.92
CA VAL D 356 16.61 20.94 15.35
C VAL D 356 16.04 20.35 14.06
N SER D 357 16.87 19.63 13.32
CA SER D 357 16.40 18.92 12.14
C SER D 357 15.38 17.88 12.57
N TYR D 358 15.62 17.28 13.74
CA TYR D 358 14.69 16.35 14.34
C TYR D 358 13.38 17.04 14.73
N PHE D 359 13.48 18.23 15.31
CA PHE D 359 12.30 19.01 15.68
C PHE D 359 11.43 19.28 14.46
N GLU D 360 12.08 19.61 13.33
CA GLU D 360 11.34 19.88 12.10
C GLU D 360 10.53 18.65 11.69
N TRP D 361 11.13 17.48 11.83
CA TRP D 361 10.48 16.22 11.49
C TRP D 361 9.30 15.94 12.40
N VAL D 362 9.48 16.21 13.70
CA VAL D 362 8.40 16.07 14.67
C VAL D 362 7.23 16.99 14.33
N GLN D 363 7.55 18.26 14.06
CA GLN D 363 6.54 19.23 13.67
C GLN D 363 5.80 18.75 12.41
N ASN D 364 6.56 18.18 11.48
CA ASN D 364 5.97 17.61 10.27
C ASN D 364 4.97 16.50 10.62
N ASN D 365 5.35 15.66 11.57
CA ASN D 365 4.47 14.58 12.03
C ASN D 365 3.18 15.11 12.64
N GLN D 366 3.29 16.17 13.44
CA GLN D 366 2.14 16.78 14.08
C GLN D 366 1.33 17.61 13.09
N GLY D 367 2.00 18.16 12.08
CA GLY D 367 1.39 19.14 11.21
C GLY D 367 1.18 20.44 11.99
N PHE D 368 1.97 20.59 13.04
CA PHE D 368 1.90 21.77 13.90
C PHE D 368 3.30 22.34 14.09
N TYR D 369 3.44 23.65 13.99
CA TYR D 369 4.77 24.24 13.96
C TYR D 369 5.13 25.13 15.15
N TRP D 370 6.35 24.95 15.62
CA TRP D 370 6.80 25.48 16.89
C TRP D 370 7.31 26.91 16.82
N SER D 371 6.98 27.69 17.83
CA SER D 371 7.50 29.03 17.96
C SER D 371 9.01 28.96 18.14
N GLU D 372 9.69 30.07 17.89
CA GLU D 372 11.15 30.11 17.99
C GLU D 372 11.59 29.77 19.41
N GLU D 373 10.79 30.21 20.38
CA GLU D 373 11.09 29.95 21.79
C GLU D 373 10.91 28.48 22.14
N GLU D 374 9.84 27.87 21.62
CA GLU D 374 9.57 26.46 21.88
C GLU D 374 10.69 25.58 21.35
N VAL D 375 11.18 25.90 20.16
CA VAL D 375 12.32 25.20 19.59
C VAL D 375 13.51 25.34 20.54
N GLU D 376 13.76 26.56 20.97
CA GLU D 376 14.89 26.86 21.85
C GLU D 376 14.88 26.00 23.11
N GLU D 377 13.77 26.00 23.84
CA GLU D 377 13.69 25.27 25.10
C GLU D 377 13.87 23.77 24.93
N LYS D 378 13.22 23.18 23.93
CA LYS D 378 13.37 21.75 23.64
C LYS D 378 14.81 21.43 23.25
N LEU D 379 15.42 22.29 22.44
CA LEU D 379 16.83 22.17 22.11
C LEU D 379 17.67 22.13 23.39
N GLU D 380 17.31 22.96 24.36
CA GLU D 380 18.03 23.02 25.62
C GLU D 380 17.86 21.75 26.46
N LYS D 381 16.61 21.39 26.70
CA LYS D 381 16.30 20.20 27.49
C LYS D 381 17.01 18.95 26.96
N MET D 382 17.05 18.80 25.64
CA MET D 382 17.71 17.64 25.05
C MET D 382 19.23 17.71 25.17
N MET D 383 19.80 18.89 24.94
CA MET D 383 21.24 19.08 25.08
C MET D 383 21.66 18.87 26.53
N VAL D 384 20.92 19.47 27.45
CA VAL D 384 21.18 19.29 28.88
C VAL D 384 21.09 17.81 29.24
N LYS D 385 19.98 17.18 28.89
CA LYS D 385 19.78 15.76 29.15
C LYS D 385 20.94 14.94 28.58
N SER D 386 21.35 15.28 27.37
CA SER D 386 22.44 14.57 26.70
C SER D 386 23.79 14.82 27.38
N PHE D 387 24.11 16.09 27.63
CA PHE D 387 25.35 16.44 28.30
C PHE D 387 25.49 15.63 29.58
N ASN D 388 24.40 15.61 30.36
CA ASN D 388 24.40 15.01 31.69
C ASN D 388 24.50 13.48 31.71
N ASN D 389 23.83 12.80 30.78
CA ASN D 389 24.00 11.36 30.64
C ASN D 389 25.46 11.04 30.35
N ILE D 390 26.05 11.79 29.42
CA ILE D 390 27.43 11.56 29.01
C ILE D 390 28.41 11.93 30.11
N TYR D 391 28.17 13.06 30.77
CA TYR D 391 29.04 13.50 31.86
C TYR D 391 29.04 12.46 32.98
N GLU D 392 27.85 12.01 33.36
CA GLU D 392 27.71 11.08 34.48
C GLU D 392 28.30 9.69 34.18
N MET D 393 28.17 9.23 32.93
CA MET D 393 28.78 7.96 32.55
C MET D 393 30.30 8.06 32.59
N ALA D 394 30.81 9.20 32.14
CA ALA D 394 32.25 9.44 32.15
C ALA D 394 32.76 9.48 33.58
N ASN D 395 31.97 10.10 34.47
CA ASN D 395 32.34 10.21 35.87
C ASN D 395 32.30 8.86 36.59
N ASN D 396 31.22 8.11 36.38
CA ASN D 396 31.05 6.80 36.98
C ASN D 396 32.11 5.81 36.51
N ARG D 397 32.45 5.90 35.21
CA ARG D 397 33.35 4.94 34.60
C ARG D 397 34.80 5.41 34.50
N ARG D 398 35.09 6.56 35.11
CA ARG D 398 36.46 7.07 35.16
C ARG D 398 37.09 7.21 33.77
N ILE D 399 36.34 7.75 32.82
CA ILE D 399 36.85 7.98 31.48
C ILE D 399 36.45 9.37 30.97
N ASP D 400 37.13 9.83 29.92
CA ASP D 400 36.84 11.15 29.35
C ASP D 400 35.46 11.20 28.67
N MET D 401 34.96 12.42 28.46
CA MET D 401 33.62 12.61 27.89
C MET D 401 33.53 12.18 26.42
N ARG D 402 34.65 12.30 25.71
CA ARG D 402 34.75 11.83 24.34
C ARG D 402 34.30 10.38 24.26
N LEU D 403 35.05 9.51 24.92
CA LEU D 403 34.79 8.08 24.94
C LEU D 403 33.38 7.75 25.43
N ALA D 404 32.93 8.45 26.47
CA ALA D 404 31.61 8.20 27.05
C ALA D 404 30.49 8.63 26.10
N ALA D 405 30.74 9.68 25.33
CA ALA D 405 29.78 10.11 24.32
C ALA D 405 29.64 9.01 23.28
N TYR D 406 30.77 8.47 22.84
CA TYR D 406 30.80 7.39 21.88
C TYR D 406 29.98 6.18 22.36
N MET D 407 30.13 5.85 23.64
CA MET D 407 29.39 4.74 24.23
C MET D 407 27.89 5.03 24.21
N VAL D 408 27.52 6.23 24.64
CA VAL D 408 26.12 6.64 24.65
C VAL D 408 25.57 6.77 23.23
N GLY D 409 26.42 7.16 22.29
CA GLY D 409 26.00 7.28 20.91
C GLY D 409 25.77 5.92 20.26
N VAL D 410 26.48 4.91 20.75
CA VAL D 410 26.45 3.58 20.15
C VAL D 410 25.56 2.61 20.91
N ARG D 411 25.29 2.92 22.18
CA ARG D 411 24.57 2.02 23.09
C ARG D 411 23.09 1.83 22.74
N LYS D 412 22.44 2.88 22.26
CA LYS D 412 21.00 2.83 22.03
C LYS D 412 20.62 1.84 20.93
N MET D 413 21.29 1.92 19.79
CA MET D 413 21.01 1.04 18.66
C MET D 413 21.48 -0.38 18.93
N ALA D 414 22.40 -0.52 19.88
CA ALA D 414 22.88 -1.82 20.31
C ALA D 414 21.82 -2.52 21.16
N GLU D 415 21.19 -1.74 22.04
CA GLU D 415 20.10 -2.24 22.87
C GLU D 415 18.88 -2.56 22.02
N ALA D 416 18.54 -1.64 21.11
CA ALA D 416 17.41 -1.82 20.22
C ALA D 416 17.60 -3.04 19.31
N SER D 417 18.76 -3.12 18.66
CA SER D 417 19.06 -4.25 17.79
C SER D 417 18.96 -5.59 18.52
N ARG D 418 19.38 -5.62 19.78
CA ARG D 418 19.27 -6.82 20.59
C ARG D 418 17.83 -7.11 20.97
N PHE D 419 17.10 -6.07 21.35
CA PHE D 419 15.69 -6.22 21.72
C PHE D 419 14.86 -6.77 20.56
N ARG D 420 15.23 -6.41 19.35
CA ARG D 420 14.46 -6.78 18.16
C ARG D 420 14.97 -8.08 17.53
N GLY D 421 15.94 -8.71 18.19
CA GLY D 421 16.40 -10.03 17.80
C GLY D 421 17.36 -10.07 16.62
N TRP D 422 17.95 -8.93 16.28
CA TRP D 422 18.95 -8.85 15.22
C TRP D 422 20.28 -9.41 15.70
N ILE D 423 20.54 -9.25 16.99
CA ILE D 423 21.72 -9.81 17.63
C ILE D 423 21.48 -10.11 19.10
N VAL E 17 -24.35 18.03 -29.97
CA VAL E 17 -23.03 18.54 -29.60
C VAL E 17 -22.44 17.73 -28.45
N LEU E 18 -23.09 17.78 -27.29
CA LEU E 18 -22.91 16.77 -26.26
C LEU E 18 -24.27 16.11 -26.20
N LYS E 19 -25.29 16.89 -26.52
CA LYS E 19 -26.67 16.42 -26.57
C LYS E 19 -26.87 15.39 -27.67
N SER E 20 -26.10 15.49 -28.75
CA SER E 20 -26.19 14.53 -29.84
C SER E 20 -25.85 13.14 -29.33
N THR E 21 -24.79 13.05 -28.54
CA THR E 21 -24.38 11.79 -27.93
C THR E 21 -25.46 11.31 -26.96
N GLN E 22 -26.04 12.24 -26.22
CA GLN E 22 -27.07 11.92 -25.24
C GLN E 22 -28.36 11.46 -25.89
N THR E 23 -28.67 12.04 -27.06
CA THR E 23 -29.83 11.61 -27.84
C THR E 23 -29.70 10.14 -28.22
N VAL E 24 -28.53 9.79 -28.75
CA VAL E 24 -28.25 8.41 -29.12
C VAL E 24 -28.38 7.49 -27.92
N ILE E 25 -27.74 7.87 -26.83
CA ILE E 25 -27.81 7.11 -25.58
C ILE E 25 -29.27 6.91 -25.14
N HIS E 26 -30.05 7.97 -25.21
CA HIS E 26 -31.45 7.93 -24.80
C HIS E 26 -32.25 7.01 -25.72
N LYS E 27 -32.16 7.27 -27.02
CA LYS E 27 -32.84 6.46 -28.02
C LYS E 27 -32.57 4.98 -27.79
N ALA E 28 -31.29 4.63 -27.69
CA ALA E 28 -30.87 3.24 -27.51
C ALA E 28 -31.42 2.62 -26.24
N LEU E 29 -31.30 3.33 -25.12
CA LEU E 29 -31.84 2.85 -23.85
C LEU E 29 -33.35 2.71 -23.97
N GLU E 30 -33.97 3.73 -24.54
CA GLU E 30 -35.40 3.72 -24.81
C GLU E 30 -35.83 2.39 -25.41
N LYS E 31 -35.21 2.03 -26.53
CA LYS E 31 -35.58 0.82 -27.27
C LYS E 31 -35.34 -0.47 -26.47
N LEU E 32 -34.30 -0.46 -25.63
CA LEU E 32 -33.99 -1.61 -24.79
C LEU E 32 -35.08 -1.78 -23.72
N GLY E 33 -35.76 -0.68 -23.42
CA GLY E 33 -36.84 -0.71 -22.45
C GLY E 33 -36.38 -0.36 -21.05
N TYR E 34 -35.24 0.33 -20.96
CA TYR E 34 -34.75 0.80 -19.67
C TYR E 34 -35.51 2.06 -19.25
N PRO E 35 -35.73 2.22 -17.94
CA PRO E 35 -36.42 3.38 -17.38
C PRO E 35 -35.59 4.65 -17.56
N GLU E 36 -36.24 5.81 -17.43
CA GLU E 36 -35.58 7.08 -17.67
C GLU E 36 -34.36 7.29 -16.78
N GLU E 37 -34.38 6.70 -15.60
CA GLU E 37 -33.31 6.85 -14.61
C GLU E 37 -31.96 6.31 -15.09
N VAL E 38 -32.00 5.26 -15.89
CA VAL E 38 -30.78 4.70 -16.46
C VAL E 38 -30.14 5.71 -17.40
N TYR E 39 -30.96 6.34 -18.25
CA TYR E 39 -30.45 7.40 -19.11
C TYR E 39 -29.81 8.52 -18.30
N GLU E 40 -30.51 8.95 -17.26
CA GLU E 40 -30.00 9.99 -16.39
C GLU E 40 -28.62 9.63 -15.86
N LEU E 41 -28.42 8.36 -15.53
CA LEU E 41 -27.14 7.89 -15.02
C LEU E 41 -26.05 7.97 -16.09
N LEU E 42 -26.38 7.54 -17.29
CA LEU E 42 -25.39 7.36 -18.35
C LEU E 42 -25.14 8.61 -19.18
N LYS E 43 -25.97 9.64 -19.00
CA LYS E 43 -25.91 10.83 -19.86
C LYS E 43 -24.66 11.68 -19.66
N GLU E 44 -24.05 11.59 -18.47
CA GLU E 44 -22.82 12.33 -18.19
C GLU E 44 -21.77 11.43 -17.55
N PRO E 45 -20.48 11.80 -17.68
CA PRO E 45 -19.45 10.98 -17.05
C PRO E 45 -19.67 11.02 -15.55
N MET E 46 -19.64 9.87 -14.89
CA MET E 46 -19.85 9.84 -13.45
C MET E 46 -18.70 10.54 -12.73
N ARG E 47 -17.65 10.85 -13.48
CA ARG E 47 -16.45 11.43 -12.90
C ARG E 47 -15.70 12.29 -13.93
N LEU E 48 -15.54 13.57 -13.62
CA LEU E 48 -14.77 14.47 -14.47
C LEU E 48 -13.71 15.19 -13.67
N LEU E 49 -12.45 15.06 -14.08
CA LEU E 49 -11.35 15.79 -13.48
C LEU E 49 -10.76 16.78 -14.48
N THR E 50 -10.82 18.06 -14.16
CA THR E 50 -10.18 19.09 -14.96
C THR E 50 -9.04 19.74 -14.17
N VAL E 51 -7.88 19.86 -14.80
CA VAL E 51 -6.66 20.23 -14.10
C VAL E 51 -5.90 21.35 -14.79
N LYS E 52 -5.12 22.10 -14.00
CA LYS E 52 -4.26 23.14 -14.53
C LYS E 52 -2.82 22.66 -14.41
N ILE E 53 -2.11 22.61 -15.53
CA ILE E 53 -0.76 22.07 -15.55
C ILE E 53 0.28 23.12 -15.89
N PRO E 54 1.12 23.48 -14.91
CA PRO E 54 2.21 24.42 -15.18
C PRO E 54 3.31 23.73 -15.99
N VAL E 55 3.70 24.31 -17.11
CA VAL E 55 4.80 23.80 -17.90
C VAL E 55 5.85 24.88 -18.09
N ARG E 56 7.10 24.54 -17.84
CA ARG E 56 8.19 25.45 -18.14
C ARG E 56 8.43 25.43 -19.64
N MET E 57 8.27 26.58 -20.28
CA MET E 57 8.49 26.69 -21.71
C MET E 57 9.96 27.00 -21.99
N ASP E 58 10.40 26.71 -23.21
CA ASP E 58 11.80 26.86 -23.57
C ASP E 58 12.25 28.32 -23.51
N ASP E 59 11.32 29.23 -23.78
CA ASP E 59 11.62 30.66 -23.77
C ASP E 59 11.77 31.18 -22.34
N GLY E 60 11.70 30.28 -21.36
CA GLY E 60 11.88 30.65 -19.97
C GLY E 60 10.57 30.92 -19.26
N SER E 61 9.52 31.18 -20.03
CA SER E 61 8.22 31.50 -19.45
C SER E 61 7.58 30.27 -18.81
N VAL E 62 6.40 30.47 -18.24
CA VAL E 62 5.61 29.37 -17.72
C VAL E 62 4.17 29.49 -18.19
N LYS E 63 3.68 28.42 -18.83
CA LYS E 63 2.33 28.42 -19.38
C LYS E 63 1.47 27.40 -18.63
N ILE E 64 0.25 27.78 -18.30
CA ILE E 64 -0.66 26.90 -17.59
C ILE E 64 -1.66 26.26 -18.55
N PHE E 65 -1.51 24.97 -18.78
CA PHE E 65 -2.40 24.26 -19.69
C PHE E 65 -3.57 23.64 -18.93
N THR E 66 -4.74 23.69 -19.54
CA THR E 66 -5.92 23.07 -18.95
C THR E 66 -6.11 21.67 -19.51
N GLY E 67 -6.23 20.69 -18.61
CA GLY E 67 -6.44 19.32 -19.03
C GLY E 67 -7.72 18.76 -18.46
N TYR E 68 -8.29 17.77 -19.14
CA TYR E 68 -9.47 17.08 -18.65
C TYR E 68 -9.27 15.58 -18.73
N ARG E 69 -9.81 14.88 -17.74
CA ARG E 69 -9.92 13.43 -17.82
C ARG E 69 -11.33 13.06 -17.36
N ALA E 70 -12.05 12.36 -18.24
CA ALA E 70 -13.43 11.97 -17.92
C ALA E 70 -13.58 10.45 -17.84
N HIS E 71 -14.22 9.99 -16.77
CA HIS E 71 -14.61 8.60 -16.64
C HIS E 71 -16.12 8.52 -16.80
N ASN E 72 -16.58 8.10 -17.97
CA ASN E 72 -18.02 7.97 -18.15
C ASN E 72 -18.66 7.03 -17.14
N ASP E 73 -18.26 5.77 -17.16
CA ASP E 73 -18.89 4.76 -16.30
C ASP E 73 -17.93 3.64 -15.90
N SER E 74 -18.04 3.18 -14.65
CA SER E 74 -16.97 2.41 -14.04
C SER E 74 -17.20 0.91 -14.01
N VAL E 75 -18.21 0.44 -14.73
CA VAL E 75 -18.51 -0.99 -14.75
C VAL E 75 -17.39 -1.78 -15.43
N GLY E 76 -16.17 -1.49 -14.99
CA GLY E 76 -14.96 -1.97 -15.62
C GLY E 76 -14.04 -0.77 -15.69
N PRO E 77 -12.73 -1.02 -15.76
CA PRO E 77 -11.83 0.13 -15.82
C PRO E 77 -12.13 0.97 -17.06
N THR E 78 -12.04 2.28 -16.94
CA THR E 78 -12.31 3.17 -18.07
C THR E 78 -11.13 3.18 -19.02
N LYS E 79 -11.43 3.51 -20.28
CA LYS E 79 -10.48 3.36 -21.36
C LYS E 79 -10.78 4.41 -22.43
N GLY E 80 -9.74 5.10 -22.89
CA GLY E 80 -9.92 6.13 -23.89
C GLY E 80 -8.73 7.06 -24.04
N GLY E 81 -8.58 7.64 -25.23
CA GLY E 81 -7.39 8.42 -25.56
C GLY E 81 -7.35 9.84 -25.06
N ILE E 82 -6.22 10.50 -25.32
CA ILE E 82 -6.00 11.88 -24.92
C ILE E 82 -5.62 12.67 -26.15
N ARG E 83 -6.32 13.76 -26.43
CA ARG E 83 -5.94 14.60 -27.55
C ARG E 83 -5.31 15.92 -27.10
N PHE E 84 -4.30 16.35 -27.83
CA PHE E 84 -3.70 17.65 -27.65
C PHE E 84 -4.17 18.50 -28.83
N HIS E 85 -5.09 19.43 -28.58
CA HIS E 85 -5.63 20.25 -29.65
C HIS E 85 -6.20 21.56 -29.12
N PRO E 86 -5.97 22.66 -29.85
CA PRO E 86 -6.41 23.98 -29.39
C PRO E 86 -7.91 24.04 -29.16
N ASN E 87 -8.66 23.21 -29.89
CA ASN E 87 -10.12 23.27 -29.86
C ASN E 87 -10.80 22.20 -29.01
N VAL E 88 -10.03 21.38 -28.31
CA VAL E 88 -10.63 20.39 -27.43
C VAL E 88 -11.35 21.09 -26.28
N THR E 89 -12.52 20.59 -25.91
CA THR E 89 -13.32 21.21 -24.87
C THR E 89 -13.77 20.17 -23.84
N GLU E 90 -14.01 20.64 -22.61
CA GLU E 90 -14.56 19.79 -21.57
C GLU E 90 -15.80 19.06 -22.09
N LYS E 91 -16.70 19.81 -22.74
CA LYS E 91 -17.90 19.22 -23.31
C LYS E 91 -17.55 18.12 -24.31
N GLU E 92 -16.48 18.34 -25.08
CA GLU E 92 -16.06 17.37 -26.07
C GLU E 92 -15.55 16.08 -25.43
N VAL E 93 -14.61 16.20 -24.51
CA VAL E 93 -14.04 15.00 -23.88
C VAL E 93 -15.11 14.23 -23.11
N LYS E 94 -16.07 14.96 -22.55
CA LYS E 94 -17.23 14.33 -21.91
C LYS E 94 -17.97 13.48 -22.93
N ALA E 95 -18.39 14.10 -24.02
CA ALA E 95 -19.08 13.43 -25.11
C ALA E 95 -18.30 12.21 -25.58
N LEU E 96 -17.02 12.41 -25.89
CA LEU E 96 -16.17 11.34 -26.39
C LEU E 96 -16.03 10.18 -25.41
N SER E 97 -15.98 10.49 -24.12
CA SER E 97 -15.87 9.44 -23.11
C SER E 97 -17.07 8.51 -23.22
N ILE E 98 -18.24 9.09 -23.48
CA ILE E 98 -19.46 8.32 -23.61
C ILE E 98 -19.42 7.42 -24.85
N TRP E 99 -18.90 7.95 -25.96
CA TRP E 99 -18.76 7.18 -27.18
C TRP E 99 -17.84 5.97 -26.99
N MET E 100 -16.85 6.14 -26.10
CA MET E 100 -15.92 5.07 -25.79
C MET E 100 -16.62 3.91 -25.08
N SER E 101 -17.58 4.25 -24.21
CA SER E 101 -18.42 3.23 -23.58
C SER E 101 -19.16 2.43 -24.64
N LEU E 102 -19.81 3.15 -25.56
CA LEU E 102 -20.52 2.52 -26.67
C LEU E 102 -19.65 1.51 -27.41
N LYS E 103 -18.50 1.96 -27.89
CA LYS E 103 -17.56 1.08 -28.56
C LYS E 103 -17.22 -0.11 -27.68
N CYS E 104 -16.86 0.17 -26.43
CA CYS E 104 -16.49 -0.87 -25.48
C CYS E 104 -17.64 -1.87 -25.28
N GLY E 105 -18.85 -1.36 -25.21
CA GLY E 105 -20.02 -2.23 -25.12
C GLY E 105 -20.18 -3.03 -26.41
N ILE E 106 -19.98 -2.36 -27.54
CA ILE E 106 -20.09 -2.99 -28.84
C ILE E 106 -19.12 -4.16 -29.02
N ILE E 107 -17.87 -3.98 -28.59
CA ILE E 107 -16.86 -5.02 -28.71
C ILE E 107 -16.89 -5.97 -27.50
N ASP E 108 -17.69 -5.61 -26.51
CA ASP E 108 -17.86 -6.43 -25.31
C ASP E 108 -16.60 -6.42 -24.43
N LEU E 109 -15.91 -5.29 -24.45
CA LEU E 109 -14.70 -5.14 -23.64
C LEU E 109 -15.05 -5.04 -22.16
N PRO E 110 -14.09 -5.44 -21.29
CA PRO E 110 -14.27 -5.35 -19.84
C PRO E 110 -13.94 -3.93 -19.44
N TYR E 111 -14.33 -2.97 -20.27
CA TYR E 111 -14.01 -1.58 -20.02
C TYR E 111 -15.24 -0.73 -19.79
N GLY E 112 -15.00 0.50 -19.35
CA GLY E 112 -15.98 1.56 -19.43
C GLY E 112 -15.33 2.66 -20.24
N GLY E 113 -16.11 3.66 -20.65
CA GLY E 113 -15.59 4.74 -21.46
C GLY E 113 -14.86 5.80 -20.67
N GLY E 114 -13.70 6.22 -21.18
CA GLY E 114 -12.95 7.31 -20.60
C GLY E 114 -12.34 8.13 -21.73
N LYS E 115 -11.93 9.36 -21.43
CA LYS E 115 -11.36 10.22 -22.47
C LYS E 115 -10.56 11.37 -21.88
N GLY E 116 -9.49 11.75 -22.55
CA GLY E 116 -8.64 12.83 -22.08
C GLY E 116 -8.47 13.93 -23.11
N GLY E 117 -8.10 15.11 -22.65
CA GLY E 117 -7.89 16.24 -23.54
C GLY E 117 -7.06 17.32 -22.88
N ILE E 118 -6.14 17.90 -23.64
CA ILE E 118 -5.39 19.05 -23.17
C ILE E 118 -5.53 20.19 -24.17
N VAL E 119 -5.90 21.36 -23.68
CA VAL E 119 -6.01 22.55 -24.53
C VAL E 119 -4.62 23.09 -24.81
N CYS E 120 -4.07 22.70 -25.96
CA CYS E 120 -2.75 23.13 -26.36
C CYS E 120 -2.56 22.89 -27.85
N ASP E 121 -1.51 23.46 -28.42
CA ASP E 121 -1.22 23.22 -29.83
C ASP E 121 0.18 22.63 -29.98
N PRO E 122 0.25 21.29 -30.04
CA PRO E 122 1.51 20.53 -30.13
C PRO E 122 2.37 21.03 -31.27
N ARG E 123 1.72 21.52 -32.33
CA ARG E 123 2.41 22.01 -33.50
C ARG E 123 3.27 23.24 -33.21
N ASP E 124 2.97 23.92 -32.11
CA ASP E 124 3.72 25.12 -31.75
C ASP E 124 4.60 24.88 -30.54
N MET E 125 4.56 23.65 -30.02
CA MET E 125 5.35 23.28 -28.86
C MET E 125 6.57 22.46 -29.27
N SER E 126 7.65 22.60 -28.52
CA SER E 126 8.87 21.87 -28.81
C SER E 126 8.79 20.45 -28.26
N PHE E 127 9.80 19.65 -28.55
CA PHE E 127 9.84 18.27 -28.11
C PHE E 127 9.86 18.18 -26.57
N ARG E 128 10.77 18.94 -25.96
CA ARG E 128 10.91 18.91 -24.51
C ARG E 128 9.73 19.56 -23.77
N GLU E 129 9.05 20.48 -24.45
CA GLU E 129 7.87 21.10 -23.85
C GLU E 129 6.70 20.14 -23.81
N LEU E 130 6.52 19.40 -24.91
CA LEU E 130 5.48 18.38 -24.99
C LEU E 130 5.67 17.28 -23.96
N GLU E 131 6.93 16.98 -23.64
CA GLU E 131 7.24 15.97 -22.63
C GLU E 131 6.85 16.48 -21.24
N ARG E 132 7.25 17.70 -20.92
CA ARG E 132 6.90 18.33 -19.66
C ARG E 132 5.40 18.32 -19.46
N LEU E 133 4.66 18.70 -20.49
CA LEU E 133 3.20 18.73 -20.42
C LEU E 133 2.64 17.34 -20.17
N SER E 134 3.15 16.36 -20.91
CA SER E 134 2.71 14.98 -20.76
C SER E 134 2.91 14.47 -19.33
N ARG E 135 4.10 14.72 -18.79
CA ARG E 135 4.39 14.32 -17.41
C ARG E 135 3.51 15.07 -16.42
N GLY E 136 3.36 16.38 -16.64
CA GLY E 136 2.49 17.19 -15.81
C GLY E 136 1.06 16.67 -15.82
N TYR E 137 0.60 16.24 -17.00
CA TYR E 137 -0.75 15.71 -17.15
C TYR E 137 -0.94 14.47 -16.28
N VAL E 138 0.04 13.57 -16.33
CA VAL E 138 0.00 12.36 -15.51
C VAL E 138 0.11 12.71 -14.03
N ARG E 139 0.99 13.65 -13.71
CA ARG E 139 1.17 14.09 -12.33
C ARG E 139 -0.14 14.65 -11.79
N ALA E 140 -0.89 15.33 -12.65
CA ALA E 140 -2.14 15.96 -12.26
C ALA E 140 -3.26 14.94 -11.98
N ILE E 141 -3.32 13.88 -12.78
CA ILE E 141 -4.44 12.94 -12.71
C ILE E 141 -4.09 11.56 -12.17
N SER E 142 -2.82 11.34 -11.83
CA SER E 142 -2.34 10.04 -11.38
C SER E 142 -3.25 9.38 -10.32
N GLN E 143 -3.79 10.20 -9.41
CA GLN E 143 -4.61 9.67 -8.34
C GLN E 143 -5.82 8.85 -8.78
N ILE E 144 -6.36 9.18 -9.96
CA ILE E 144 -7.61 8.55 -10.42
C ILE E 144 -7.44 7.71 -11.67
N VAL E 145 -6.20 7.51 -12.11
CA VAL E 145 -5.93 6.69 -13.28
C VAL E 145 -4.96 5.55 -12.94
N GLY E 146 -4.69 4.69 -13.92
CA GLY E 146 -3.80 3.56 -13.72
C GLY E 146 -4.30 2.30 -14.38
N PRO E 147 -3.46 1.27 -14.43
CA PRO E 147 -3.72 -0.01 -15.10
C PRO E 147 -5.04 -0.66 -14.69
N THR E 148 -5.52 -0.35 -13.49
CA THR E 148 -6.75 -0.95 -12.99
C THR E 148 -7.90 0.05 -12.90
N LYS E 149 -7.63 1.30 -13.25
CA LYS E 149 -8.59 2.38 -13.03
C LYS E 149 -9.06 3.03 -14.32
N ASP E 150 -8.10 3.45 -15.13
CA ASP E 150 -8.38 4.31 -16.27
C ASP E 150 -7.17 4.28 -17.20
N VAL E 151 -7.37 3.73 -18.39
CA VAL E 151 -6.25 3.47 -19.31
C VAL E 151 -6.30 4.37 -20.54
N PRO E 152 -5.48 5.43 -20.57
CA PRO E 152 -5.49 6.35 -21.72
C PRO E 152 -4.84 5.74 -22.96
N ALA E 153 -4.83 6.51 -24.03
CA ALA E 153 -4.30 6.06 -25.31
C ALA E 153 -3.98 7.29 -26.15
N PRO E 154 -3.40 7.09 -27.34
CA PRO E 154 -3.15 8.25 -28.18
C PRO E 154 -4.43 8.76 -28.81
N ASP E 155 -4.45 10.02 -29.22
CA ASP E 155 -5.54 10.56 -30.03
C ASP E 155 -5.03 11.68 -30.95
N VAL E 156 -5.90 12.63 -31.28
CA VAL E 156 -5.62 13.65 -32.30
C VAL E 156 -4.14 13.97 -32.57
N PHE E 157 -3.49 14.70 -31.67
CA PHE E 157 -2.07 15.03 -31.86
C PHE E 157 -1.16 14.39 -30.81
N THR E 158 -1.56 13.22 -30.32
CA THR E 158 -0.70 12.45 -29.41
C THR E 158 -0.29 11.14 -30.08
N ASN E 159 0.88 10.64 -29.69
CA ASN E 159 1.46 9.45 -30.31
C ASN E 159 2.15 8.54 -29.31
N SER E 160 2.85 7.54 -29.83
CA SER E 160 3.50 6.54 -29.00
C SER E 160 4.57 7.14 -28.08
N GLN E 161 5.22 8.22 -28.55
CA GLN E 161 6.24 8.90 -27.75
C GLN E 161 5.62 9.58 -26.55
N ILE E 162 4.51 10.27 -26.79
CA ILE E 162 3.76 10.89 -25.70
C ILE E 162 3.30 9.82 -24.72
N MET E 163 2.80 8.71 -25.25
CA MET E 163 2.38 7.58 -24.45
C MET E 163 3.53 7.08 -23.58
N ALA E 164 4.71 6.98 -24.19
CA ALA E 164 5.91 6.53 -23.51
C ALA E 164 6.24 7.42 -22.31
N TRP E 165 6.32 8.73 -22.55
CA TRP E 165 6.57 9.69 -21.48
C TRP E 165 5.57 9.54 -20.34
N MET E 166 4.28 9.51 -20.69
CA MET E 166 3.21 9.37 -19.71
C MET E 166 3.37 8.07 -18.92
N MET E 167 3.70 7.00 -19.62
CA MET E 167 3.91 5.70 -18.99
C MET E 167 5.09 5.76 -18.02
N ASP E 168 6.19 6.36 -18.47
CA ASP E 168 7.37 6.53 -17.62
C ASP E 168 7.02 7.31 -16.36
N GLU E 169 6.27 8.40 -16.52
CA GLU E 169 5.88 9.22 -15.40
C GLU E 169 5.03 8.44 -14.42
N TYR E 170 4.02 7.74 -14.95
CA TYR E 170 3.12 6.99 -14.09
C TYR E 170 3.86 5.89 -13.35
N SER E 171 4.80 5.26 -14.03
CA SER E 171 5.61 4.21 -13.43
C SER E 171 6.45 4.74 -12.27
N ARG E 172 6.95 5.97 -12.42
CA ARG E 172 7.73 6.59 -11.36
C ARG E 172 6.89 6.82 -10.11
N ILE E 173 5.63 7.18 -10.32
CA ILE E 173 4.71 7.45 -9.21
C ILE E 173 4.34 6.17 -8.47
N ASP E 174 4.11 5.09 -9.22
CA ASP E 174 3.85 3.80 -8.60
C ASP E 174 5.13 3.17 -8.06
N GLU E 175 6.27 3.63 -8.56
CA GLU E 175 7.57 3.06 -8.21
C GLU E 175 7.76 1.66 -8.80
N PHE E 176 7.07 1.39 -9.91
CA PHE E 176 7.28 0.16 -10.66
C PHE E 176 6.67 0.27 -12.06
N ASN E 177 7.25 -0.45 -13.01
CA ASN E 177 6.76 -0.45 -14.38
C ASN E 177 5.25 -0.70 -14.46
N SER E 178 4.53 0.26 -15.05
CA SER E 178 3.09 0.13 -15.19
C SER E 178 2.69 0.30 -16.66
N PRO E 179 3.01 -0.70 -17.49
CA PRO E 179 2.76 -0.63 -18.93
C PRO E 179 1.27 -0.48 -19.18
N GLY E 180 0.49 -1.21 -18.38
CA GLY E 180 -0.94 -1.29 -18.56
C GLY E 180 -1.68 -0.03 -18.19
N PHE E 181 -0.96 1.00 -17.79
CA PHE E 181 -1.58 2.28 -17.46
C PHE E 181 -2.11 2.94 -18.73
N ILE E 182 -1.35 2.83 -19.80
CA ILE E 182 -1.65 3.55 -21.03
C ILE E 182 -1.26 2.71 -22.24
N THR E 183 -2.12 2.69 -23.25
CA THR E 183 -1.86 1.90 -24.45
C THR E 183 -1.36 2.75 -25.60
N GLY E 184 -1.00 2.08 -26.70
CA GLY E 184 -0.42 2.76 -27.84
C GLY E 184 1.05 3.04 -27.59
N LYS E 185 1.64 2.24 -26.71
CA LYS E 185 3.06 2.38 -26.37
C LYS E 185 3.95 1.82 -27.48
N PRO E 186 5.20 2.29 -27.53
CA PRO E 186 6.17 1.65 -28.42
C PRO E 186 6.36 0.20 -28.00
N LEU E 187 6.73 -0.67 -28.95
CA LEU E 187 6.86 -2.09 -28.66
C LEU E 187 7.78 -2.40 -27.49
N VAL E 188 8.89 -1.66 -27.39
CA VAL E 188 9.88 -1.92 -26.34
C VAL E 188 9.34 -1.61 -24.95
N LEU E 189 8.30 -0.78 -24.88
CA LEU E 189 7.70 -0.43 -23.61
C LEU E 189 6.43 -1.23 -23.32
N GLY E 190 6.22 -2.30 -24.07
CA GLY E 190 5.10 -3.18 -23.86
C GLY E 190 3.92 -2.86 -24.74
N GLY E 191 4.19 -2.26 -25.89
CA GLY E 191 3.16 -2.01 -26.88
C GLY E 191 2.75 -3.31 -27.54
N SER E 192 1.77 -3.24 -28.44
CA SER E 192 1.27 -4.45 -29.08
C SER E 192 1.40 -4.41 -30.60
N HIS E 193 1.65 -5.58 -31.20
CA HIS E 193 1.67 -5.68 -32.66
C HIS E 193 0.27 -5.41 -33.20
N GLY E 194 0.19 -4.98 -34.45
CA GLY E 194 -1.09 -4.86 -35.14
C GLY E 194 -1.91 -3.60 -34.86
N ARG E 195 -1.23 -2.53 -34.45
CA ARG E 195 -1.91 -1.24 -34.29
C ARG E 195 -2.14 -0.59 -35.64
N GLU E 196 -1.07 -0.49 -36.42
CA GLU E 196 -1.11 0.14 -37.73
C GLU E 196 -2.35 -0.23 -38.56
N SER E 197 -2.63 -1.53 -38.64
CA SER E 197 -3.70 -2.03 -39.49
C SER E 197 -5.00 -2.29 -38.75
N ALA E 198 -5.01 -2.04 -37.45
CA ALA E 198 -6.16 -2.35 -36.60
C ALA E 198 -7.52 -1.92 -37.16
N THR E 199 -7.70 -0.61 -37.40
CA THR E 199 -8.97 -0.10 -37.91
C THR E 199 -9.33 -0.72 -39.25
N ALA E 200 -8.44 -0.57 -40.24
CA ALA E 200 -8.67 -1.12 -41.57
C ALA E 200 -9.07 -2.59 -41.50
N LYS E 201 -8.29 -3.39 -40.78
CA LYS E 201 -8.58 -4.81 -40.63
C LYS E 201 -9.96 -5.06 -40.01
N GLY E 202 -10.33 -4.25 -39.03
CA GLY E 202 -11.65 -4.35 -38.42
C GLY E 202 -12.76 -4.14 -39.42
N VAL E 203 -12.54 -3.20 -40.35
CA VAL E 203 -13.50 -2.95 -41.42
C VAL E 203 -13.62 -4.20 -42.30
N THR E 204 -12.46 -4.72 -42.71
CA THR E 204 -12.42 -5.89 -43.59
C THR E 204 -13.20 -7.06 -43.00
N ILE E 205 -13.10 -7.23 -41.69
CA ILE E 205 -13.80 -8.31 -40.99
C ILE E 205 -15.31 -8.10 -41.04
N CYS E 206 -15.74 -6.85 -40.91
CA CYS E 206 -17.16 -6.52 -41.00
C CYS E 206 -17.67 -6.73 -42.42
N ILE E 207 -16.83 -6.40 -43.41
CA ILE E 207 -17.19 -6.58 -44.81
C ILE E 207 -17.40 -8.05 -45.14
N LYS E 208 -16.40 -8.87 -44.83
CA LYS E 208 -16.50 -10.31 -45.03
C LYS E 208 -17.74 -10.88 -44.33
N GLU E 209 -17.92 -10.52 -43.06
CA GLU E 209 -19.01 -11.04 -42.26
C GLU E 209 -20.37 -10.60 -42.79
N ALA E 210 -20.45 -9.36 -43.27
CA ALA E 210 -21.67 -8.87 -43.91
C ALA E 210 -21.95 -9.66 -45.17
N ALA E 211 -20.90 -9.96 -45.93
CA ALA E 211 -21.03 -10.76 -47.13
C ALA E 211 -21.74 -12.07 -46.80
N LYS E 212 -21.22 -12.78 -45.81
CA LYS E 212 -21.80 -14.06 -45.40
C LYS E 212 -23.30 -13.99 -45.14
N LYS E 213 -23.75 -12.88 -44.54
CA LYS E 213 -25.16 -12.71 -44.20
C LYS E 213 -26.04 -12.55 -45.44
N ARG E 214 -25.50 -11.91 -46.46
CA ARG E 214 -26.25 -11.67 -47.70
C ARG E 214 -25.98 -12.73 -48.76
N GLY E 215 -25.33 -13.82 -48.35
CA GLY E 215 -25.02 -14.91 -49.24
C GLY E 215 -24.19 -14.46 -50.42
N ILE E 216 -23.24 -13.57 -50.15
CA ILE E 216 -22.38 -13.02 -51.19
C ILE E 216 -20.95 -13.56 -51.10
N ASP E 217 -20.60 -14.45 -52.02
CA ASP E 217 -19.23 -14.93 -52.11
C ASP E 217 -18.31 -13.73 -52.32
N ILE E 218 -17.23 -13.68 -51.56
CA ILE E 218 -16.24 -12.61 -51.71
C ILE E 218 -15.45 -12.78 -53.00
N LYS E 219 -15.24 -14.03 -53.39
CA LYS E 219 -14.33 -14.37 -54.48
C LYS E 219 -14.63 -13.71 -55.83
N GLY E 220 -15.86 -13.23 -56.00
CA GLY E 220 -16.24 -12.55 -57.23
C GLY E 220 -16.93 -11.23 -56.97
N ALA E 221 -17.14 -10.95 -55.68
CA ALA E 221 -17.88 -9.76 -55.24
C ALA E 221 -17.35 -8.45 -55.81
N ARG E 222 -18.25 -7.68 -56.41
CA ARG E 222 -17.92 -6.35 -56.90
C ARG E 222 -17.86 -5.37 -55.74
N VAL E 223 -16.66 -4.85 -55.47
CA VAL E 223 -16.44 -3.99 -54.33
C VAL E 223 -16.09 -2.58 -54.77
N VAL E 224 -16.71 -1.59 -54.10
CA VAL E 224 -16.46 -0.19 -54.38
C VAL E 224 -15.96 0.54 -53.15
N VAL E 225 -14.75 1.08 -53.24
CA VAL E 225 -14.17 1.84 -52.14
C VAL E 225 -14.08 3.32 -52.49
N GLN E 226 -14.87 4.14 -51.81
CA GLN E 226 -14.78 5.58 -51.98
C GLN E 226 -13.66 6.12 -51.11
N GLY E 227 -12.82 6.97 -51.69
CA GLY E 227 -11.63 7.41 -50.99
C GLY E 227 -10.52 6.41 -51.19
N PHE E 228 -9.52 6.79 -51.98
CA PHE E 228 -8.34 5.97 -52.18
C PHE E 228 -7.20 6.61 -51.39
N GLY E 229 -7.55 7.11 -50.20
CA GLY E 229 -6.59 7.78 -49.35
C GLY E 229 -5.69 6.80 -48.61
N ASN E 230 -5.94 6.64 -47.32
CA ASN E 230 -5.09 5.82 -46.47
C ASN E 230 -5.78 4.51 -46.05
N ALA E 231 -6.99 4.64 -45.53
CA ALA E 231 -7.79 3.47 -45.15
C ALA E 231 -8.46 2.87 -46.38
N GLY E 232 -8.86 3.75 -47.31
CA GLY E 232 -9.46 3.32 -48.56
C GLY E 232 -8.55 2.45 -49.39
N SER E 233 -7.37 2.97 -49.71
CA SER E 233 -6.38 2.22 -50.46
C SER E 233 -6.16 0.86 -49.82
N TYR E 234 -6.02 0.85 -48.49
CA TYR E 234 -5.79 -0.38 -47.76
C TYR E 234 -6.93 -1.36 -47.99
N LEU E 235 -8.15 -0.87 -47.86
CA LEU E 235 -9.33 -1.70 -48.03
C LEU E 235 -9.38 -2.30 -49.43
N ALA E 236 -8.95 -1.52 -50.42
CA ALA E 236 -8.93 -1.98 -51.81
C ALA E 236 -7.99 -3.15 -51.99
N LYS E 237 -6.78 -3.05 -51.44
CA LYS E 237 -5.81 -4.13 -51.50
C LYS E 237 -6.35 -5.39 -50.83
N PHE E 238 -7.13 -5.19 -49.77
CA PHE E 238 -7.65 -6.31 -49.00
C PHE E 238 -8.73 -7.09 -49.75
N MET E 239 -9.58 -6.37 -50.49
CA MET E 239 -10.61 -7.01 -51.30
C MET E 239 -9.99 -7.65 -52.55
N HIS E 240 -9.15 -6.89 -53.24
CA HIS E 240 -8.47 -7.38 -54.43
C HIS E 240 -7.62 -8.62 -54.12
N ASP E 241 -7.04 -8.66 -52.92
CA ASP E 241 -6.25 -9.81 -52.49
C ASP E 241 -7.16 -10.95 -52.06
N ALA E 242 -8.37 -10.60 -51.63
CA ALA E 242 -9.36 -11.58 -51.23
C ALA E 242 -10.12 -12.11 -52.45
N GLY E 243 -9.79 -11.58 -53.62
CA GLY E 243 -10.37 -12.05 -54.87
C GLY E 243 -11.63 -11.32 -55.28
N ALA E 244 -11.90 -10.19 -54.64
CA ALA E 244 -13.04 -9.37 -55.03
C ALA E 244 -12.70 -8.55 -56.26
N LYS E 245 -13.69 -8.32 -57.11
CA LYS E 245 -13.52 -7.36 -58.19
C LYS E 245 -13.70 -5.96 -57.61
N VAL E 246 -12.60 -5.35 -57.19
CA VAL E 246 -12.64 -3.96 -56.78
C VAL E 246 -12.94 -3.13 -58.00
N VAL E 247 -14.22 -3.09 -58.35
CA VAL E 247 -14.67 -2.53 -59.62
C VAL E 247 -14.61 -1.01 -59.63
N GLY E 248 -14.25 -0.41 -58.51
CA GLY E 248 -14.19 1.04 -58.42
C GLY E 248 -13.50 1.62 -57.20
N ILE E 249 -12.72 2.66 -57.42
CA ILE E 249 -12.11 3.42 -56.35
C ILE E 249 -12.22 4.90 -56.70
N SER E 250 -11.99 5.77 -55.72
CA SER E 250 -12.02 7.19 -55.97
C SER E 250 -11.14 7.89 -54.94
N ASP E 251 -10.46 8.95 -55.37
CA ASP E 251 -9.84 9.85 -54.40
C ASP E 251 -10.66 11.13 -54.35
N ALA E 252 -10.03 12.27 -54.56
CA ALA E 252 -10.73 13.54 -54.44
C ALA E 252 -11.08 14.13 -55.80
N TYR E 253 -10.60 13.50 -56.88
CA TYR E 253 -10.77 14.03 -58.22
C TYR E 253 -11.51 13.09 -59.16
N GLY E 254 -12.51 12.39 -58.63
CA GLY E 254 -13.28 11.45 -59.43
C GLY E 254 -12.97 10.00 -59.08
N GLY E 255 -13.43 9.08 -59.91
CA GLY E 255 -13.24 7.67 -59.63
C GLY E 255 -12.94 6.81 -60.84
N LEU E 256 -12.41 5.62 -60.59
CA LEU E 256 -12.15 4.66 -61.66
C LEU E 256 -13.18 3.55 -61.61
N TYR E 257 -13.65 3.15 -62.79
CA TYR E 257 -14.56 2.01 -62.88
C TYR E 257 -14.06 1.03 -63.92
N ASP E 258 -14.22 -0.26 -63.62
CA ASP E 258 -13.81 -1.32 -64.53
C ASP E 258 -14.49 -2.60 -64.08
N PRO E 259 -15.57 -2.99 -64.78
CA PRO E 259 -16.38 -4.15 -64.41
C PRO E 259 -15.53 -5.40 -64.19
N GLU E 260 -14.47 -5.54 -64.97
CA GLU E 260 -13.58 -6.68 -64.86
C GLU E 260 -12.85 -6.69 -63.53
N GLY E 261 -12.72 -5.52 -62.93
CA GLY E 261 -11.99 -5.39 -61.68
C GLY E 261 -10.70 -4.61 -61.86
N LEU E 262 -10.52 -3.56 -61.07
CA LEU E 262 -9.30 -2.77 -61.13
C LEU E 262 -8.18 -3.47 -60.40
N ASP E 263 -7.04 -3.66 -61.08
CA ASP E 263 -5.86 -4.21 -60.43
C ASP E 263 -5.26 -3.17 -59.49
N ILE E 264 -5.65 -3.28 -58.23
CA ILE E 264 -5.32 -2.35 -57.19
C ILE E 264 -3.85 -2.31 -57.00
N ASP E 265 -3.21 -3.38 -57.40
CA ASP E 265 -1.82 -3.49 -57.18
C ASP E 265 -1.17 -2.58 -58.15
N TYR E 266 -1.77 -2.46 -59.31
CA TYR E 266 -1.22 -1.58 -60.31
C TYR E 266 -1.28 -0.11 -59.87
N LEU E 267 -2.05 0.16 -58.82
CA LEU E 267 -2.40 1.51 -58.41
C LEU E 267 -1.83 1.84 -57.07
N LEU E 268 -1.48 0.85 -56.29
CA LEU E 268 -0.85 1.23 -55.07
C LEU E 268 0.47 1.76 -55.53
N ASP E 269 0.94 1.21 -56.62
CA ASP E 269 2.27 1.44 -57.07
C ASP E 269 2.34 2.58 -58.03
N ARG E 270 1.27 3.37 -58.02
CA ARG E 270 1.22 4.55 -58.82
C ARG E 270 0.49 5.67 -58.09
N THR E 286 -17.24 10.36 -61.86
CA THR E 286 -17.25 11.27 -60.71
C THR E 286 -17.52 10.51 -59.43
N ASN E 287 -17.69 11.23 -58.32
CA ASN E 287 -18.01 10.60 -57.05
C ASN E 287 -19.48 10.18 -56.98
N GLN E 288 -20.35 10.97 -57.60
CA GLN E 288 -21.75 10.58 -57.73
C GLN E 288 -21.82 9.22 -58.42
N GLU E 289 -21.11 9.11 -59.54
CA GLU E 289 -21.08 7.89 -60.34
C GLU E 289 -20.54 6.68 -59.58
N LEU E 290 -19.42 6.86 -58.87
CA LEU E 290 -18.78 5.74 -58.17
C LEU E 290 -19.74 5.06 -57.21
N LEU E 291 -20.55 5.86 -56.52
CA LEU E 291 -21.47 5.33 -55.53
C LEU E 291 -22.67 4.65 -56.20
N GLU E 292 -23.03 5.11 -57.38
CA GLU E 292 -24.16 4.55 -58.10
C GLU E 292 -23.74 3.38 -58.98
N LEU E 293 -22.51 2.92 -58.79
CA LEU E 293 -21.99 1.77 -59.52
C LEU E 293 -22.70 0.48 -59.14
N ASP E 294 -23.01 -0.36 -60.13
CA ASP E 294 -23.57 -1.66 -59.85
C ASP E 294 -22.55 -2.54 -59.14
N CYS E 295 -22.68 -2.66 -57.83
CA CYS E 295 -21.73 -3.44 -57.05
C CYS E 295 -22.42 -4.20 -55.93
N ASP E 296 -21.66 -5.06 -55.25
CA ASP E 296 -22.19 -5.85 -54.14
C ASP E 296 -21.92 -5.15 -52.81
N ILE E 297 -20.71 -4.61 -52.67
CA ILE E 297 -20.29 -4.00 -51.41
C ILE E 297 -19.78 -2.58 -51.63
N LEU E 298 -20.46 -1.61 -51.01
CA LEU E 298 -20.04 -0.22 -51.06
C LEU E 298 -19.39 0.19 -49.75
N VAL E 299 -18.11 0.56 -49.80
CA VAL E 299 -17.39 0.98 -48.61
C VAL E 299 -17.06 2.47 -48.67
N PRO E 300 -17.96 3.32 -48.14
CA PRO E 300 -17.70 4.76 -48.08
C PRO E 300 -16.57 5.04 -47.11
N ALA E 301 -15.37 5.27 -47.63
CA ALA E 301 -14.18 5.49 -46.80
C ALA E 301 -13.69 6.93 -46.89
N ALA E 302 -14.62 7.87 -46.99
CA ALA E 302 -14.25 9.27 -47.20
C ALA E 302 -14.87 10.21 -46.18
N ILE E 303 -15.74 11.08 -46.67
CA ILE E 303 -16.28 12.17 -45.87
C ILE E 303 -17.76 11.97 -45.54
N GLU E 304 -18.30 12.89 -44.76
CA GLU E 304 -19.68 12.79 -44.28
C GLU E 304 -20.71 13.17 -45.34
N ASN E 305 -21.89 12.57 -45.24
CA ASN E 305 -23.02 12.92 -46.09
C ASN E 305 -22.82 12.59 -47.57
N GLN E 306 -22.33 11.39 -47.86
CA GLN E 306 -22.24 10.90 -49.22
C GLN E 306 -23.55 10.22 -49.59
N ILE E 307 -24.14 9.53 -48.62
CA ILE E 307 -25.39 8.82 -48.80
C ILE E 307 -26.55 9.60 -48.18
N THR E 308 -27.23 10.38 -49.02
CA THR E 308 -28.31 11.26 -48.57
C THR E 308 -29.65 10.88 -49.19
N GLU E 309 -30.73 11.40 -48.62
CA GLU E 309 -32.07 11.19 -49.14
C GLU E 309 -32.13 11.47 -50.64
N GLU E 310 -31.22 12.34 -51.10
CA GLU E 310 -31.22 12.79 -52.48
C GLU E 310 -30.68 11.72 -53.45
N ASN E 311 -29.98 10.73 -52.91
CA ASN E 311 -29.40 9.69 -53.76
C ASN E 311 -29.45 8.29 -53.15
N ALA E 312 -30.09 8.17 -52.00
CA ALA E 312 -30.13 6.90 -51.28
C ALA E 312 -30.81 5.80 -52.10
N HIS E 313 -31.83 6.17 -52.86
CA HIS E 313 -32.54 5.20 -53.69
C HIS E 313 -31.71 4.80 -54.90
N ASN E 314 -30.63 5.54 -55.14
CA ASN E 314 -29.78 5.30 -56.30
C ASN E 314 -28.74 4.22 -56.07
N ILE E 315 -28.43 3.97 -54.80
CA ILE E 315 -27.37 3.03 -54.43
C ILE E 315 -27.66 1.61 -54.93
N ARG E 316 -26.80 1.10 -55.81
CA ARG E 316 -26.94 -0.24 -56.37
C ARG E 316 -26.40 -1.32 -55.44
N ALA E 317 -25.50 -0.94 -54.55
CA ALA E 317 -24.86 -1.90 -53.65
C ALA E 317 -25.86 -2.64 -52.76
N LYS E 318 -25.53 -3.89 -52.44
CA LYS E 318 -26.35 -4.70 -51.53
C LYS E 318 -25.91 -4.51 -50.09
N ILE E 319 -24.64 -4.19 -49.91
CA ILE E 319 -24.08 -3.95 -48.58
C ILE E 319 -23.29 -2.65 -48.58
N VAL E 320 -23.53 -1.82 -47.57
CA VAL E 320 -22.72 -0.62 -47.38
C VAL E 320 -22.01 -0.68 -46.04
N VAL E 321 -20.69 -0.78 -46.07
CA VAL E 321 -19.90 -0.80 -44.85
C VAL E 321 -19.13 0.49 -44.67
N GLU E 322 -19.52 1.27 -43.67
CA GLU E 322 -18.88 2.55 -43.40
C GLU E 322 -17.47 2.35 -42.87
N ALA E 323 -16.51 3.01 -43.51
CA ALA E 323 -15.12 2.99 -43.08
C ALA E 323 -14.71 4.41 -42.70
N ALA E 324 -15.69 5.25 -42.43
CA ALA E 324 -15.46 6.63 -42.03
C ALA E 324 -16.61 7.15 -41.17
N ASN E 325 -16.50 8.41 -40.76
CA ASN E 325 -17.50 9.01 -39.87
C ASN E 325 -18.70 9.60 -40.60
N GLY E 326 -19.89 9.18 -40.17
CA GLY E 326 -21.14 9.71 -40.69
C GLY E 326 -21.24 9.93 -42.19
N PRO E 327 -20.88 8.90 -42.98
CA PRO E 327 -20.94 9.03 -44.44
C PRO E 327 -22.38 9.08 -44.92
N THR E 328 -23.31 8.59 -44.11
CA THR E 328 -24.71 8.51 -44.51
C THR E 328 -25.64 9.24 -43.54
N THR E 329 -26.41 10.18 -44.07
CA THR E 329 -27.34 10.94 -43.25
C THR E 329 -28.34 10.02 -42.57
N LEU E 330 -29.19 10.61 -41.74
CA LEU E 330 -30.20 9.86 -41.02
C LEU E 330 -31.24 9.28 -41.98
N GLU E 331 -31.70 10.11 -42.91
CA GLU E 331 -32.63 9.66 -43.94
C GLU E 331 -32.04 8.51 -44.73
N GLY E 332 -30.87 8.76 -45.32
CA GLY E 332 -30.17 7.75 -46.10
C GLY E 332 -30.12 6.42 -45.37
N THR E 333 -29.88 6.49 -44.06
CA THR E 333 -29.85 5.29 -43.23
C THR E 333 -31.21 4.60 -43.26
N LYS E 334 -32.27 5.39 -43.15
CA LYS E 334 -33.63 4.87 -43.25
C LYS E 334 -33.88 4.30 -44.64
N ILE E 335 -33.65 5.12 -45.67
CA ILE E 335 -33.88 4.69 -47.04
C ILE E 335 -33.23 3.33 -47.30
N LEU E 336 -31.94 3.24 -47.01
CA LEU E 336 -31.22 1.97 -47.15
C LEU E 336 -31.90 0.86 -46.37
N SER E 337 -32.49 1.21 -45.23
CA SER E 337 -33.18 0.23 -44.40
C SER E 337 -34.46 -0.26 -45.08
N ASP E 338 -35.24 0.68 -45.61
CA ASP E 338 -36.46 0.35 -46.33
C ASP E 338 -36.15 -0.55 -47.51
N ARG E 339 -35.14 -0.16 -48.28
CA ARG E 339 -34.54 -1.05 -49.26
C ARG E 339 -33.83 -2.11 -48.44
N ASP E 340 -33.50 -3.24 -49.04
CA ASP E 340 -32.87 -4.30 -48.27
C ASP E 340 -31.36 -4.16 -48.19
N ILE E 341 -30.87 -2.92 -48.19
CA ILE E 341 -29.44 -2.65 -48.16
C ILE E 341 -28.86 -2.69 -46.75
N LEU E 342 -27.93 -3.62 -46.52
CA LEU E 342 -27.29 -3.78 -45.22
C LEU E 342 -26.24 -2.70 -44.94
N LEU E 343 -26.50 -1.86 -43.95
CA LEU E 343 -25.62 -0.74 -43.63
C LEU E 343 -24.85 -0.99 -42.34
N VAL E 344 -23.56 -1.26 -42.46
CA VAL E 344 -22.72 -1.54 -41.29
C VAL E 344 -22.18 -0.23 -40.71
N PRO E 345 -22.55 0.05 -39.45
CA PRO E 345 -22.33 1.34 -38.79
C PRO E 345 -20.85 1.60 -38.52
N ASP E 346 -20.40 2.83 -38.75
CA ASP E 346 -19.02 3.20 -38.49
C ASP E 346 -18.59 2.83 -37.08
N VAL E 347 -19.48 3.04 -36.11
CA VAL E 347 -19.16 2.80 -34.70
C VAL E 347 -18.75 1.35 -34.45
N LEU E 348 -19.24 0.44 -35.28
CA LEU E 348 -18.88 -0.98 -35.20
C LEU E 348 -17.72 -1.30 -36.13
N ALA E 349 -17.77 -0.78 -37.34
CA ALA E 349 -16.78 -1.08 -38.36
C ALA E 349 -15.37 -0.63 -37.98
N SER E 350 -15.28 0.45 -37.20
CA SER E 350 -13.99 1.08 -36.91
C SER E 350 -13.43 0.69 -35.54
N ALA E 351 -14.12 -0.21 -34.85
CA ALA E 351 -13.75 -0.58 -33.50
C ALA E 351 -12.47 -1.40 -33.43
N GLY E 352 -11.80 -1.55 -34.57
CA GLY E 352 -10.54 -2.29 -34.63
C GLY E 352 -9.46 -1.67 -33.78
N GLY E 353 -9.31 -0.35 -33.87
CA GLY E 353 -8.33 0.37 -33.09
C GLY E 353 -8.47 0.16 -31.59
N VAL E 354 -9.68 0.40 -31.08
CA VAL E 354 -9.96 0.22 -29.66
C VAL E 354 -9.63 -1.20 -29.23
N THR E 355 -10.04 -2.16 -30.06
CA THR E 355 -9.88 -3.58 -29.74
C THR E 355 -8.41 -3.97 -29.54
N VAL E 356 -7.54 -3.46 -30.41
CA VAL E 356 -6.12 -3.78 -30.30
C VAL E 356 -5.47 -3.03 -29.13
N SER E 357 -5.98 -1.84 -28.83
CA SER E 357 -5.52 -1.10 -27.68
C SER E 357 -5.86 -1.89 -26.43
N TYR E 358 -7.00 -2.57 -26.47
CA TYR E 358 -7.41 -3.48 -25.39
C TYR E 358 -6.46 -4.68 -25.29
N PHE E 359 -6.09 -5.24 -26.43
CA PHE E 359 -5.15 -6.36 -26.46
C PHE E 359 -3.82 -5.97 -25.79
N GLU E 360 -3.35 -4.76 -26.07
CA GLU E 360 -2.11 -4.26 -25.48
C GLU E 360 -2.20 -4.26 -23.96
N TRP E 361 -3.36 -3.83 -23.46
CA TRP E 361 -3.62 -3.78 -22.02
C TRP E 361 -3.65 -5.18 -21.41
N VAL E 362 -4.28 -6.12 -22.11
CA VAL E 362 -4.30 -7.51 -21.68
C VAL E 362 -2.88 -8.07 -21.60
N GLN E 363 -2.11 -7.86 -22.66
CA GLN E 363 -0.73 -8.31 -22.71
C GLN E 363 0.07 -7.71 -21.56
N ASN E 364 -0.19 -6.44 -21.27
CA ASN E 364 0.42 -5.77 -20.13
C ASN E 364 0.08 -6.49 -18.82
N ASN E 365 -1.18 -6.89 -18.69
CA ASN E 365 -1.63 -7.61 -17.50
C ASN E 365 -0.91 -8.96 -17.34
N GLN E 366 -0.77 -9.67 -18.45
CA GLN E 366 -0.07 -10.95 -18.46
C GLN E 366 1.44 -10.78 -18.33
N GLY E 367 1.96 -9.68 -18.84
CA GLY E 367 3.39 -9.51 -18.96
C GLY E 367 3.90 -10.43 -20.06
N PHE E 368 2.99 -10.79 -20.95
CA PHE E 368 3.30 -11.67 -22.06
C PHE E 368 2.79 -11.05 -23.36
N TYR E 369 3.61 -11.09 -24.41
CA TYR E 369 3.25 -10.34 -25.60
C TYR E 369 2.98 -11.19 -26.83
N TRP E 370 1.93 -10.79 -27.55
CA TRP E 370 1.32 -11.59 -28.60
C TRP E 370 1.98 -11.42 -29.96
N SER E 371 2.11 -12.54 -30.67
CA SER E 371 2.60 -12.52 -32.04
C SER E 371 1.62 -11.73 -32.89
N GLU E 372 2.08 -11.30 -34.05
CA GLU E 372 1.25 -10.50 -34.95
C GLU E 372 0.02 -11.28 -35.37
N GLU E 373 0.21 -12.59 -35.55
CA GLU E 373 -0.88 -13.48 -35.95
C GLU E 373 -1.90 -13.62 -34.83
N GLU E 374 -1.43 -13.79 -33.60
CA GLU E 374 -2.30 -13.95 -32.45
C GLU E 374 -3.19 -12.73 -32.25
N VAL E 375 -2.61 -11.55 -32.41
CA VAL E 375 -3.37 -10.31 -32.36
C VAL E 375 -4.46 -10.36 -33.44
N GLU E 376 -4.05 -10.71 -34.65
CA GLU E 376 -4.96 -10.77 -35.80
C GLU E 376 -6.19 -11.62 -35.51
N GLU E 377 -5.97 -12.86 -35.08
CA GLU E 377 -7.08 -13.79 -34.87
C GLU E 377 -8.04 -13.32 -33.77
N LYS E 378 -7.49 -12.84 -32.66
CA LYS E 378 -8.33 -12.34 -31.58
C LYS E 378 -9.12 -11.13 -32.05
N LEU E 379 -8.48 -10.27 -32.83
CA LEU E 379 -9.15 -9.11 -33.42
C LEU E 379 -10.34 -9.60 -34.24
N GLU E 380 -10.13 -10.70 -34.97
CA GLU E 380 -11.18 -11.24 -35.82
C GLU E 380 -12.33 -11.82 -35.00
N LYS E 381 -12.01 -12.72 -34.07
CA LYS E 381 -13.03 -13.35 -33.24
C LYS E 381 -13.92 -12.31 -32.54
N MET E 382 -13.33 -11.24 -32.05
CA MET E 382 -14.10 -10.22 -31.35
C MET E 382 -14.96 -9.40 -32.31
N MET E 383 -14.40 -9.03 -33.46
CA MET E 383 -15.14 -8.31 -34.48
C MET E 383 -16.30 -9.16 -35.00
N VAL E 384 -16.01 -10.42 -35.33
CA VAL E 384 -17.05 -11.35 -35.76
C VAL E 384 -18.14 -11.46 -34.69
N LYS E 385 -17.72 -11.77 -33.47
CA LYS E 385 -18.65 -11.89 -32.36
C LYS E 385 -19.50 -10.63 -32.23
N SER E 386 -18.86 -9.47 -32.35
CA SER E 386 -19.54 -8.19 -32.23
C SER E 386 -20.49 -7.94 -33.40
N PHE E 387 -20.01 -8.11 -34.63
CA PHE E 387 -20.84 -7.94 -35.80
C PHE E 387 -22.12 -8.75 -35.66
N ASN E 388 -21.95 -10.01 -35.26
CA ASN E 388 -23.06 -10.96 -35.20
C ASN E 388 -24.10 -10.70 -34.10
N ASN E 389 -23.65 -10.28 -32.92
CA ASN E 389 -24.58 -9.86 -31.88
C ASN E 389 -25.43 -8.71 -32.38
N ILE E 390 -24.78 -7.72 -32.99
CA ILE E 390 -25.45 -6.54 -33.50
C ILE E 390 -26.35 -6.85 -34.68
N TYR E 391 -25.87 -7.68 -35.61
CA TYR E 391 -26.67 -8.07 -36.76
C TYR E 391 -27.93 -8.79 -36.30
N GLU E 392 -27.76 -9.74 -35.38
CA GLU E 392 -28.89 -10.56 -34.94
C GLU E 392 -29.93 -9.78 -34.14
N MET E 393 -29.47 -8.82 -33.34
CA MET E 393 -30.40 -7.96 -32.60
C MET E 393 -31.19 -7.10 -33.57
N ALA E 394 -30.51 -6.60 -34.60
CA ALA E 394 -31.15 -5.77 -35.61
C ALA E 394 -32.19 -6.58 -36.37
N ASN E 395 -31.85 -7.84 -36.63
CA ASN E 395 -32.75 -8.73 -37.36
C ASN E 395 -33.97 -9.12 -36.53
N ASN E 396 -33.72 -9.50 -35.28
CA ASN E 396 -34.80 -9.89 -34.37
C ASN E 396 -35.75 -8.72 -34.07
N ARG E 397 -35.18 -7.52 -33.94
CA ARG E 397 -35.95 -6.35 -33.54
C ARG E 397 -36.39 -5.47 -34.70
N ARG E 398 -36.17 -5.94 -35.94
CA ARG E 398 -36.62 -5.21 -37.13
C ARG E 398 -36.12 -3.77 -37.17
N ILE E 399 -34.84 -3.57 -36.86
CA ILE E 399 -34.25 -2.24 -36.92
C ILE E 399 -32.87 -2.28 -37.60
N ASP E 400 -32.38 -1.12 -38.03
CA ASP E 400 -31.08 -1.04 -38.69
C ASP E 400 -29.92 -1.35 -37.74
N MET E 401 -28.76 -1.67 -38.30
CA MET E 401 -27.59 -2.06 -37.52
C MET E 401 -27.01 -0.90 -36.70
N ARG E 402 -27.15 0.31 -37.22
CA ARG E 402 -26.76 1.51 -36.49
C ARG E 402 -27.39 1.52 -35.10
N LEU E 403 -28.71 1.57 -35.08
CA LEU E 403 -29.48 1.61 -33.85
C LEU E 403 -29.19 0.42 -32.93
N ALA E 404 -29.06 -0.76 -33.52
CA ALA E 404 -28.81 -1.99 -32.75
C ALA E 404 -27.41 -1.99 -32.14
N ALA E 405 -26.46 -1.39 -32.84
CA ALA E 405 -25.11 -1.24 -32.32
C ALA E 405 -25.16 -0.35 -31.09
N TYR E 406 -25.89 0.75 -31.20
CA TYR E 406 -26.05 1.69 -30.09
C TYR E 406 -26.63 1.00 -28.86
N MET E 407 -27.61 0.13 -29.09
CA MET E 407 -28.23 -0.61 -28.00
C MET E 407 -27.21 -1.54 -27.35
N VAL E 408 -26.49 -2.28 -28.18
CA VAL E 408 -25.46 -3.20 -27.68
C VAL E 408 -24.30 -2.45 -27.04
N GLY E 409 -24.01 -1.25 -27.54
CA GLY E 409 -22.96 -0.43 -26.98
C GLY E 409 -23.33 0.13 -25.61
N VAL E 410 -24.63 0.32 -25.40
CA VAL E 410 -25.12 0.97 -24.19
C VAL E 410 -25.67 -0.03 -23.16
N ARG E 411 -26.01 -1.23 -23.63
CA ARG E 411 -26.68 -2.24 -22.80
C ARG E 411 -25.79 -2.84 -21.71
N LYS E 412 -24.51 -2.99 -21.99
CA LYS E 412 -23.62 -3.69 -21.06
C LYS E 412 -23.43 -2.93 -19.75
N MET E 413 -23.12 -1.64 -19.85
CA MET E 413 -22.92 -0.80 -18.68
C MET E 413 -24.23 -0.52 -17.95
N ALA E 414 -25.34 -0.67 -18.67
CA ALA E 414 -26.66 -0.53 -18.07
C ALA E 414 -26.97 -1.74 -17.20
N GLU E 415 -26.61 -2.93 -17.68
CA GLU E 415 -26.78 -4.16 -16.93
C GLU E 415 -25.85 -4.19 -15.73
N ALA E 416 -24.59 -3.83 -15.96
CA ALA E 416 -23.60 -3.79 -14.90
C ALA E 416 -23.98 -2.79 -13.82
N SER E 417 -24.32 -1.57 -14.22
CA SER E 417 -24.72 -0.52 -13.27
C SER E 417 -25.90 -0.96 -12.42
N ARG E 418 -26.83 -1.69 -13.03
CA ARG E 418 -27.98 -2.22 -12.29
C ARG E 418 -27.57 -3.34 -11.35
N PHE E 419 -26.73 -4.24 -11.84
CA PHE E 419 -26.24 -5.35 -11.03
C PHE E 419 -25.49 -4.87 -9.78
N ARG E 420 -24.81 -3.75 -9.91
CA ARG E 420 -23.99 -3.24 -8.82
C ARG E 420 -24.74 -2.26 -7.95
N GLY E 421 -26.04 -2.08 -8.21
CA GLY E 421 -26.90 -1.30 -7.35
C GLY E 421 -26.82 0.21 -7.51
N TRP E 422 -26.24 0.65 -8.63
CA TRP E 422 -26.15 2.09 -8.92
C TRP E 422 -27.51 2.60 -9.42
N ILE E 423 -28.25 1.72 -10.08
CA ILE E 423 -29.61 2.03 -10.51
C ILE E 423 -30.46 0.77 -10.59
N VAL F 17 36.29 -8.28 -16.38
CA VAL F 17 35.04 -9.00 -16.51
C VAL F 17 33.93 -8.00 -16.79
N LEU F 18 33.67 -7.12 -15.83
CA LEU F 18 32.77 -5.99 -16.04
C LEU F 18 33.40 -5.05 -17.04
N LYS F 19 34.70 -4.83 -16.88
CA LYS F 19 35.45 -3.99 -17.80
C LYS F 19 35.23 -4.51 -19.22
N SER F 20 35.41 -5.82 -19.39
CA SER F 20 35.24 -6.45 -20.69
C SER F 20 33.81 -6.34 -21.23
N THR F 21 32.82 -6.61 -20.39
CA THR F 21 31.41 -6.50 -20.79
C THR F 21 31.14 -5.12 -21.35
N GLN F 22 31.84 -4.14 -20.79
CA GLN F 22 31.64 -2.75 -21.15
C GLN F 22 32.27 -2.38 -22.50
N THR F 23 33.42 -2.99 -22.81
CA THR F 23 34.05 -2.75 -24.11
C THR F 23 33.12 -3.21 -25.21
N VAL F 24 32.56 -4.41 -25.05
CA VAL F 24 31.68 -5.00 -26.06
C VAL F 24 30.35 -4.28 -26.15
N ILE F 25 29.82 -3.81 -25.02
CA ILE F 25 28.59 -3.03 -25.03
C ILE F 25 28.84 -1.69 -25.71
N HIS F 26 29.98 -1.09 -25.39
CA HIS F 26 30.37 0.17 -26.02
C HIS F 26 30.48 -0.04 -27.52
N LYS F 27 31.24 -1.06 -27.91
CA LYS F 27 31.39 -1.40 -29.32
C LYS F 27 30.03 -1.63 -29.94
N ALA F 28 29.24 -2.48 -29.28
CA ALA F 28 27.87 -2.74 -29.72
C ALA F 28 27.13 -1.42 -29.93
N LEU F 29 26.90 -0.69 -28.85
CA LEU F 29 26.21 0.60 -28.91
C LEU F 29 26.67 1.45 -30.09
N GLU F 30 27.97 1.70 -30.17
CA GLU F 30 28.56 2.51 -31.23
C GLU F 30 28.26 1.94 -32.61
N LYS F 31 28.49 0.65 -32.79
CA LYS F 31 28.26 -0.01 -34.07
C LYS F 31 26.84 0.23 -34.57
N LEU F 32 25.92 0.46 -33.64
CA LEU F 32 24.52 0.76 -33.98
C LEU F 32 24.30 2.25 -34.17
N GLY F 33 25.35 3.04 -33.97
CA GLY F 33 25.30 4.47 -34.22
C GLY F 33 24.69 5.26 -33.08
N TYR F 34 24.89 4.78 -31.85
CA TYR F 34 24.34 5.47 -30.69
C TYR F 34 25.28 6.53 -30.13
N PRO F 35 24.68 7.61 -29.59
CA PRO F 35 25.41 8.63 -28.84
C PRO F 35 26.15 8.00 -27.67
N GLU F 36 27.29 8.57 -27.30
CA GLU F 36 28.06 8.05 -26.18
C GLU F 36 27.19 7.92 -24.94
N GLU F 37 26.22 8.81 -24.80
CA GLU F 37 25.37 8.90 -23.61
C GLU F 37 24.68 7.59 -23.27
N VAL F 38 24.34 6.82 -24.30
CA VAL F 38 23.64 5.55 -24.09
C VAL F 38 24.56 4.53 -23.42
N TYR F 39 25.82 4.51 -23.84
CA TYR F 39 26.80 3.65 -23.19
C TYR F 39 26.91 4.03 -21.73
N GLU F 40 27.11 5.32 -21.49
CA GLU F 40 27.22 5.83 -20.14
C GLU F 40 26.07 5.34 -19.27
N LEU F 41 24.87 5.33 -19.84
CA LEU F 41 23.69 4.92 -19.07
C LEU F 41 23.65 3.41 -18.82
N LEU F 42 24.01 2.64 -19.84
CA LEU F 42 23.93 1.19 -19.77
C LEU F 42 25.14 0.53 -19.11
N LYS F 43 26.27 1.23 -19.10
CA LYS F 43 27.54 0.64 -18.68
C LYS F 43 27.55 0.08 -17.24
N GLU F 44 26.54 0.42 -16.46
CA GLU F 44 26.48 0.07 -15.04
C GLU F 44 25.03 0.06 -14.54
N PRO F 45 24.70 -0.85 -13.60
CA PRO F 45 23.31 -0.88 -13.13
C PRO F 45 22.89 0.45 -12.50
N MET F 46 21.68 0.89 -12.80
CA MET F 46 21.21 2.18 -12.30
C MET F 46 20.92 2.14 -10.81
N ARG F 47 20.74 0.93 -10.28
CA ARG F 47 20.46 0.78 -8.85
C ARG F 47 21.15 -0.45 -8.28
N LEU F 48 22.09 -0.24 -7.36
CA LEU F 48 22.71 -1.37 -6.68
C LEU F 48 22.51 -1.29 -5.18
N LEU F 49 21.88 -2.32 -4.64
CA LEU F 49 21.62 -2.38 -3.20
C LEU F 49 22.52 -3.42 -2.55
N THR F 50 23.37 -2.97 -1.64
CA THR F 50 24.15 -3.90 -0.83
C THR F 50 23.71 -3.84 0.63
N VAL F 51 23.59 -5.02 1.24
CA VAL F 51 22.91 -5.17 2.52
C VAL F 51 23.68 -6.10 3.46
N LYS F 52 23.60 -5.81 4.76
CA LYS F 52 24.20 -6.67 5.77
C LYS F 52 23.10 -7.47 6.47
N ILE F 53 23.26 -8.79 6.52
CA ILE F 53 22.18 -9.67 6.96
C ILE F 53 22.59 -10.53 8.17
N PRO F 54 22.08 -10.17 9.35
CA PRO F 54 22.44 -10.89 10.58
C PRO F 54 21.80 -12.27 10.57
N VAL F 55 22.58 -13.32 10.85
CA VAL F 55 22.04 -14.67 10.82
C VAL F 55 22.39 -15.48 12.06
N ARG F 56 21.35 -15.86 12.79
CA ARG F 56 21.52 -16.76 13.93
C ARG F 56 22.01 -18.10 13.43
N MET F 57 23.23 -18.45 13.81
CA MET F 57 23.85 -19.70 13.39
C MET F 57 23.52 -20.80 14.38
N ASP F 58 23.52 -22.04 13.93
CA ASP F 58 23.16 -23.16 14.78
C ASP F 58 24.03 -23.23 16.03
N ASP F 59 25.28 -22.79 15.91
CA ASP F 59 26.20 -22.83 17.03
C ASP F 59 25.91 -21.71 18.03
N GLY F 60 24.75 -21.08 17.86
CA GLY F 60 24.32 -20.03 18.79
C GLY F 60 25.02 -18.70 18.57
N SER F 61 25.90 -18.66 17.57
CA SER F 61 26.57 -17.42 17.24
C SER F 61 25.75 -16.65 16.22
N VAL F 62 26.21 -15.45 15.87
CA VAL F 62 25.51 -14.62 14.90
C VAL F 62 26.50 -14.05 13.88
N LYS F 63 26.23 -14.32 12.61
CA LYS F 63 27.14 -13.91 11.55
C LYS F 63 26.49 -12.89 10.60
N ILE F 64 27.27 -11.90 10.19
CA ILE F 64 26.78 -10.90 9.25
C ILE F 64 27.16 -11.26 7.81
N PHE F 65 26.15 -11.61 7.01
CA PHE F 65 26.36 -11.94 5.62
C PHE F 65 26.13 -10.72 4.73
N THR F 66 27.00 -10.50 3.75
CA THR F 66 26.86 -9.38 2.84
C THR F 66 26.08 -9.80 1.60
N GLY F 67 25.03 -9.05 1.28
CA GLY F 67 24.21 -9.33 0.12
C GLY F 67 24.25 -8.21 -0.90
N TYR F 68 23.94 -8.54 -2.15
CA TYR F 68 23.84 -7.54 -3.20
C TYR F 68 22.62 -7.81 -4.05
N ARG F 69 21.94 -6.76 -4.47
CA ARG F 69 20.95 -6.86 -5.53
C ARG F 69 21.19 -5.74 -6.53
N ALA F 70 21.32 -6.10 -7.81
CA ALA F 70 21.59 -5.11 -8.85
C ALA F 70 20.46 -5.03 -9.86
N HIS F 71 20.00 -3.81 -10.13
CA HIS F 71 19.08 -3.55 -11.22
C HIS F 71 19.82 -2.82 -12.30
N ASN F 72 20.18 -3.51 -13.38
CA ASN F 72 20.83 -2.79 -14.46
C ASN F 72 19.94 -1.72 -15.06
N ASP F 73 18.72 -2.09 -15.45
CA ASP F 73 17.89 -1.15 -16.20
C ASP F 73 16.41 -1.50 -16.13
N SER F 74 15.58 -0.46 -16.03
CA SER F 74 14.21 -0.64 -15.58
C SER F 74 13.19 -0.62 -16.70
N VAL F 75 13.62 -0.38 -17.93
CA VAL F 75 12.70 -0.39 -19.07
C VAL F 75 12.05 -1.77 -19.23
N GLY F 76 11.34 -2.17 -18.19
CA GLY F 76 10.91 -3.53 -17.98
C GLY F 76 11.40 -3.90 -16.60
N PRO F 77 10.60 -4.66 -15.85
CA PRO F 77 11.06 -5.07 -14.51
C PRO F 77 12.35 -5.87 -14.64
N THR F 78 13.27 -5.72 -13.70
CA THR F 78 14.54 -6.43 -13.78
C THR F 78 14.40 -7.88 -13.38
N LYS F 79 15.26 -8.72 -13.96
CA LYS F 79 15.17 -10.16 -13.79
C LYS F 79 16.57 -10.77 -13.73
N GLY F 80 16.74 -11.78 -12.88
CA GLY F 80 18.03 -12.42 -12.72
C GLY F 80 18.13 -13.19 -11.42
N GLY F 81 18.94 -14.24 -11.41
CA GLY F 81 19.07 -15.09 -10.24
C GLY F 81 19.89 -14.54 -9.09
N ILE F 82 19.93 -15.31 -8.01
CA ILE F 82 20.72 -14.98 -6.83
C ILE F 82 21.70 -16.13 -6.59
N ARG F 83 22.98 -15.82 -6.50
CA ARG F 83 23.96 -16.85 -6.18
C ARG F 83 24.47 -16.75 -4.74
N PHE F 84 24.80 -17.91 -4.18
CA PHE F 84 25.42 -17.99 -2.87
C PHE F 84 26.82 -18.58 -3.05
N HIS F 85 27.84 -17.73 -3.11
CA HIS F 85 29.21 -18.20 -3.27
C HIS F 85 30.16 -17.33 -2.47
N PRO F 86 31.25 -17.93 -1.95
CA PRO F 86 32.23 -17.16 -1.18
C PRO F 86 32.91 -16.11 -2.05
N ASN F 87 33.00 -16.40 -3.35
CA ASN F 87 33.70 -15.55 -4.29
C ASN F 87 32.81 -14.52 -5.00
N VAL F 88 31.58 -14.36 -4.53
CA VAL F 88 30.72 -13.33 -5.11
C VAL F 88 31.22 -11.97 -4.68
N THR F 89 31.10 -10.99 -5.56
CA THR F 89 31.58 -9.64 -5.30
C THR F 89 30.63 -8.64 -5.93
N GLU F 90 30.64 -7.41 -5.44
CA GLU F 90 29.79 -6.40 -6.03
C GLU F 90 30.07 -6.29 -7.52
N LYS F 91 31.35 -6.30 -7.88
CA LYS F 91 31.74 -6.20 -9.27
C LYS F 91 31.13 -7.33 -10.10
N GLU F 92 31.22 -8.57 -9.62
CA GLU F 92 30.62 -9.68 -10.34
C GLU F 92 29.12 -9.47 -10.49
N VAL F 93 28.48 -8.99 -9.43
CA VAL F 93 27.04 -8.79 -9.42
C VAL F 93 26.56 -7.77 -10.45
N LYS F 94 27.32 -6.70 -10.62
CA LYS F 94 26.99 -5.71 -11.64
C LYS F 94 27.10 -6.33 -13.04
N ALA F 95 28.24 -6.95 -13.30
CA ALA F 95 28.49 -7.59 -14.59
C ALA F 95 27.41 -8.62 -14.90
N LEU F 96 27.02 -9.38 -13.89
CA LEU F 96 25.97 -10.38 -14.04
C LEU F 96 24.64 -9.72 -14.37
N SER F 97 24.38 -8.56 -13.76
CA SER F 97 23.16 -7.81 -14.01
C SER F 97 23.12 -7.34 -15.46
N ILE F 98 24.26 -6.89 -15.97
CA ILE F 98 24.37 -6.42 -17.35
C ILE F 98 24.18 -7.56 -18.32
N TRP F 99 24.79 -8.71 -18.05
CA TRP F 99 24.56 -9.90 -18.86
C TRP F 99 23.05 -10.06 -19.04
N MET F 100 22.33 -10.06 -17.93
CA MET F 100 20.91 -10.38 -17.90
C MET F 100 20.06 -9.47 -18.78
N SER F 101 20.33 -8.18 -18.74
CA SER F 101 19.65 -7.23 -19.63
C SER F 101 19.85 -7.70 -21.07
N LEU F 102 21.09 -8.05 -21.40
CA LEU F 102 21.41 -8.55 -22.72
C LEU F 102 20.66 -9.84 -23.05
N LYS F 103 20.61 -10.78 -22.10
CA LYS F 103 19.90 -12.03 -22.32
C LYS F 103 18.43 -11.76 -22.63
N CYS F 104 17.83 -10.88 -21.85
CA CYS F 104 16.42 -10.54 -22.03
C CYS F 104 16.18 -9.78 -23.34
N GLY F 105 17.16 -8.99 -23.75
CA GLY F 105 17.08 -8.32 -25.04
C GLY F 105 17.22 -9.34 -26.15
N ILE F 106 18.18 -10.24 -25.98
CA ILE F 106 18.45 -11.28 -26.97
C ILE F 106 17.26 -12.22 -27.18
N ILE F 107 16.68 -12.71 -26.09
CA ILE F 107 15.50 -13.58 -26.18
C ILE F 107 14.24 -12.76 -26.47
N ASP F 108 14.28 -11.48 -26.10
CA ASP F 108 13.15 -10.56 -26.29
C ASP F 108 12.03 -10.79 -25.27
N LEU F 109 12.36 -10.58 -24.00
CA LEU F 109 11.39 -10.63 -22.92
C LEU F 109 11.19 -9.21 -22.41
N PRO F 110 10.05 -8.96 -21.73
CA PRO F 110 9.78 -7.63 -21.18
C PRO F 110 10.50 -7.50 -19.86
N TYR F 111 11.80 -7.75 -19.85
CA TYR F 111 12.57 -7.70 -18.62
C TYR F 111 13.74 -6.74 -18.74
N GLY F 112 14.20 -6.27 -17.59
CA GLY F 112 15.50 -5.62 -17.50
C GLY F 112 16.40 -6.62 -16.80
N GLY F 113 17.70 -6.36 -16.82
CA GLY F 113 18.65 -7.25 -16.19
C GLY F 113 18.80 -6.97 -14.71
N GLY F 114 18.83 -8.05 -13.92
CA GLY F 114 19.06 -7.95 -12.51
C GLY F 114 19.82 -9.17 -12.04
N LYS F 115 20.42 -9.08 -10.85
CA LYS F 115 21.09 -10.24 -10.27
C LYS F 115 21.22 -10.04 -8.77
N GLY F 116 21.40 -11.15 -8.05
CA GLY F 116 21.60 -11.10 -6.61
C GLY F 116 22.80 -11.92 -6.21
N GLY F 117 23.41 -11.56 -5.08
CA GLY F 117 24.56 -12.30 -4.58
C GLY F 117 24.72 -12.13 -3.08
N ILE F 118 24.93 -13.24 -2.40
CA ILE F 118 25.22 -13.23 -0.97
C ILE F 118 26.57 -13.89 -0.73
N VAL F 119 27.50 -13.14 -0.16
CA VAL F 119 28.81 -13.70 0.14
C VAL F 119 28.70 -14.74 1.24
N CYS F 120 28.71 -16.00 0.86
CA CYS F 120 28.58 -17.10 1.81
C CYS F 120 28.93 -18.41 1.14
N ASP F 121 29.04 -19.48 1.92
CA ASP F 121 29.26 -20.80 1.36
C ASP F 121 28.24 -21.80 1.91
N PRO F 122 27.21 -22.09 1.12
CA PRO F 122 26.13 -23.04 1.47
C PRO F 122 26.66 -24.44 1.77
N ARG F 123 27.88 -24.73 1.31
CA ARG F 123 28.53 -26.00 1.62
C ARG F 123 28.89 -26.09 3.11
N ASP F 124 29.06 -24.92 3.73
CA ASP F 124 29.49 -24.84 5.13
C ASP F 124 28.35 -24.44 6.05
N MET F 125 27.13 -24.44 5.53
CA MET F 125 25.99 -24.01 6.33
C MET F 125 24.91 -25.09 6.38
N SER F 126 24.02 -24.96 7.35
CA SER F 126 22.95 -25.93 7.54
C SER F 126 21.66 -25.50 6.85
N PHE F 127 20.78 -26.48 6.66
CA PHE F 127 19.48 -26.28 6.05
C PHE F 127 18.71 -25.11 6.69
N ARG F 128 18.70 -25.08 8.02
CA ARG F 128 18.03 -24.04 8.77
C ARG F 128 18.71 -22.68 8.60
N GLU F 129 20.04 -22.69 8.64
CA GLU F 129 20.83 -21.48 8.49
C GLU F 129 20.56 -20.84 7.13
N LEU F 130 20.62 -21.66 6.07
CA LEU F 130 20.38 -21.20 4.72
C LEU F 130 19.00 -20.55 4.60
N GLU F 131 18.01 -21.13 5.27
CA GLU F 131 16.66 -20.55 5.29
C GLU F 131 16.66 -19.18 5.96
N ARG F 132 17.26 -19.11 7.14
CA ARG F 132 17.34 -17.84 7.86
C ARG F 132 18.03 -16.79 6.99
N LEU F 133 19.12 -17.18 6.36
CA LEU F 133 19.82 -16.26 5.46
C LEU F 133 18.97 -15.90 4.25
N SER F 134 18.28 -16.89 3.69
CA SER F 134 17.40 -16.65 2.55
C SER F 134 16.32 -15.64 2.93
N ARG F 135 15.66 -15.88 4.05
CA ARG F 135 14.63 -14.98 4.56
C ARG F 135 15.23 -13.62 4.91
N GLY F 136 16.48 -13.63 5.37
CA GLY F 136 17.18 -12.41 5.72
C GLY F 136 17.44 -11.57 4.49
N TYR F 137 17.71 -12.23 3.38
CA TYR F 137 17.94 -11.57 2.10
C TYR F 137 16.69 -10.81 1.68
N VAL F 138 15.56 -11.52 1.64
CA VAL F 138 14.28 -10.94 1.23
C VAL F 138 13.89 -9.76 2.13
N ARG F 139 14.21 -9.86 3.41
CA ARG F 139 13.87 -8.83 4.36
C ARG F 139 14.73 -7.59 4.20
N ALA F 140 15.96 -7.78 3.73
CA ALA F 140 16.87 -6.67 3.50
C ALA F 140 16.45 -5.88 2.25
N ILE F 141 15.93 -6.58 1.24
CA ILE F 141 15.70 -5.95 -0.07
C ILE F 141 14.24 -5.88 -0.51
N SER F 142 13.30 -6.39 0.28
CA SER F 142 11.90 -6.43 -0.12
C SER F 142 11.40 -5.11 -0.75
N GLN F 143 11.87 -3.98 -0.22
CA GLN F 143 11.41 -2.67 -0.65
C GLN F 143 11.61 -2.38 -2.14
N ILE F 144 12.70 -2.85 -2.73
CA ILE F 144 13.00 -2.58 -4.13
C ILE F 144 12.84 -3.82 -5.00
N VAL F 145 11.96 -4.71 -4.59
CA VAL F 145 11.84 -6.01 -5.24
C VAL F 145 10.40 -6.52 -5.20
N GLY F 146 10.05 -7.43 -6.11
CA GLY F 146 8.72 -8.00 -6.15
C GLY F 146 8.23 -8.33 -7.55
N PRO F 147 7.04 -8.93 -7.65
CA PRO F 147 6.46 -9.45 -8.89
C PRO F 147 6.52 -8.44 -10.04
N THR F 148 6.46 -7.15 -9.70
CA THR F 148 6.34 -6.11 -10.71
C THR F 148 7.57 -5.22 -10.81
N LYS F 149 8.56 -5.50 -9.97
CA LYS F 149 9.76 -4.66 -9.88
C LYS F 149 11.02 -5.39 -10.30
N ASP F 150 11.20 -6.60 -9.76
CA ASP F 150 12.47 -7.30 -9.87
C ASP F 150 12.28 -8.77 -9.45
N VAL F 151 12.35 -9.67 -10.42
CA VAL F 151 12.08 -11.08 -10.16
C VAL F 151 13.37 -11.91 -10.19
N PRO F 152 13.82 -12.38 -9.02
CA PRO F 152 15.02 -13.22 -8.88
C PRO F 152 14.77 -14.66 -9.30
N ALA F 153 15.79 -15.50 -9.11
CA ALA F 153 15.74 -16.90 -9.52
C ALA F 153 16.94 -17.64 -8.95
N PRO F 154 17.03 -18.95 -9.22
CA PRO F 154 18.24 -19.65 -8.79
C PRO F 154 19.45 -19.19 -9.59
N ASP F 155 20.62 -19.45 -9.01
CA ASP F 155 21.90 -19.27 -9.68
C ASP F 155 22.85 -20.19 -8.94
N VAL F 156 24.15 -19.91 -8.99
CA VAL F 156 25.12 -20.73 -8.28
C VAL F 156 24.66 -21.06 -6.86
N PHE F 157 24.76 -22.34 -6.50
CA PHE F 157 24.51 -22.80 -5.13
C PHE F 157 23.17 -22.38 -4.52
N THR F 158 22.22 -22.00 -5.36
CA THR F 158 20.84 -21.90 -4.93
C THR F 158 19.94 -22.79 -5.79
N ASN F 159 18.86 -23.28 -5.17
CA ASN F 159 17.94 -24.21 -5.81
C ASN F 159 16.50 -23.78 -5.58
N SER F 160 15.55 -24.62 -5.97
CA SER F 160 14.13 -24.29 -5.84
C SER F 160 13.72 -24.12 -4.37
N GLN F 161 14.39 -24.84 -3.48
CA GLN F 161 14.09 -24.76 -2.05
C GLN F 161 14.38 -23.37 -1.51
N ILE F 162 15.43 -22.74 -2.02
CA ILE F 162 15.81 -21.40 -1.59
C ILE F 162 14.84 -20.36 -2.12
N MET F 163 14.34 -20.61 -3.33
CA MET F 163 13.33 -19.77 -3.95
C MET F 163 12.01 -19.85 -3.16
N ALA F 164 11.68 -21.06 -2.74
CA ALA F 164 10.45 -21.32 -1.97
C ALA F 164 10.47 -20.58 -0.62
N TRP F 165 11.58 -20.65 0.09
CA TRP F 165 11.75 -19.92 1.35
C TRP F 165 11.61 -18.42 1.14
N MET F 166 12.33 -17.90 0.16
CA MET F 166 12.31 -16.47 -0.17
C MET F 166 10.93 -16.02 -0.63
N MET F 167 10.27 -16.85 -1.44
CA MET F 167 8.94 -16.51 -1.93
C MET F 167 8.01 -16.38 -0.74
N ASP F 168 8.12 -17.33 0.19
CA ASP F 168 7.27 -17.35 1.36
C ASP F 168 7.47 -16.07 2.15
N GLU F 169 8.73 -15.73 2.39
CA GLU F 169 9.06 -14.52 3.14
C GLU F 169 8.47 -13.29 2.48
N TYR F 170 8.58 -13.20 1.15
CA TYR F 170 8.06 -12.03 0.46
C TYR F 170 6.54 -11.97 0.54
N SER F 171 5.90 -13.13 0.43
CA SER F 171 4.45 -13.22 0.51
C SER F 171 3.92 -12.78 1.87
N ARG F 172 4.66 -13.11 2.93
CA ARG F 172 4.26 -12.73 4.28
C ARG F 172 4.40 -11.22 4.46
N ILE F 173 5.35 -10.63 3.75
CA ILE F 173 5.57 -9.19 3.81
C ILE F 173 4.50 -8.41 3.03
N ASP F 174 4.12 -8.93 1.86
CA ASP F 174 3.05 -8.31 1.07
C ASP F 174 1.66 -8.79 1.51
N GLU F 175 1.65 -9.79 2.40
CA GLU F 175 0.41 -10.27 3.02
C GLU F 175 -0.52 -11.03 2.08
N PHE F 176 0.04 -11.54 0.99
CA PHE F 176 -0.69 -12.43 0.10
C PHE F 176 0.30 -13.20 -0.77
N ASN F 177 -0.15 -14.30 -1.37
CA ASN F 177 0.72 -15.11 -2.21
C ASN F 177 1.30 -14.30 -3.36
N SER F 178 2.63 -14.31 -3.45
CA SER F 178 3.33 -13.50 -4.44
C SER F 178 4.28 -14.35 -5.27
N PRO F 179 3.73 -15.34 -5.99
CA PRO F 179 4.54 -16.28 -6.80
C PRO F 179 5.44 -15.56 -7.79
N GLY F 180 4.91 -14.52 -8.43
CA GLY F 180 5.64 -13.79 -9.44
C GLY F 180 6.90 -13.11 -8.93
N PHE F 181 7.01 -13.00 -7.61
CA PHE F 181 8.16 -12.35 -7.00
C PHE F 181 9.48 -12.97 -7.46
N ILE F 182 9.53 -14.29 -7.49
CA ILE F 182 10.77 -15.00 -7.70
C ILE F 182 10.53 -16.29 -8.49
N THR F 183 11.36 -16.53 -9.51
CA THR F 183 11.17 -17.70 -10.38
C THR F 183 12.08 -18.86 -10.01
N GLY F 184 11.82 -20.02 -10.59
CA GLY F 184 12.52 -21.23 -10.23
C GLY F 184 11.85 -21.86 -9.03
N LYS F 185 10.60 -21.50 -8.80
CA LYS F 185 9.86 -22.02 -7.66
C LYS F 185 9.51 -23.48 -7.84
N PRO F 186 9.30 -24.20 -6.72
CA PRO F 186 8.75 -25.55 -6.79
C PRO F 186 7.40 -25.51 -7.53
N LEU F 187 7.11 -26.56 -8.29
CA LEU F 187 5.88 -26.62 -9.07
C LEU F 187 4.66 -26.29 -8.22
N VAL F 188 4.66 -26.77 -6.98
CA VAL F 188 3.52 -26.63 -6.09
C VAL F 188 3.32 -25.21 -5.56
N LEU F 189 4.30 -24.35 -5.82
CA LEU F 189 4.20 -22.94 -5.42
C LEU F 189 4.03 -22.04 -6.64
N GLY F 190 3.55 -22.61 -7.75
CA GLY F 190 3.42 -21.86 -8.98
C GLY F 190 4.71 -21.84 -9.76
N GLY F 191 5.54 -22.87 -9.56
CA GLY F 191 6.74 -23.02 -10.35
C GLY F 191 6.34 -23.46 -11.74
N SER F 192 7.26 -23.45 -12.69
CA SER F 192 6.92 -23.85 -14.05
C SER F 192 7.54 -25.20 -14.38
N HIS F 193 6.85 -25.97 -15.23
CA HIS F 193 7.48 -27.15 -15.80
C HIS F 193 8.64 -26.66 -16.65
N GLY F 194 9.75 -27.40 -16.61
CA GLY F 194 10.87 -27.10 -17.50
C GLY F 194 11.92 -26.16 -16.94
N ARG F 195 11.62 -25.48 -15.84
CA ARG F 195 12.56 -24.51 -15.28
C ARG F 195 13.81 -25.18 -14.70
N GLU F 196 13.62 -26.28 -13.99
CA GLU F 196 14.70 -26.99 -13.31
C GLU F 196 15.97 -27.15 -14.15
N SER F 197 15.79 -27.52 -15.41
CA SER F 197 16.92 -27.79 -16.30
C SER F 197 16.96 -26.82 -17.48
N ALA F 198 16.04 -25.86 -17.48
CA ALA F 198 15.90 -24.90 -18.57
C ALA F 198 17.21 -24.36 -19.13
N THR F 199 18.16 -24.06 -18.24
CA THR F 199 19.44 -23.51 -18.66
C THR F 199 20.12 -24.47 -19.63
N ALA F 200 20.26 -25.73 -19.19
CA ALA F 200 20.87 -26.76 -20.03
C ALA F 200 20.12 -26.91 -21.34
N LYS F 201 18.80 -27.08 -21.26
CA LYS F 201 17.96 -27.20 -22.45
C LYS F 201 18.21 -26.03 -23.39
N GLY F 202 18.51 -24.88 -22.81
CA GLY F 202 18.79 -23.69 -23.59
C GLY F 202 20.12 -23.77 -24.31
N VAL F 203 21.12 -24.35 -23.64
CA VAL F 203 22.42 -24.54 -24.25
C VAL F 203 22.33 -25.63 -25.31
N THR F 204 21.59 -26.69 -24.98
CA THR F 204 21.40 -27.81 -25.90
C THR F 204 20.89 -27.31 -27.25
N ILE F 205 19.72 -26.69 -27.23
CA ILE F 205 19.14 -26.10 -28.42
C ILE F 205 20.18 -25.26 -29.18
N CYS F 206 20.93 -24.45 -28.43
CA CYS F 206 21.99 -23.63 -29.02
C CYS F 206 23.10 -24.45 -29.64
N ILE F 207 23.42 -25.59 -29.04
CA ILE F 207 24.42 -26.49 -29.60
C ILE F 207 23.91 -27.10 -30.90
N LYS F 208 22.73 -27.71 -30.84
CA LYS F 208 22.08 -28.28 -32.01
C LYS F 208 22.10 -27.33 -33.21
N GLU F 209 21.76 -26.07 -32.96
CA GLU F 209 21.74 -25.06 -34.03
C GLU F 209 23.15 -24.81 -34.58
N ALA F 210 24.12 -24.66 -33.70
CA ALA F 210 25.51 -24.44 -34.09
C ALA F 210 26.06 -25.67 -34.81
N ALA F 211 25.66 -26.84 -34.35
CA ALA F 211 26.04 -28.10 -35.00
C ALA F 211 25.50 -28.12 -36.43
N LYS F 212 24.19 -27.98 -36.56
CA LYS F 212 23.55 -27.97 -37.87
C LYS F 212 24.15 -26.90 -38.77
N LYS F 213 24.67 -25.85 -38.15
CA LYS F 213 25.24 -24.72 -38.87
C LYS F 213 26.62 -25.04 -39.41
N ARG F 214 27.34 -25.92 -38.71
CA ARG F 214 28.70 -26.29 -39.08
C ARG F 214 28.75 -27.60 -39.86
N GLY F 215 27.60 -28.23 -40.05
CA GLY F 215 27.56 -29.53 -40.69
C GLY F 215 28.16 -30.57 -39.75
N ILE F 216 27.84 -30.44 -38.47
CA ILE F 216 28.28 -31.41 -37.47
C ILE F 216 27.10 -32.28 -37.03
N ASP F 217 27.30 -33.59 -37.07
CA ASP F 217 26.27 -34.54 -36.70
C ASP F 217 26.33 -34.80 -35.20
N ILE F 218 25.27 -34.42 -34.48
CA ILE F 218 25.23 -34.63 -33.04
C ILE F 218 25.20 -36.13 -32.74
N LYS F 219 24.72 -36.89 -33.72
CA LYS F 219 24.51 -38.34 -33.55
C LYS F 219 25.72 -39.05 -32.96
N GLY F 220 26.91 -38.56 -33.27
CA GLY F 220 28.12 -39.14 -32.73
C GLY F 220 29.16 -38.08 -32.42
N ALA F 221 28.70 -36.86 -32.16
CA ALA F 221 29.61 -35.76 -31.89
C ALA F 221 30.29 -35.90 -30.52
N ARG F 222 31.55 -35.48 -30.45
CA ARG F 222 32.29 -35.50 -29.20
C ARG F 222 32.17 -34.15 -28.50
N VAL F 223 31.51 -34.15 -27.35
CA VAL F 223 31.25 -32.92 -26.61
C VAL F 223 31.95 -32.92 -25.25
N VAL F 224 32.72 -31.86 -24.99
CA VAL F 224 33.35 -31.66 -23.69
C VAL F 224 32.62 -30.60 -22.90
N VAL F 225 32.31 -30.91 -21.64
CA VAL F 225 31.60 -29.98 -20.79
C VAL F 225 32.40 -29.67 -19.53
N GLN F 226 32.83 -28.41 -19.40
CA GLN F 226 33.52 -27.97 -18.19
C GLN F 226 32.50 -27.51 -17.16
N GLY F 227 32.54 -28.13 -15.99
CA GLY F 227 31.57 -27.82 -14.96
C GLY F 227 30.50 -28.88 -14.94
N PHE F 228 30.12 -29.31 -13.74
CA PHE F 228 29.12 -30.35 -13.59
C PHE F 228 28.02 -29.87 -12.65
N GLY F 229 27.80 -28.56 -12.63
CA GLY F 229 26.75 -27.98 -11.82
C GLY F 229 25.38 -28.24 -12.42
N ASN F 230 24.40 -27.42 -12.05
CA ASN F 230 23.03 -27.58 -12.54
C ASN F 230 22.94 -27.43 -14.06
N ALA F 231 23.73 -26.50 -14.60
CA ALA F 231 23.78 -26.26 -16.03
C ALA F 231 24.60 -27.36 -16.70
N GLY F 232 25.76 -27.65 -16.13
CA GLY F 232 26.66 -28.67 -16.66
C GLY F 232 26.11 -30.07 -16.72
N SER F 233 25.58 -30.58 -15.60
CA SER F 233 25.09 -31.96 -15.55
C SER F 233 23.90 -32.20 -16.47
N TYR F 234 22.80 -31.49 -16.22
CA TYR F 234 21.63 -31.61 -17.08
C TYR F 234 22.03 -31.50 -18.55
N LEU F 235 22.99 -30.63 -18.83
CA LEU F 235 23.50 -30.47 -20.19
C LEU F 235 24.08 -31.78 -20.70
N ALA F 236 25.14 -32.24 -20.04
CA ALA F 236 25.83 -33.45 -20.46
C ALA F 236 24.82 -34.55 -20.77
N LYS F 237 23.81 -34.68 -19.91
CA LYS F 237 22.78 -35.69 -20.08
C LYS F 237 22.01 -35.47 -21.37
N PHE F 238 21.57 -34.24 -21.59
CA PHE F 238 20.84 -33.90 -22.82
C PHE F 238 21.66 -34.15 -24.07
N MET F 239 22.98 -33.99 -23.98
CA MET F 239 23.86 -34.29 -25.09
C MET F 239 24.00 -35.80 -25.26
N HIS F 240 24.07 -36.51 -24.13
CA HIS F 240 24.16 -37.96 -24.15
C HIS F 240 22.92 -38.56 -24.81
N ASP F 241 21.75 -38.10 -24.39
CA ASP F 241 20.47 -38.58 -24.91
C ASP F 241 20.26 -38.16 -26.36
N ALA F 242 20.90 -37.06 -26.75
CA ALA F 242 20.88 -36.64 -28.15
C ALA F 242 21.78 -37.55 -28.96
N GLY F 243 22.46 -38.45 -28.27
CA GLY F 243 23.31 -39.44 -28.92
C GLY F 243 24.75 -38.98 -29.04
N ALA F 244 25.05 -37.85 -28.41
CA ALA F 244 26.39 -37.30 -28.46
C ALA F 244 27.34 -38.07 -27.54
N LYS F 245 28.63 -37.95 -27.82
CA LYS F 245 29.64 -38.47 -26.93
C LYS F 245 30.15 -37.37 -26.02
N VAL F 246 29.70 -37.36 -24.78
CA VAL F 246 30.24 -36.45 -23.78
C VAL F 246 31.54 -37.04 -23.27
N VAL F 247 32.64 -36.61 -23.88
CA VAL F 247 33.95 -37.20 -23.64
C VAL F 247 34.69 -36.57 -22.46
N GLY F 248 34.46 -35.28 -22.23
CA GLY F 248 35.12 -34.56 -21.16
C GLY F 248 34.14 -33.86 -20.24
N ILE F 249 34.30 -34.10 -18.93
CA ILE F 249 33.44 -33.48 -17.92
C ILE F 249 34.28 -33.08 -16.72
N SER F 250 33.87 -32.04 -16.02
CA SER F 250 34.65 -31.57 -14.88
C SER F 250 33.82 -30.83 -13.85
N ASP F 251 34.29 -30.87 -12.61
CA ASP F 251 33.82 -29.98 -11.57
C ASP F 251 35.03 -29.13 -11.21
N ALA F 252 34.97 -28.46 -10.06
CA ALA F 252 36.06 -27.57 -9.67
C ALA F 252 37.39 -28.30 -9.52
N TYR F 253 37.32 -29.59 -9.22
CA TYR F 253 38.50 -30.34 -8.77
C TYR F 253 39.26 -31.05 -9.87
N GLY F 254 38.61 -31.30 -11.00
CA GLY F 254 39.29 -31.87 -12.13
C GLY F 254 38.35 -32.39 -13.19
N GLY F 255 38.90 -33.06 -14.19
CA GLY F 255 38.11 -33.58 -15.28
C GLY F 255 38.14 -35.09 -15.38
N LEU F 256 37.12 -35.62 -16.05
CA LEU F 256 37.11 -37.03 -16.42
C LEU F 256 37.12 -37.13 -17.94
N TYR F 257 37.87 -38.09 -18.46
CA TYR F 257 38.06 -38.22 -19.90
C TYR F 257 37.86 -39.66 -20.35
N ASP F 258 37.23 -39.80 -21.50
CA ASP F 258 36.94 -41.10 -22.09
C ASP F 258 36.61 -40.83 -23.55
N PRO F 259 37.56 -41.11 -24.44
CA PRO F 259 37.39 -40.75 -25.86
C PRO F 259 36.11 -41.34 -26.44
N GLU F 260 35.53 -42.29 -25.72
CA GLU F 260 34.32 -42.96 -26.18
C GLU F 260 33.05 -42.44 -25.52
N GLY F 261 33.19 -41.49 -24.60
CA GLY F 261 32.05 -40.87 -23.97
C GLY F 261 31.73 -41.43 -22.60
N LEU F 262 31.92 -40.60 -21.58
CA LEU F 262 31.72 -40.99 -20.19
C LEU F 262 30.34 -41.56 -19.92
N ASP F 263 30.25 -42.44 -18.94
CA ASP F 263 28.97 -42.99 -18.49
C ASP F 263 28.19 -41.93 -17.73
N ILE F 264 27.50 -41.05 -18.47
CA ILE F 264 26.86 -39.90 -17.86
C ILE F 264 25.88 -40.27 -16.76
N ASP F 265 24.97 -41.20 -17.06
CA ASP F 265 24.02 -41.70 -16.08
C ASP F 265 24.70 -41.99 -14.76
N TYR F 266 25.88 -42.61 -14.85
CA TYR F 266 26.64 -42.97 -13.66
C TYR F 266 27.31 -41.75 -13.04
N LEU F 267 27.81 -40.85 -13.87
CA LEU F 267 28.56 -39.71 -13.34
C LEU F 267 27.69 -38.77 -12.51
N LEU F 268 26.47 -38.53 -12.98
CA LEU F 268 25.51 -37.76 -12.19
C LEU F 268 24.83 -38.63 -11.15
N ASP F 269 25.16 -39.92 -11.15
CA ASP F 269 24.78 -40.82 -10.07
C ASP F 269 25.65 -40.49 -8.86
N ARG F 270 26.96 -40.51 -9.08
CA ARG F 270 27.93 -40.24 -8.03
C ARG F 270 27.98 -38.75 -7.69
N ARG F 271 27.25 -37.94 -8.46
CA ARG F 271 27.24 -36.49 -8.30
C ARG F 271 26.55 -36.06 -7.01
N ASP F 272 27.11 -35.05 -6.34
CA ASP F 272 26.49 -34.51 -5.12
C ASP F 272 25.85 -33.14 -5.34
N SER F 273 25.00 -32.77 -4.40
CA SER F 273 24.26 -31.51 -4.43
C SER F 273 24.99 -30.32 -5.05
N PHE F 274 26.32 -30.28 -4.92
CA PHE F 274 27.10 -29.14 -5.37
C PHE F 274 27.82 -29.36 -6.71
N GLY F 275 27.57 -30.49 -7.33
CA GLY F 275 28.10 -30.74 -8.67
C GLY F 275 29.54 -31.23 -8.73
N THR F 276 30.05 -31.75 -7.63
CA THR F 276 31.35 -32.39 -7.64
C THR F 276 31.18 -33.89 -7.89
N VAL F 277 32.18 -34.50 -8.51
CA VAL F 277 32.15 -35.94 -8.79
C VAL F 277 33.57 -36.44 -9.03
N THR F 278 34.49 -35.50 -9.18
CA THR F 278 35.88 -35.79 -9.56
C THR F 278 36.69 -36.57 -8.52
N LYS F 279 36.44 -36.29 -7.23
CA LYS F 279 37.26 -36.86 -6.16
C LYS F 279 37.26 -38.38 -6.10
N LEU F 280 36.17 -38.99 -6.58
CA LEU F 280 36.02 -40.44 -6.50
C LEU F 280 36.99 -41.18 -7.43
N PHE F 281 37.77 -40.42 -8.19
CA PHE F 281 38.66 -41.00 -9.18
C PHE F 281 40.09 -40.54 -8.96
N ASN F 282 41.04 -41.31 -9.45
CA ASN F 282 42.45 -41.01 -9.29
C ASN F 282 43.15 -40.84 -10.63
N ASP F 283 42.42 -41.15 -11.69
CA ASP F 283 42.94 -41.03 -13.04
C ASP F 283 42.46 -39.74 -13.67
N THR F 284 42.20 -38.75 -12.83
CA THR F 284 41.62 -37.49 -13.27
C THR F 284 42.62 -36.60 -14.01
N ILE F 285 42.08 -35.67 -14.82
CA ILE F 285 42.91 -34.69 -15.51
C ILE F 285 42.57 -33.28 -15.01
N THR F 286 43.41 -32.31 -15.37
CA THR F 286 43.20 -30.94 -14.96
C THR F 286 42.11 -30.28 -15.79
N ASN F 287 41.55 -29.20 -15.26
CA ASN F 287 40.51 -28.45 -15.97
C ASN F 287 41.01 -27.76 -17.24
N GLN F 288 42.27 -27.32 -17.22
CA GLN F 288 42.85 -26.67 -18.38
C GLN F 288 43.20 -27.68 -19.48
N GLU F 289 43.42 -28.93 -19.09
CA GLU F 289 43.62 -29.99 -20.08
C GLU F 289 42.29 -30.32 -20.74
N LEU F 290 41.25 -30.37 -19.92
CA LEU F 290 39.88 -30.63 -20.39
C LEU F 290 39.48 -29.66 -21.48
N LEU F 291 39.87 -28.40 -21.31
CA LEU F 291 39.54 -27.35 -22.26
C LEU F 291 40.27 -27.53 -23.58
N GLU F 292 41.26 -28.42 -23.58
CA GLU F 292 42.02 -28.69 -24.80
C GLU F 292 41.73 -30.10 -25.31
N LEU F 293 40.83 -30.79 -24.62
CA LEU F 293 40.37 -32.10 -25.06
C LEU F 293 39.99 -32.08 -26.53
N ASP F 294 40.49 -33.07 -27.29
CA ASP F 294 40.10 -33.23 -28.69
C ASP F 294 38.61 -33.44 -28.74
N CYS F 295 37.92 -32.61 -29.51
CA CYS F 295 36.47 -32.71 -29.56
C CYS F 295 35.83 -31.78 -30.58
N ASP F 296 34.53 -31.93 -30.80
CA ASP F 296 33.80 -31.09 -31.74
C ASP F 296 33.27 -29.84 -31.05
N ILE F 297 32.66 -30.04 -29.89
CA ILE F 297 31.90 -28.99 -29.22
C ILE F 297 32.31 -28.84 -27.77
N LEU F 298 32.92 -27.70 -27.44
CA LEU F 298 33.32 -27.38 -26.08
C LEU F 298 32.25 -26.54 -25.39
N VAL F 299 31.87 -26.93 -24.19
CA VAL F 299 30.84 -26.21 -23.44
C VAL F 299 31.32 -25.78 -22.06
N PRO F 300 31.85 -24.54 -21.97
CA PRO F 300 32.22 -23.97 -20.67
C PRO F 300 30.98 -23.75 -19.81
N ALA F 301 30.87 -24.49 -18.73
CA ALA F 301 29.71 -24.39 -17.84
C ALA F 301 30.14 -24.16 -16.39
N ALA F 302 31.33 -23.59 -16.22
CA ALA F 302 31.89 -23.36 -14.89
C ALA F 302 32.17 -21.88 -14.63
N ILE F 303 33.36 -21.61 -14.11
CA ILE F 303 33.74 -20.26 -13.73
C ILE F 303 34.23 -19.44 -14.92
N GLU F 304 34.42 -18.14 -14.67
CA GLU F 304 34.76 -17.20 -15.73
C GLU F 304 36.23 -17.32 -16.14
N ASN F 305 36.58 -16.64 -17.23
CA ASN F 305 37.96 -16.59 -17.69
C ASN F 305 38.64 -17.95 -17.83
N GLN F 306 38.01 -18.87 -18.55
CA GLN F 306 38.61 -20.18 -18.77
C GLN F 306 39.30 -20.30 -20.12
N ILE F 307 38.86 -19.49 -21.08
CA ILE F 307 39.53 -19.40 -22.37
C ILE F 307 40.16 -18.01 -22.51
N THR F 308 41.46 -17.93 -22.23
CA THR F 308 42.15 -16.65 -22.27
C THR F 308 43.02 -16.50 -23.51
N GLU F 309 43.97 -15.59 -23.42
CA GLU F 309 44.98 -15.39 -24.45
C GLU F 309 45.89 -16.61 -24.56
N GLU F 310 46.04 -17.33 -23.45
CA GLU F 310 47.04 -18.40 -23.37
C GLU F 310 46.52 -19.84 -23.53
N ASN F 311 45.31 -20.01 -24.03
CA ASN F 311 44.82 -21.34 -24.40
C ASN F 311 43.84 -21.34 -25.56
N ALA F 312 43.48 -20.14 -26.01
CA ALA F 312 42.56 -19.97 -27.13
C ALA F 312 43.07 -20.65 -28.40
N HIS F 313 44.38 -20.66 -28.59
CA HIS F 313 44.97 -21.31 -29.76
C HIS F 313 45.03 -22.83 -29.57
N ASN F 314 44.85 -23.29 -28.33
CA ASN F 314 45.03 -24.70 -28.01
C ASN F 314 43.73 -25.50 -27.94
N ILE F 315 42.60 -24.88 -28.28
CA ILE F 315 41.31 -25.58 -28.20
C ILE F 315 40.93 -26.27 -29.51
N ARG F 316 40.55 -27.54 -29.40
CA ARG F 316 40.36 -28.40 -30.58
C ARG F 316 38.93 -28.41 -31.13
N ALA F 317 37.99 -27.83 -30.39
CA ALA F 317 36.59 -27.81 -30.84
C ALA F 317 36.32 -26.71 -31.86
N LYS F 318 35.53 -27.05 -32.88
CA LYS F 318 35.13 -26.10 -33.91
C LYS F 318 33.88 -25.33 -33.48
N ILE F 319 33.28 -25.77 -32.37
CA ILE F 319 32.09 -25.11 -31.82
C ILE F 319 32.23 -24.95 -30.30
N VAL F 320 32.19 -23.71 -29.83
CA VAL F 320 32.22 -23.47 -28.39
C VAL F 320 31.02 -22.64 -27.91
N VAL F 321 30.17 -23.28 -27.10
CA VAL F 321 28.94 -22.67 -26.62
C VAL F 321 29.05 -22.35 -25.15
N GLU F 322 28.87 -21.08 -24.80
CA GLU F 322 29.06 -20.64 -23.42
C GLU F 322 27.81 -20.80 -22.58
N ALA F 323 27.81 -21.83 -21.73
CA ALA F 323 26.71 -22.05 -20.80
C ALA F 323 26.93 -21.26 -19.50
N ALA F 324 28.16 -20.85 -19.27
CA ALA F 324 28.49 -20.09 -18.08
C ALA F 324 28.66 -18.62 -18.46
N ASN F 325 28.39 -17.73 -17.49
CA ASN F 325 28.64 -16.32 -17.70
C ASN F 325 30.14 -16.05 -17.88
N GLY F 326 30.47 -15.25 -18.90
CA GLY F 326 31.84 -14.85 -19.16
C GLY F 326 32.94 -15.88 -18.99
N PRO F 327 32.90 -16.96 -19.77
CA PRO F 327 33.92 -18.01 -19.68
C PRO F 327 35.14 -17.70 -20.54
N THR F 328 34.98 -16.84 -21.55
CA THR F 328 36.10 -16.50 -22.42
C THR F 328 36.34 -14.99 -22.45
N THR F 329 37.62 -14.61 -22.49
CA THR F 329 38.00 -13.21 -22.48
C THR F 329 37.92 -12.60 -23.88
N LEU F 330 38.23 -11.31 -23.96
CA LEU F 330 38.21 -10.59 -25.23
C LEU F 330 39.10 -11.27 -26.26
N GLU F 331 40.40 -11.27 -25.99
CA GLU F 331 41.36 -11.92 -26.89
C GLU F 331 41.02 -13.39 -27.09
N GLY F 332 40.58 -14.05 -26.02
CA GLY F 332 40.11 -15.41 -26.14
C GLY F 332 39.07 -15.49 -27.25
N THR F 333 38.17 -14.51 -27.26
CA THR F 333 37.11 -14.46 -28.26
C THR F 333 37.61 -14.06 -29.64
N LYS F 334 38.50 -13.08 -29.72
CA LYS F 334 39.07 -12.68 -31.00
C LYS F 334 39.82 -13.86 -31.60
N ILE F 335 40.69 -14.47 -30.81
CA ILE F 335 41.45 -15.63 -31.26
C ILE F 335 40.53 -16.71 -31.82
N LEU F 336 39.47 -17.04 -31.08
CA LEU F 336 38.52 -18.06 -31.51
C LEU F 336 37.97 -17.74 -32.88
N SER F 337 37.89 -16.44 -33.18
CA SER F 337 37.39 -15.98 -34.46
C SER F 337 38.48 -16.07 -35.53
N ASP F 338 39.65 -15.52 -35.23
CA ASP F 338 40.80 -15.60 -36.12
C ASP F 338 40.91 -17.00 -36.73
N ARG F 339 40.84 -18.03 -35.90
CA ARG F 339 40.89 -19.41 -36.39
C ARG F 339 39.53 -20.08 -36.48
N ASP F 340 38.57 -19.37 -37.08
CA ASP F 340 37.35 -19.97 -37.61
C ASP F 340 36.63 -20.94 -36.66
N ILE F 341 36.58 -20.61 -35.37
CA ILE F 341 35.81 -21.41 -34.43
C ILE F 341 34.47 -20.73 -34.13
N LEU F 342 33.41 -21.51 -34.05
CA LEU F 342 32.05 -20.98 -33.87
C LEU F 342 31.72 -20.82 -32.39
N LEU F 343 31.69 -19.57 -31.91
CA LEU F 343 31.43 -19.30 -30.50
C LEU F 343 30.03 -18.74 -30.24
N VAL F 344 29.17 -19.55 -29.62
CA VAL F 344 27.84 -19.09 -29.23
C VAL F 344 27.91 -18.40 -27.87
N PRO F 345 27.69 -17.07 -27.84
CA PRO F 345 27.99 -16.25 -26.66
C PRO F 345 27.11 -16.59 -25.48
N ASP F 346 27.62 -16.34 -24.28
CA ASP F 346 26.90 -16.61 -23.04
C ASP F 346 25.54 -15.92 -22.97
N VAL F 347 25.49 -14.67 -23.42
CA VAL F 347 24.26 -13.88 -23.34
C VAL F 347 23.15 -14.48 -24.19
N LEU F 348 23.53 -15.39 -25.09
CA LEU F 348 22.56 -16.18 -25.84
C LEU F 348 22.40 -17.56 -25.23
N ALA F 349 23.50 -18.32 -25.18
CA ALA F 349 23.45 -19.72 -24.81
C ALA F 349 22.90 -20.02 -23.41
N SER F 350 23.14 -19.14 -22.45
CA SER F 350 22.75 -19.40 -21.07
C SER F 350 21.37 -18.86 -20.72
N ALA F 351 20.65 -18.36 -21.71
CA ALA F 351 19.41 -17.61 -21.48
C ALA F 351 18.16 -18.48 -21.43
N GLY F 352 18.32 -19.79 -21.36
CA GLY F 352 17.17 -20.68 -21.18
C GLY F 352 16.59 -20.53 -19.79
N GLY F 353 17.46 -20.18 -18.83
CA GLY F 353 17.05 -19.93 -17.47
C GLY F 353 16.02 -18.83 -17.39
N VAL F 354 16.40 -17.65 -17.87
CA VAL F 354 15.49 -16.52 -17.89
C VAL F 354 14.23 -16.84 -18.68
N THR F 355 14.42 -17.37 -19.88
CA THR F 355 13.31 -17.61 -20.79
C THR F 355 12.20 -18.40 -20.11
N VAL F 356 12.57 -19.50 -19.46
CA VAL F 356 11.59 -20.31 -18.76
C VAL F 356 11.18 -19.64 -17.45
N SER F 357 12.12 -18.97 -16.79
CA SER F 357 11.79 -18.12 -15.66
C SER F 357 10.65 -17.19 -16.08
N TYR F 358 10.82 -16.57 -17.24
CA TYR F 358 9.83 -15.64 -17.76
C TYR F 358 8.47 -16.30 -17.96
N PHE F 359 8.46 -17.51 -18.51
CA PHE F 359 7.22 -18.26 -18.64
C PHE F 359 6.56 -18.41 -17.29
N GLU F 360 7.35 -18.86 -16.32
CA GLU F 360 6.90 -19.04 -14.95
C GLU F 360 6.22 -17.78 -14.44
N TRP F 361 6.81 -16.64 -14.78
CA TRP F 361 6.33 -15.35 -14.33
C TRP F 361 5.03 -14.96 -15.03
N VAL F 362 4.90 -15.33 -16.30
CA VAL F 362 3.66 -15.14 -17.03
C VAL F 362 2.56 -15.97 -16.36
N GLN F 363 2.87 -17.23 -16.11
CA GLN F 363 1.95 -18.14 -15.46
C GLN F 363 1.55 -17.64 -14.08
N ASN F 364 2.50 -17.00 -13.39
CA ASN F 364 2.21 -16.39 -12.10
C ASN F 364 1.28 -15.20 -12.28
N ASN F 365 1.56 -14.40 -13.30
CA ASN F 365 0.73 -13.25 -13.63
C ASN F 365 -0.71 -13.66 -13.90
N GLN F 366 -0.89 -14.80 -14.55
CA GLN F 366 -2.21 -15.22 -14.99
C GLN F 366 -2.92 -16.08 -13.96
N GLY F 367 -2.15 -16.86 -13.22
CA GLY F 367 -2.71 -17.84 -12.30
C GLY F 367 -3.14 -19.08 -13.04
N PHE F 368 -2.46 -19.37 -14.15
CA PHE F 368 -2.79 -20.52 -14.99
C PHE F 368 -1.49 -21.13 -15.51
N TYR F 369 -1.38 -22.45 -15.48
CA TYR F 369 -0.08 -23.07 -15.71
C TYR F 369 0.07 -23.94 -16.94
N TRP F 370 1.27 -23.90 -17.51
CA TRP F 370 1.59 -24.53 -18.78
C TRP F 370 2.05 -25.97 -18.59
N SER F 371 1.87 -26.78 -19.63
CA SER F 371 2.35 -28.16 -19.62
C SER F 371 3.82 -28.18 -19.98
N GLU F 372 4.50 -29.29 -19.69
CA GLU F 372 5.90 -29.43 -20.07
C GLU F 372 6.06 -29.19 -21.56
N GLU F 373 5.11 -29.72 -22.33
CA GLU F 373 5.15 -29.63 -23.78
C GLU F 373 5.06 -28.17 -24.24
N GLU F 374 4.22 -27.38 -23.59
CA GLU F 374 4.07 -25.97 -23.92
C GLU F 374 5.32 -25.16 -23.59
N VAL F 375 5.94 -25.45 -22.46
CA VAL F 375 7.19 -24.80 -22.07
C VAL F 375 8.31 -25.18 -23.03
N GLU F 376 8.44 -26.49 -23.27
CA GLU F 376 9.47 -27.00 -24.17
C GLU F 376 9.37 -26.35 -25.53
N GLU F 377 8.15 -26.22 -26.04
CA GLU F 377 7.93 -25.64 -27.35
C GLU F 377 8.25 -24.14 -27.41
N LYS F 378 7.66 -23.38 -26.50
CA LYS F 378 7.91 -21.94 -26.45
C LYS F 378 9.39 -21.65 -26.22
N LEU F 379 10.00 -22.40 -25.31
CA LEU F 379 11.43 -22.26 -25.04
C LEU F 379 12.24 -22.42 -26.32
N GLU F 380 12.05 -23.55 -27.01
CA GLU F 380 12.79 -23.85 -28.22
C GLU F 380 12.59 -22.76 -29.28
N LYS F 381 11.34 -22.36 -29.47
CA LYS F 381 11.01 -21.39 -30.52
C LYS F 381 11.75 -20.06 -30.36
N MET F 382 11.85 -19.59 -29.12
CA MET F 382 12.48 -18.30 -28.84
C MET F 382 14.02 -18.38 -28.96
N MET F 383 14.60 -19.43 -28.41
CA MET F 383 16.05 -19.62 -28.49
C MET F 383 16.52 -19.72 -29.94
N VAL F 384 15.95 -20.67 -30.67
CA VAL F 384 16.25 -20.85 -32.07
C VAL F 384 16.14 -19.52 -32.80
N LYS F 385 15.04 -18.83 -32.55
CA LYS F 385 14.79 -17.50 -33.14
C LYS F 385 15.90 -16.53 -32.76
N SER F 386 16.40 -16.65 -31.54
CA SER F 386 17.45 -15.76 -31.06
C SER F 386 18.81 -16.10 -31.64
N PHE F 387 19.13 -17.39 -31.72
CA PHE F 387 20.39 -17.82 -32.32
C PHE F 387 20.50 -17.33 -33.75
N ASN F 388 19.41 -17.47 -34.50
CA ASN F 388 19.39 -17.10 -35.92
C ASN F 388 19.53 -15.60 -36.15
N ASN F 389 18.85 -14.79 -35.33
CA ASN F 389 18.97 -13.34 -35.41
C ASN F 389 20.42 -12.89 -35.19
N ILE F 390 21.11 -13.57 -34.28
CA ILE F 390 22.49 -13.24 -33.94
C ILE F 390 23.45 -13.79 -35.00
N TYR F 391 23.25 -15.05 -35.36
CA TYR F 391 24.09 -15.71 -36.35
C TYR F 391 24.02 -15.00 -37.70
N GLU F 392 22.83 -14.54 -38.06
CA GLU F 392 22.63 -13.83 -39.32
C GLU F 392 23.21 -12.42 -39.28
N MET F 393 22.97 -11.69 -38.20
CA MET F 393 23.51 -10.33 -38.08
C MET F 393 25.02 -10.36 -37.92
N ALA F 394 25.54 -11.45 -37.36
CA ALA F 394 26.99 -11.60 -37.27
C ALA F 394 27.55 -11.81 -38.67
N ASN F 395 26.77 -12.48 -39.52
CA ASN F 395 27.13 -12.65 -40.92
C ASN F 395 27.15 -11.32 -41.64
N ASN F 396 25.97 -10.77 -41.85
CA ASN F 396 25.77 -9.54 -42.61
C ASN F 396 26.73 -8.41 -42.23
N ARG F 397 27.29 -8.46 -41.03
CA ARG F 397 28.10 -7.37 -40.51
C ARG F 397 29.61 -7.64 -40.47
N ARG F 398 30.01 -8.85 -40.85
CA ARG F 398 31.42 -9.24 -40.79
C ARG F 398 31.94 -9.11 -39.36
N ILE F 399 31.13 -9.54 -38.40
CA ILE F 399 31.51 -9.48 -37.00
C ILE F 399 31.21 -10.79 -36.26
N ASP F 400 31.80 -10.92 -35.07
CA ASP F 400 31.67 -12.14 -34.26
C ASP F 400 30.35 -12.22 -33.49
N MET F 401 30.07 -13.41 -32.96
CA MET F 401 28.83 -13.68 -32.23
C MET F 401 28.66 -12.75 -31.02
N ARG F 402 29.74 -12.58 -30.25
CA ARG F 402 29.76 -11.64 -29.14
C ARG F 402 29.12 -10.32 -29.54
N LEU F 403 29.85 -9.59 -30.38
CA LEU F 403 29.44 -8.26 -30.80
C LEU F 403 28.04 -8.27 -31.39
N ALA F 404 27.72 -9.31 -32.13
CA ALA F 404 26.40 -9.46 -32.74
C ALA F 404 25.31 -9.64 -31.69
N ALA F 405 25.51 -10.58 -30.78
CA ALA F 405 24.57 -10.84 -29.69
C ALA F 405 24.32 -9.58 -28.86
N TYR F 406 25.42 -8.91 -28.49
CA TYR F 406 25.36 -7.67 -27.72
C TYR F 406 24.52 -6.59 -28.42
N MET F 407 24.67 -6.53 -29.75
CA MET F 407 23.92 -5.58 -30.56
C MET F 407 22.42 -5.92 -30.55
N VAL F 408 22.11 -7.21 -30.56
CA VAL F 408 20.72 -7.66 -30.44
C VAL F 408 20.19 -7.39 -29.04
N GLY F 409 20.97 -7.75 -28.03
CA GLY F 409 20.54 -7.69 -26.65
C GLY F 409 20.52 -6.31 -26.01
N VAL F 410 21.02 -5.31 -26.72
CA VAL F 410 21.06 -3.96 -26.20
C VAL F 410 20.05 -3.04 -26.90
N ARG F 411 19.56 -3.52 -28.03
CA ARG F 411 18.64 -2.75 -28.88
C ARG F 411 17.46 -2.15 -28.12
N LYS F 412 16.67 -3.02 -27.49
CA LYS F 412 15.47 -2.62 -26.77
C LYS F 412 15.75 -1.66 -25.62
N MET F 413 16.74 -2.00 -24.80
CA MET F 413 17.09 -1.21 -23.63
C MET F 413 17.50 0.21 -24.02
N ALA F 414 18.26 0.32 -25.11
CA ALA F 414 18.67 1.62 -25.62
C ALA F 414 17.49 2.39 -26.18
N GLU F 415 16.61 1.69 -26.90
CA GLU F 415 15.43 2.32 -27.48
C GLU F 415 14.43 2.74 -26.41
N ALA F 416 14.20 1.87 -25.44
CA ALA F 416 13.25 2.14 -24.38
C ALA F 416 13.72 3.28 -23.47
N SER F 417 15.01 3.29 -23.15
CA SER F 417 15.58 4.35 -22.32
C SER F 417 15.43 5.71 -23.01
N ARG F 418 15.44 5.67 -24.35
CA ARG F 418 15.31 6.88 -25.16
C ARG F 418 13.86 7.35 -25.19
N PHE F 419 12.95 6.40 -25.42
CA PHE F 419 11.53 6.71 -25.46
C PHE F 419 11.07 7.34 -24.15
N ARG F 420 11.60 6.81 -23.05
CA ARG F 420 11.15 7.19 -21.72
C ARG F 420 11.84 8.44 -21.17
N GLY F 421 12.74 9.01 -21.96
CA GLY F 421 13.33 10.31 -21.64
C GLY F 421 14.56 10.30 -20.75
N TRP F 422 15.13 9.12 -20.52
CA TRP F 422 16.32 9.03 -19.67
C TRP F 422 17.56 9.47 -20.45
N ILE F 423 17.54 9.23 -21.75
CA ILE F 423 18.65 9.61 -22.62
C ILE F 423 18.15 10.00 -24.00
#